data_5NBQ
#
_entry.id   5NBQ
#
_cell.length_a   124.907
_cell.length_b   165.063
_cell.length_c   84.185
_cell.angle_alpha   90.000
_cell.angle_beta   90.000
_cell.angle_gamma   90.000
#
_symmetry.space_group_name_H-M   'P 21 21 2'
#
loop_
_entity.id
_entity.type
_entity.pdbx_description
1 polymer 'Complement C3'
2 polymer 'Complement factor H'
3 polymer 'Outer surface protein E'
4 polymer 'Outer surface protein E,Outer surface protein E'
5 water water
#
loop_
_entity_poly.entity_id
_entity_poly.type
_entity_poly.pdbx_seq_one_letter_code
_entity_poly.pdbx_strand_id
1 'polypeptide(L)'
;AVDAERLKHLIVTPSGAGEQNMIGMTPTVIAVHYLDETEQWEKFGLEKRQGALELIKKGYTQQLAFRQPSSAFAAFVKRA
PSTWLTAYVVKVFSLAVNLIAIDSQVLCGAVKWLILEKQKPDGVFQEDAPVIHQEMIGGLRNNNEKDMALTAFVLISLQE
AKDICEEQVNSLPGSITKAGDFLEANYMNLQRSYTVAIAGYALAQMGRLKGPLLNKFLTTAKDKNRWEDPGKQLYNVEAT
SYALLALLQLKDFDFVPPVVRWLNEQRYYGGGYGSTQATFMVFQALAQYQKDAP
;
A,B,C
2 'polypeptide(L)'
;DSTGKCGPPPPIDNGDITSFPLSVYAPASSVEYQCQNLYQLEGNKRITCRNGQWSEPPKCLHPCVISREIMENYNIALRW
TAKQKLYSRTGESVEFVCKRGYRLSSRSHTLRTTCWDGKLEYPTCAK
;
D,E,F
3 'polypeptide(L)'
;SKFTVKIKNKDKSGNWTDLGDLVVRKEENGIDTGLNAGGHSATFFSLEEEVVNNFVKVMTEGGSFKTSLYYGYKEEQSVI
NGIQNKEIITKIEKIDGTEYITFSGDKIKNSGDKVAEYAISLEELKKNL
;
G,I
4 'polypeptide(L)'
;SKFTVKIKNKDKSGNWTDLGDLVVRKEENGIDTGLNAGGHSATFFSLEEEVVNNFVKVMTEGGSFKTSLYYGYKEEQSVI
NGIQNKEIITKIEKIDGTEYITFSGDKIKNSGDKVAEYAISLEELKKNL(UNK)(UNK)(UNK)(UNK)(UNK)
;
H
#
# COMPACT_ATOMS: atom_id res chain seq x y z
N ASP A 3 34.93 -28.87 -10.87
CA ASP A 3 35.31 -28.38 -9.55
C ASP A 3 36.78 -27.89 -9.56
N ALA A 4 37.18 -27.11 -8.51
CA ALA A 4 38.48 -26.44 -8.26
C ALA A 4 38.82 -25.32 -9.24
N GLU A 5 38.90 -25.62 -10.56
CA GLU A 5 39.18 -24.64 -11.62
C GLU A 5 38.08 -23.56 -11.65
N ARG A 6 36.83 -23.99 -11.39
CA ARG A 6 35.60 -23.19 -11.32
C ARG A 6 35.59 -22.29 -10.10
N LEU A 7 36.03 -22.83 -8.95
CA LEU A 7 36.00 -22.21 -7.63
C LEU A 7 36.87 -20.99 -7.41
N LYS A 8 37.70 -20.60 -8.41
CA LYS A 8 38.60 -19.45 -8.34
C LYS A 8 37.93 -18.18 -7.79
N HIS A 9 36.61 -17.99 -8.11
CA HIS A 9 35.79 -16.84 -7.72
C HIS A 9 35.34 -16.88 -6.27
N LEU A 10 35.40 -18.08 -5.64
CA LEU A 10 35.01 -18.28 -4.24
C LEU A 10 36.04 -17.75 -3.26
N ILE A 11 37.28 -17.48 -3.72
CA ILE A 11 38.32 -16.90 -2.87
C ILE A 11 38.15 -15.38 -2.98
N VAL A 12 37.38 -14.82 -2.04
CA VAL A 12 37.06 -13.39 -2.00
C VAL A 12 37.56 -12.71 -0.73
N THR A 13 38.03 -11.46 -0.91
CA THR A 13 38.53 -10.58 0.16
C THR A 13 37.34 -10.07 1.00
N PRO A 14 37.20 -10.50 2.27
CA PRO A 14 36.06 -10.02 3.09
C PRO A 14 36.13 -8.53 3.36
N SER A 15 34.99 -7.84 3.23
CA SER A 15 34.88 -6.39 3.42
C SER A 15 33.47 -6.05 3.81
N GLY A 16 33.32 -4.93 4.52
CA GLY A 16 32.03 -4.43 4.96
C GLY A 16 31.80 -4.55 6.45
N ALA A 17 30.52 -4.37 6.87
CA ALA A 17 30.10 -4.44 8.28
C ALA A 17 29.84 -5.87 8.80
N GLY A 18 29.16 -5.97 9.95
CA GLY A 18 28.85 -7.23 10.64
C GLY A 18 28.28 -8.33 9.78
N GLU A 19 27.45 -7.95 8.80
CA GLU A 19 26.81 -8.85 7.84
C GLU A 19 27.62 -8.98 6.55
N GLN A 20 27.98 -7.86 5.91
CA GLN A 20 28.73 -7.84 4.66
C GLN A 20 30.11 -8.49 4.75
N ASN A 21 30.74 -8.48 5.95
CA ASN A 21 32.04 -9.13 6.14
C ASN A 21 31.84 -10.67 6.10
N MET A 22 30.69 -11.16 6.64
CA MET A 22 30.36 -12.58 6.69
C MET A 22 30.03 -13.15 5.32
N ILE A 23 29.24 -12.40 4.50
CA ILE A 23 28.84 -12.73 3.10
C ILE A 23 30.10 -12.97 2.27
N GLY A 24 31.12 -12.13 2.49
CA GLY A 24 32.42 -12.17 1.82
C GLY A 24 33.39 -13.16 2.43
N MET A 25 33.23 -13.48 3.72
CA MET A 25 34.09 -14.43 4.40
C MET A 25 33.73 -15.86 4.01
N THR A 26 32.42 -16.18 4.03
CA THR A 26 31.80 -17.46 3.70
C THR A 26 32.43 -18.22 2.50
N PRO A 27 32.48 -17.67 1.26
CA PRO A 27 33.01 -18.46 0.14
C PRO A 27 34.45 -18.90 0.30
N THR A 28 35.32 -17.99 0.79
CA THR A 28 36.74 -18.24 1.02
C THR A 28 36.93 -19.40 1.99
N VAL A 29 36.13 -19.42 3.08
CA VAL A 29 36.21 -20.44 4.14
C VAL A 29 35.75 -21.80 3.64
N ILE A 30 34.56 -21.88 3.01
CA ILE A 30 34.06 -23.16 2.49
C ILE A 30 34.87 -23.62 1.27
N ALA A 31 35.54 -22.68 0.56
CA ALA A 31 36.38 -23.00 -0.57
C ALA A 31 37.59 -23.76 -0.06
N VAL A 32 38.27 -23.20 0.96
CA VAL A 32 39.45 -23.82 1.58
C VAL A 32 39.06 -25.14 2.25
N HIS A 33 37.90 -25.18 2.94
CA HIS A 33 37.38 -26.38 3.58
C HIS A 33 37.10 -27.49 2.57
N TYR A 34 36.39 -27.21 1.45
CA TYR A 34 36.07 -28.21 0.41
C TYR A 34 37.32 -28.80 -0.24
N LEU A 35 38.22 -27.92 -0.77
CA LEU A 35 39.49 -28.30 -1.39
C LEU A 35 40.32 -29.19 -0.45
N ASP A 36 40.41 -28.82 0.85
CA ASP A 36 41.15 -29.56 1.87
C ASP A 36 40.69 -31.02 1.94
N GLU A 37 39.37 -31.26 2.10
CA GLU A 37 38.81 -32.62 2.18
C GLU A 37 38.86 -33.37 0.84
N THR A 38 38.56 -32.67 -0.26
CA THR A 38 38.56 -33.26 -1.62
C THR A 38 40.00 -33.47 -2.18
N GLU A 39 41.03 -33.01 -1.41
CA GLU A 39 42.46 -33.10 -1.76
C GLU A 39 42.70 -32.57 -3.18
N GLN A 40 41.86 -31.56 -3.58
CA GLN A 40 41.87 -30.91 -4.90
C GLN A 40 42.82 -29.68 -5.02
N TRP A 41 43.83 -29.65 -4.16
CA TRP A 41 44.86 -28.62 -4.20
C TRP A 41 45.86 -28.94 -5.33
N GLU A 42 45.74 -30.14 -5.94
CA GLU A 42 46.55 -30.57 -7.08
C GLU A 42 46.03 -29.82 -8.30
N LYS A 43 44.68 -29.86 -8.53
CA LYS A 43 43.95 -29.18 -9.62
C LYS A 43 43.85 -27.64 -9.37
N PHE A 44 44.40 -27.14 -8.23
CA PHE A 44 44.38 -25.72 -7.92
C PHE A 44 45.81 -25.10 -7.76
N GLY A 45 46.66 -25.66 -6.88
CA GLY A 45 48.00 -25.19 -6.55
C GLY A 45 48.26 -25.23 -5.05
N LEU A 46 49.36 -24.60 -4.58
CA LEU A 46 49.71 -24.56 -3.15
C LEU A 46 50.04 -23.15 -2.65
N GLU A 47 50.43 -22.25 -3.57
CA GLU A 47 50.79 -20.86 -3.30
C GLU A 47 49.62 -20.02 -2.82
N LYS A 48 48.39 -20.36 -3.25
CA LYS A 48 47.15 -19.68 -2.90
C LYS A 48 46.59 -20.07 -1.55
N ARG A 49 46.87 -21.30 -1.06
CA ARG A 49 46.40 -21.79 0.24
C ARG A 49 46.79 -20.82 1.34
N GLN A 50 48.07 -20.38 1.34
CA GLN A 50 48.56 -19.42 2.34
C GLN A 50 47.92 -18.06 2.17
N GLY A 51 47.62 -17.67 0.93
CA GLY A 51 46.97 -16.41 0.61
C GLY A 51 45.51 -16.40 1.02
N ALA A 52 44.81 -17.52 0.78
CA ALA A 52 43.40 -17.73 1.11
C ALA A 52 43.19 -17.80 2.64
N LEU A 53 44.16 -18.39 3.38
CA LEU A 53 44.16 -18.47 4.85
C LEU A 53 44.32 -17.08 5.44
N GLU A 54 44.98 -16.17 4.70
CA GLU A 54 45.19 -14.78 5.13
C GLU A 54 43.89 -14.00 5.06
N LEU A 55 43.05 -14.32 4.06
CA LEU A 55 41.73 -13.73 3.87
C LEU A 55 40.77 -14.20 4.95
N ILE A 56 40.92 -15.49 5.38
CA ILE A 56 40.11 -16.08 6.45
C ILE A 56 40.51 -15.41 7.77
N LYS A 57 41.84 -15.24 7.99
CA LYS A 57 42.35 -14.52 9.16
C LYS A 57 41.84 -13.08 9.12
N LYS A 58 41.89 -12.43 7.93
CA LYS A 58 41.42 -11.08 7.68
C LYS A 58 39.95 -10.94 8.02
N GLY A 59 39.16 -11.92 7.57
CA GLY A 59 37.71 -12.02 7.79
C GLY A 59 37.33 -12.16 9.25
N TYR A 60 38.01 -13.09 9.96
CA TYR A 60 37.83 -13.36 11.38
C TYR A 60 38.11 -12.11 12.20
N THR A 61 39.27 -11.49 11.96
CA THR A 61 39.72 -10.26 12.61
C THR A 61 38.71 -9.11 12.39
N GLN A 62 38.35 -8.86 11.11
CA GLN A 62 37.37 -7.82 10.72
C GLN A 62 36.03 -8.05 11.38
N GLN A 63 35.57 -9.33 11.46
CA GLN A 63 34.29 -9.71 12.07
C GLN A 63 34.29 -9.44 13.58
N LEU A 64 35.46 -9.54 14.22
CA LEU A 64 35.63 -9.32 15.66
C LEU A 64 35.28 -7.91 16.12
N ALA A 65 35.34 -6.94 15.21
CA ALA A 65 34.99 -5.55 15.44
C ALA A 65 33.47 -5.41 15.60
N PHE A 66 32.72 -6.48 15.25
CA PHE A 66 31.26 -6.52 15.29
C PHE A 66 30.74 -7.42 16.41
N ARG A 67 31.66 -8.11 17.11
CA ARG A 67 31.37 -8.89 18.31
C ARG A 67 30.96 -7.85 19.36
N GLN A 68 29.81 -8.03 19.99
CA GLN A 68 29.33 -7.07 20.98
C GLN A 68 29.69 -7.51 22.40
N PRO A 69 29.53 -6.65 23.46
CA PRO A 69 29.88 -7.08 24.83
C PRO A 69 29.15 -8.34 25.29
N SER A 70 27.98 -8.57 24.71
CA SER A 70 27.11 -9.71 24.91
C SER A 70 27.57 -10.92 24.08
N SER A 71 28.75 -10.86 23.45
CA SER A 71 29.38 -11.90 22.63
C SER A 71 28.58 -12.25 21.37
N ALA A 72 27.51 -11.47 21.13
CA ALA A 72 26.57 -11.54 20.03
C ALA A 72 27.01 -10.66 18.88
N PHE A 73 26.43 -10.88 17.69
CA PHE A 73 26.78 -10.16 16.48
C PHE A 73 25.58 -9.50 15.84
N ALA A 74 25.85 -8.35 15.25
CA ALA A 74 24.89 -7.52 14.53
C ALA A 74 25.66 -6.78 13.46
N ALA A 75 24.95 -6.26 12.43
CA ALA A 75 25.52 -5.47 11.31
C ALA A 75 26.46 -4.36 11.85
N PHE A 76 26.04 -3.65 12.92
CA PHE A 76 26.80 -2.58 13.54
C PHE A 76 26.79 -2.73 15.04
N VAL A 77 27.84 -2.22 15.74
CA VAL A 77 28.00 -2.27 17.21
C VAL A 77 26.81 -1.60 17.95
N LYS A 78 26.18 -0.60 17.34
CA LYS A 78 25.04 0.03 17.99
C LYS A 78 23.68 -0.64 17.63
N ARG A 79 23.68 -1.63 16.72
CA ARG A 79 22.45 -2.33 16.31
C ARG A 79 22.13 -3.50 17.23
N ALA A 80 20.82 -3.77 17.46
CA ALA A 80 20.33 -4.90 18.25
C ALA A 80 20.86 -6.21 17.65
N PRO A 81 21.35 -7.17 18.48
CA PRO A 81 21.98 -8.36 17.92
C PRO A 81 21.04 -9.34 17.24
N SER A 82 21.49 -9.82 16.06
CA SER A 82 20.76 -10.78 15.23
C SER A 82 20.98 -12.19 15.76
N THR A 83 19.88 -12.92 15.98
CA THR A 83 19.95 -14.30 16.44
C THR A 83 20.55 -15.13 15.33
N TRP A 84 20.12 -14.87 14.08
CA TRP A 84 20.55 -15.57 12.87
C TRP A 84 22.02 -15.40 12.63
N LEU A 85 22.48 -14.13 12.53
CA LEU A 85 23.88 -13.79 12.28
C LEU A 85 24.82 -14.38 13.37
N THR A 86 24.41 -14.33 14.66
CA THR A 86 25.22 -14.92 15.72
C THR A 86 25.35 -16.44 15.47
N ALA A 87 24.22 -17.11 15.15
CA ALA A 87 24.17 -18.54 14.82
C ALA A 87 25.04 -18.83 13.59
N TYR A 88 25.04 -17.92 12.60
CA TYR A 88 25.82 -18.07 11.39
C TYR A 88 27.32 -17.89 11.64
N VAL A 89 27.68 -16.90 12.47
CA VAL A 89 29.06 -16.62 12.87
C VAL A 89 29.59 -17.90 13.56
N VAL A 90 28.77 -18.52 14.45
CA VAL A 90 29.08 -19.80 15.09
C VAL A 90 29.25 -20.90 14.02
N LYS A 91 28.32 -21.01 13.04
CA LYS A 91 28.33 -21.98 11.94
C LYS A 91 29.64 -21.94 11.13
N VAL A 92 30.04 -20.74 10.68
CA VAL A 92 31.25 -20.51 9.90
C VAL A 92 32.49 -20.78 10.73
N PHE A 93 32.60 -20.10 11.90
CA PHE A 93 33.75 -20.20 12.80
C PHE A 93 34.01 -21.64 13.27
N SER A 94 32.94 -22.47 13.40
CA SER A 94 33.03 -23.89 13.76
C SER A 94 33.82 -24.67 12.71
N LEU A 95 33.64 -24.33 11.42
CA LEU A 95 34.37 -24.98 10.34
C LEU A 95 35.79 -24.43 10.23
N ALA A 96 35.92 -23.11 10.46
CA ALA A 96 37.20 -22.39 10.39
C ALA A 96 38.21 -22.72 11.50
N VAL A 97 37.75 -23.36 12.62
CA VAL A 97 38.65 -23.70 13.76
C VAL A 97 39.81 -24.63 13.36
N ASN A 98 39.59 -25.43 12.28
CA ASN A 98 40.55 -26.39 11.75
C ASN A 98 41.46 -25.75 10.70
N LEU A 99 40.98 -24.68 10.00
CA LEU A 99 41.74 -23.96 8.98
C LEU A 99 42.64 -22.87 9.58
N ILE A 100 42.08 -21.98 10.42
CA ILE A 100 42.82 -20.89 11.08
C ILE A 100 42.64 -20.94 12.61
N ALA A 101 43.27 -19.98 13.33
CA ALA A 101 43.20 -19.86 14.79
C ALA A 101 41.99 -19.02 15.23
N ILE A 102 40.93 -19.68 15.72
CA ILE A 102 39.67 -19.06 16.20
C ILE A 102 39.72 -19.06 17.75
N ASP A 103 39.52 -17.89 18.40
CA ASP A 103 39.47 -17.85 19.86
C ASP A 103 38.20 -18.56 20.29
N SER A 104 38.37 -19.69 21.00
CA SER A 104 37.29 -20.55 21.49
C SER A 104 36.24 -19.81 22.28
N GLN A 105 36.65 -18.80 23.08
CA GLN A 105 35.75 -17.96 23.88
C GLN A 105 34.86 -17.12 23.00
N VAL A 106 35.39 -16.64 21.84
CA VAL A 106 34.63 -15.86 20.86
C VAL A 106 33.47 -16.71 20.33
N LEU A 107 33.75 -17.99 20.08
CA LEU A 107 32.80 -18.97 19.57
C LEU A 107 31.81 -19.40 20.66
N CYS A 108 32.31 -19.88 21.82
CA CYS A 108 31.49 -20.37 22.93
C CYS A 108 30.71 -19.26 23.63
N GLY A 109 31.20 -18.02 23.52
CA GLY A 109 30.53 -16.86 24.07
C GLY A 109 29.26 -16.59 23.31
N ALA A 110 29.35 -16.69 21.96
CA ALA A 110 28.24 -16.53 21.02
C ALA A 110 27.24 -17.68 21.20
N VAL A 111 27.76 -18.91 21.44
CA VAL A 111 26.97 -20.13 21.70
C VAL A 111 26.11 -19.88 22.95
N LYS A 112 26.76 -19.54 24.08
CA LYS A 112 26.14 -19.29 25.39
C LYS A 112 25.07 -18.21 25.26
N TRP A 113 25.34 -17.17 24.45
CA TRP A 113 24.42 -16.06 24.22
C TRP A 113 23.13 -16.54 23.58
N LEU A 114 23.23 -17.39 22.54
CA LEU A 114 22.08 -17.99 21.85
C LEU A 114 21.22 -18.80 22.86
N ILE A 115 21.87 -19.52 23.81
CA ILE A 115 21.21 -20.34 24.83
C ILE A 115 20.52 -19.45 25.91
N LEU A 116 21.30 -18.62 26.61
CA LEU A 116 20.81 -17.80 27.71
C LEU A 116 19.90 -16.61 27.31
N GLU A 117 19.88 -16.22 26.02
CA GLU A 117 19.10 -15.05 25.57
C GLU A 117 18.05 -15.30 24.50
N LYS A 118 18.37 -16.12 23.49
CA LYS A 118 17.48 -16.27 22.35
C LYS A 118 16.75 -17.60 22.26
N GLN A 119 16.96 -18.54 23.18
CA GLN A 119 16.17 -19.77 23.16
C GLN A 119 14.96 -19.56 24.09
N LYS A 120 13.77 -19.95 23.59
CA LYS A 120 12.46 -19.88 24.23
C LYS A 120 12.22 -21.10 25.16
N PRO A 121 11.22 -21.08 26.08
CA PRO A 121 11.01 -22.23 26.98
C PRO A 121 10.67 -23.58 26.32
N ASP A 122 10.15 -23.57 25.08
CA ASP A 122 9.79 -24.80 24.38
C ASP A 122 10.87 -25.22 23.39
N GLY A 123 12.05 -24.63 23.53
CA GLY A 123 13.19 -24.93 22.67
C GLY A 123 13.33 -24.08 21.42
N VAL A 124 12.32 -23.25 21.11
CA VAL A 124 12.31 -22.39 19.91
C VAL A 124 13.44 -21.36 20.00
N PHE A 125 14.08 -21.03 18.86
CA PHE A 125 15.05 -19.95 18.80
C PHE A 125 14.35 -18.85 18.04
N GLN A 126 14.34 -17.62 18.63
CA GLN A 126 13.66 -16.44 18.12
C GLN A 126 14.60 -15.35 17.65
N GLU A 127 14.26 -14.73 16.51
CA GLU A 127 15.01 -13.62 15.94
C GLU A 127 14.32 -12.32 16.34
N ASP A 128 15.00 -11.49 17.13
CA ASP A 128 14.42 -10.25 17.59
C ASP A 128 14.95 -9.01 16.87
N ALA A 129 16.03 -9.17 16.09
CA ALA A 129 16.63 -8.09 15.31
C ALA A 129 17.01 -8.62 13.93
N PRO A 130 16.02 -8.85 13.03
CA PRO A 130 16.33 -9.41 11.70
C PRO A 130 17.47 -8.75 10.95
N VAL A 131 18.23 -9.59 10.21
CA VAL A 131 19.36 -9.13 9.38
C VAL A 131 18.91 -8.05 8.37
N ILE A 132 19.83 -7.17 7.99
CA ILE A 132 19.53 -6.14 6.99
C ILE A 132 19.55 -6.82 5.62
N HIS A 133 20.57 -7.65 5.38
CA HIS A 133 20.79 -8.38 4.12
C HIS A 133 20.12 -9.72 4.16
N GLN A 134 18.78 -9.71 3.95
CA GLN A 134 17.93 -10.91 3.94
C GLN A 134 18.33 -11.95 2.89
N GLU A 135 19.13 -11.58 1.89
CA GLU A 135 19.59 -12.49 0.84
C GLU A 135 20.51 -13.60 1.38
N MET A 136 21.32 -13.30 2.42
CA MET A 136 22.29 -14.24 2.98
C MET A 136 21.67 -15.36 3.84
N ILE A 137 20.41 -15.16 4.29
CA ILE A 137 19.74 -16.13 5.16
C ILE A 137 19.19 -17.34 4.36
N GLY A 138 19.10 -17.17 3.05
CA GLY A 138 18.67 -18.23 2.15
C GLY A 138 17.19 -18.50 2.22
N GLY A 139 16.86 -19.80 2.19
CA GLY A 139 15.50 -20.33 2.25
C GLY A 139 14.69 -19.99 3.48
N LEU A 140 15.35 -19.41 4.50
CA LEU A 140 14.74 -18.97 5.77
C LEU A 140 13.87 -17.73 5.60
N ARG A 141 13.99 -17.06 4.43
CA ARG A 141 13.25 -15.87 4.09
C ARG A 141 11.75 -16.11 4.12
N ASN A 142 11.32 -17.32 3.70
CA ASN A 142 9.92 -17.71 3.71
C ASN A 142 9.37 -17.72 5.15
N ASN A 143 8.34 -16.90 5.36
CA ASN A 143 7.64 -16.68 6.62
C ASN A 143 7.04 -17.96 7.19
N ASN A 144 6.46 -18.82 6.30
CA ASN A 144 5.81 -20.07 6.65
C ASN A 144 6.75 -20.97 7.39
N GLU A 145 6.32 -21.44 8.58
CA GLU A 145 7.10 -22.35 9.44
C GLU A 145 8.46 -21.77 9.79
N LYS A 146 8.48 -20.52 10.25
CA LYS A 146 9.72 -19.85 10.63
C LYS A 146 10.36 -20.45 11.90
N ASP A 147 9.53 -20.72 12.95
CA ASP A 147 9.98 -21.28 14.23
C ASP A 147 10.71 -22.58 14.00
N MET A 148 10.12 -23.48 13.19
CA MET A 148 10.70 -24.77 12.84
C MET A 148 12.03 -24.62 12.08
N ALA A 149 12.05 -23.79 11.01
CA ALA A 149 13.23 -23.55 10.21
C ALA A 149 14.37 -22.90 10.99
N LEU A 150 14.11 -21.80 11.72
CA LEU A 150 15.12 -21.11 12.51
C LEU A 150 15.66 -21.98 13.64
N THR A 151 14.77 -22.64 14.43
CA THR A 151 15.21 -23.54 15.50
C THR A 151 16.17 -24.58 14.94
N ALA A 152 15.87 -25.12 13.74
CA ALA A 152 16.74 -26.09 13.09
C ALA A 152 18.06 -25.46 12.69
N PHE A 153 18.03 -24.23 12.16
CA PHE A 153 19.25 -23.54 11.72
C PHE A 153 20.21 -23.33 12.89
N VAL A 154 19.69 -22.70 13.99
CA VAL A 154 20.44 -22.39 15.21
C VAL A 154 20.92 -23.67 15.86
N LEU A 155 20.05 -24.71 15.94
CA LEU A 155 20.39 -26.00 16.51
C LEU A 155 21.58 -26.61 15.77
N ILE A 156 21.61 -26.50 14.43
CA ILE A 156 22.71 -27.02 13.62
C ILE A 156 24.01 -26.35 14.04
N SER A 157 23.99 -25.02 14.23
CA SER A 157 25.14 -24.22 14.65
C SER A 157 25.67 -24.63 16.01
N LEU A 158 24.76 -24.97 16.95
CA LEU A 158 25.11 -25.44 18.29
C LEU A 158 25.76 -26.80 18.20
N GLN A 159 25.25 -27.66 17.35
CA GLN A 159 25.78 -28.99 17.19
C GLN A 159 27.15 -28.98 16.50
N GLU A 160 27.35 -28.10 15.49
CA GLU A 160 28.63 -27.98 14.78
C GLU A 160 29.69 -27.54 15.79
N ALA A 161 29.32 -26.60 16.70
CA ALA A 161 30.20 -26.07 17.74
C ALA A 161 30.35 -26.99 18.94
N LYS A 162 29.43 -27.96 19.14
CA LYS A 162 29.39 -28.87 20.30
C LYS A 162 30.74 -29.39 20.77
N ASP A 163 31.58 -29.95 19.89
CA ASP A 163 32.87 -30.52 20.30
C ASP A 163 33.79 -29.52 21.00
N ILE A 164 34.01 -28.34 20.40
CA ILE A 164 34.86 -27.28 20.93
C ILE A 164 34.28 -26.64 22.21
N CYS A 165 32.96 -26.52 22.31
CA CYS A 165 32.29 -25.83 23.40
C CYS A 165 31.64 -26.73 24.47
N GLU A 166 31.73 -28.04 24.32
CA GLU A 166 31.16 -28.96 25.31
C GLU A 166 31.71 -28.72 26.69
N GLU A 167 33.04 -28.49 26.78
CA GLU A 167 33.77 -28.27 28.03
C GLU A 167 33.46 -26.92 28.65
N GLN A 168 33.24 -25.87 27.83
CA GLN A 168 32.98 -24.50 28.28
C GLN A 168 31.52 -24.15 28.55
N VAL A 169 30.59 -24.77 27.82
CA VAL A 169 29.17 -24.47 27.96
C VAL A 169 28.45 -25.70 28.53
N ASN A 170 28.26 -25.75 29.88
CA ASN A 170 27.58 -26.85 30.58
C ASN A 170 26.11 -26.94 30.12
N SER A 171 25.49 -25.79 29.82
CA SER A 171 24.10 -25.69 29.38
C SER A 171 23.84 -26.19 27.98
N LEU A 172 24.91 -26.29 27.14
CA LEU A 172 24.85 -26.66 25.72
C LEU A 172 24.03 -27.93 25.43
N PRO A 173 24.28 -29.11 26.05
CA PRO A 173 23.46 -30.29 25.72
C PRO A 173 21.99 -30.17 26.09
N GLY A 174 21.72 -29.48 27.20
CA GLY A 174 20.36 -29.22 27.66
C GLY A 174 19.61 -28.37 26.65
N SER A 175 20.30 -27.39 26.05
CA SER A 175 19.76 -26.50 25.02
C SER A 175 19.49 -27.29 23.72
N ILE A 176 20.45 -28.12 23.29
CA ILE A 176 20.34 -28.96 22.10
C ILE A 176 19.12 -29.87 22.22
N THR A 177 18.90 -30.48 23.39
CA THR A 177 17.75 -31.35 23.67
C THR A 177 16.46 -30.54 23.56
N LYS A 178 16.34 -29.43 24.31
CA LYS A 178 15.14 -28.59 24.29
C LYS A 178 14.73 -28.20 22.88
N ALA A 179 15.71 -27.82 22.03
CA ALA A 179 15.45 -27.46 20.64
C ALA A 179 15.02 -28.72 19.88
N GLY A 180 15.71 -29.83 20.11
CA GLY A 180 15.42 -31.11 19.48
C GLY A 180 14.00 -31.55 19.73
N ASP A 181 13.52 -31.41 20.99
CA ASP A 181 12.17 -31.75 21.46
C ASP A 181 11.13 -30.99 20.65
N PHE A 182 11.40 -29.71 20.34
CA PHE A 182 10.50 -28.88 19.56
C PHE A 182 10.39 -29.37 18.12
N LEU A 183 11.55 -29.67 17.48
CA LEU A 183 11.61 -30.15 16.10
C LEU A 183 10.93 -31.49 15.99
N GLU A 184 11.23 -32.41 16.91
CA GLU A 184 10.66 -33.76 17.02
C GLU A 184 9.14 -33.72 17.20
N ALA A 185 8.62 -32.72 17.90
CA ALA A 185 7.20 -32.56 18.17
C ALA A 185 6.42 -32.09 16.94
N ASN A 186 6.86 -31.00 16.31
CA ASN A 186 6.15 -30.39 15.20
C ASN A 186 6.63 -30.79 13.79
N TYR A 187 7.46 -31.85 13.70
CA TYR A 187 8.02 -32.31 12.43
C TYR A 187 7.02 -32.94 11.49
N MET A 188 6.11 -33.80 12.00
CA MET A 188 5.17 -34.50 11.13
C MET A 188 4.15 -33.57 10.45
N ASN A 189 3.95 -32.35 10.98
CA ASN A 189 3.02 -31.39 10.40
C ASN A 189 3.67 -30.48 9.36
N LEU A 190 4.97 -30.67 9.10
CA LEU A 190 5.73 -29.86 8.13
C LEU A 190 5.23 -30.09 6.72
N GLN A 191 5.21 -29.01 5.94
CA GLN A 191 4.73 -29.02 4.57
C GLN A 191 5.79 -28.64 3.55
N ARG A 192 6.74 -27.77 3.95
CA ARG A 192 7.80 -27.34 3.05
C ARG A 192 8.98 -28.29 3.09
N SER A 193 9.48 -28.67 1.90
CA SER A 193 10.64 -29.55 1.69
C SER A 193 11.89 -28.96 2.32
N TYR A 194 12.01 -27.62 2.32
CA TYR A 194 13.13 -26.92 2.94
C TYR A 194 13.16 -27.20 4.43
N THR A 195 12.00 -27.11 5.11
CA THR A 195 11.87 -27.32 6.56
C THR A 195 12.16 -28.76 6.94
N VAL A 196 11.59 -29.73 6.16
CA VAL A 196 11.80 -31.17 6.38
C VAL A 196 13.31 -31.45 6.24
N ALA A 197 13.96 -30.84 5.24
CA ALA A 197 15.39 -31.03 5.00
C ALA A 197 16.26 -30.50 6.13
N ILE A 198 16.11 -29.20 6.49
CA ILE A 198 16.89 -28.53 7.54
C ILE A 198 16.66 -29.19 8.91
N ALA A 199 15.39 -29.40 9.34
CA ALA A 199 15.08 -30.04 10.63
C ALA A 199 15.42 -31.53 10.59
N GLY A 200 15.56 -32.07 9.37
CA GLY A 200 15.96 -33.46 9.16
C GLY A 200 17.39 -33.64 9.59
N TYR A 201 18.28 -32.73 9.13
CA TYR A 201 19.70 -32.72 9.49
C TYR A 201 19.91 -32.44 10.99
N ALA A 202 19.19 -31.46 11.55
CA ALA A 202 19.26 -31.11 12.95
C ALA A 202 18.89 -32.30 13.84
N LEU A 203 17.81 -33.04 13.49
CA LEU A 203 17.38 -34.22 14.24
C LEU A 203 18.31 -35.41 14.02
N ALA A 204 18.81 -35.60 12.79
CA ALA A 204 19.73 -36.68 12.45
C ALA A 204 21.01 -36.59 13.29
N GLN A 205 21.51 -35.36 13.51
CA GLN A 205 22.69 -35.07 14.33
C GLN A 205 22.52 -35.56 15.76
N MET A 206 21.27 -35.54 16.26
CA MET A 206 20.88 -35.97 17.61
C MET A 206 20.50 -37.46 17.63
N GLY A 207 20.37 -38.05 16.44
CA GLY A 207 19.95 -39.43 16.26
C GLY A 207 18.47 -39.58 16.58
N ARG A 208 17.71 -38.51 16.31
CA ARG A 208 16.27 -38.39 16.55
C ARG A 208 15.41 -38.44 15.28
N LEU A 209 16.07 -38.55 14.09
CA LEU A 209 15.34 -38.70 12.84
C LEU A 209 15.16 -40.20 12.63
N LYS A 210 14.10 -40.73 13.28
CA LYS A 210 13.75 -42.16 13.31
C LYS A 210 12.25 -42.38 13.07
N GLY A 211 11.91 -43.60 12.71
CA GLY A 211 10.55 -44.06 12.48
C GLY A 211 9.70 -43.26 11.50
N PRO A 212 8.58 -42.63 12.00
CA PRO A 212 7.68 -41.88 11.10
C PRO A 212 8.31 -40.59 10.58
N LEU A 213 9.15 -39.97 11.42
CA LEU A 213 9.87 -38.75 11.12
C LEU A 213 10.89 -39.06 10.01
N LEU A 214 11.60 -40.20 10.15
CA LEU A 214 12.58 -40.65 9.16
C LEU A 214 11.87 -40.95 7.85
N ASN A 215 10.69 -41.62 7.95
CA ASN A 215 9.86 -41.95 6.79
C ASN A 215 9.48 -40.67 6.04
N LYS A 216 8.96 -39.67 6.78
CA LYS A 216 8.56 -38.35 6.24
C LYS A 216 9.70 -37.72 5.47
N PHE A 217 10.87 -37.53 6.13
CA PHE A 217 12.08 -36.95 5.55
C PHE A 217 12.40 -37.56 4.16
N LEU A 218 12.43 -38.89 4.09
CA LEU A 218 12.74 -39.63 2.88
C LEU A 218 11.64 -39.58 1.82
N THR A 219 10.35 -39.66 2.23
CA THR A 219 9.21 -39.61 1.30
C THR A 219 8.90 -38.17 0.82
N THR A 220 9.68 -37.17 1.29
CA THR A 220 9.52 -35.79 0.87
C THR A 220 10.35 -35.54 -0.39
N ALA A 221 11.45 -36.29 -0.55
CA ALA A 221 12.36 -36.21 -1.69
C ALA A 221 11.66 -36.56 -3.00
N LYS A 222 11.71 -35.64 -3.97
CA LYS A 222 11.13 -35.84 -5.30
C LYS A 222 12.14 -36.64 -6.12
N ASP A 223 11.68 -37.77 -6.70
CA ASP A 223 12.49 -38.71 -7.50
C ASP A 223 13.69 -39.30 -6.71
N LYS A 224 13.56 -39.38 -5.36
CA LYS A 224 14.57 -39.91 -4.43
C LYS A 224 16.00 -39.29 -4.59
N ASN A 225 16.07 -38.03 -5.05
CA ASN A 225 17.35 -37.35 -5.25
C ASN A 225 17.37 -35.89 -4.79
N ARG A 226 16.21 -35.23 -4.75
CA ARG A 226 16.14 -33.81 -4.38
C ARG A 226 15.03 -33.45 -3.41
N TRP A 227 15.25 -32.40 -2.63
CA TRP A 227 14.28 -31.83 -1.72
C TRP A 227 14.03 -30.43 -2.27
N GLU A 228 12.86 -30.23 -2.88
CA GLU A 228 12.55 -28.95 -3.50
C GLU A 228 11.14 -28.48 -3.28
N ASP A 229 10.98 -27.14 -3.34
CA ASP A 229 9.73 -26.41 -3.20
C ASP A 229 9.64 -25.48 -4.41
N PRO A 230 8.43 -25.06 -4.86
CA PRO A 230 8.39 -24.11 -5.98
C PRO A 230 8.85 -22.71 -5.52
N GLY A 231 9.79 -22.13 -6.25
CA GLY A 231 10.40 -20.84 -5.90
C GLY A 231 11.83 -20.75 -6.37
N LYS A 232 12.72 -20.00 -5.65
CA LYS A 232 14.13 -19.84 -6.03
C LYS A 232 14.84 -21.20 -6.08
N GLN A 233 15.70 -21.45 -7.10
CA GLN A 233 16.42 -22.71 -7.21
C GLN A 233 17.54 -22.80 -6.15
N LEU A 234 18.09 -21.63 -5.75
CA LEU A 234 19.10 -21.49 -4.70
C LEU A 234 18.62 -22.17 -3.40
N TYR A 235 17.34 -21.95 -3.03
CA TYR A 235 16.70 -22.50 -1.84
C TYR A 235 16.65 -24.02 -1.91
N ASN A 236 16.38 -24.57 -3.11
CA ASN A 236 16.28 -26.02 -3.39
C ASN A 236 17.64 -26.72 -3.33
N VAL A 237 18.71 -25.99 -3.71
CA VAL A 237 20.10 -26.48 -3.65
C VAL A 237 20.53 -26.56 -2.19
N GLU A 238 20.24 -25.51 -1.42
CA GLU A 238 20.48 -25.38 0.01
C GLU A 238 19.73 -26.48 0.79
N ALA A 239 18.42 -26.73 0.43
CA ALA A 239 17.56 -27.76 1.05
C ALA A 239 18.10 -29.17 0.82
N THR A 240 18.43 -29.51 -0.41
CA THR A 240 18.98 -30.82 -0.74
C THR A 240 20.39 -31.01 -0.10
N SER A 241 21.13 -29.90 0.16
CA SER A 241 22.44 -29.98 0.82
C SER A 241 22.32 -30.37 2.29
N TYR A 242 21.31 -29.80 3.01
CA TYR A 242 21.01 -30.14 4.42
C TYR A 242 20.52 -31.59 4.46
N ALA A 243 19.66 -31.96 3.51
CA ALA A 243 19.11 -33.30 3.39
C ALA A 243 20.19 -34.33 3.10
N LEU A 244 21.20 -33.98 2.27
CA LEU A 244 22.33 -34.87 1.99
C LEU A 244 23.12 -35.07 3.28
N LEU A 245 23.44 -33.95 4.00
CA LEU A 245 24.15 -33.97 5.27
C LEU A 245 23.44 -34.85 6.31
N ALA A 246 22.09 -34.86 6.27
CA ALA A 246 21.26 -35.68 7.14
C ALA A 246 21.43 -37.15 6.78
N LEU A 247 21.37 -37.50 5.48
CA LEU A 247 21.53 -38.87 4.99
C LEU A 247 22.87 -39.45 5.40
N LEU A 248 23.94 -38.65 5.28
CA LEU A 248 25.31 -39.00 5.66
C LEU A 248 25.41 -39.29 7.17
N GLN A 249 24.62 -38.56 7.98
CA GLN A 249 24.54 -38.74 9.44
C GLN A 249 23.86 -40.09 9.75
N LEU A 250 22.77 -40.41 9.02
CA LEU A 250 22.00 -41.65 9.14
C LEU A 250 22.81 -42.82 8.61
N LYS A 251 23.80 -42.52 7.74
CA LYS A 251 24.71 -43.45 7.07
C LYS A 251 23.95 -44.31 6.03
N ASP A 252 22.88 -43.71 5.45
CA ASP A 252 22.04 -44.31 4.42
C ASP A 252 22.73 -44.14 3.05
N PHE A 253 23.80 -44.93 2.80
CA PHE A 253 24.56 -44.84 1.55
C PHE A 253 23.78 -45.39 0.34
N ASP A 254 22.60 -45.99 0.59
CA ASP A 254 21.77 -46.54 -0.48
C ASP A 254 20.86 -45.47 -1.11
N PHE A 255 20.65 -44.33 -0.40
CA PHE A 255 19.83 -43.20 -0.85
C PHE A 255 20.67 -42.04 -1.35
N VAL A 256 21.87 -41.87 -0.77
CA VAL A 256 22.86 -40.80 -1.01
C VAL A 256 23.32 -40.64 -2.50
N PRO A 257 23.76 -41.68 -3.26
CA PRO A 257 24.25 -41.41 -4.64
C PRO A 257 23.32 -40.61 -5.57
N PRO A 258 21.99 -40.89 -5.74
CA PRO A 258 21.17 -40.04 -6.62
C PRO A 258 21.13 -38.56 -6.22
N VAL A 259 21.16 -38.30 -4.89
CA VAL A 259 21.17 -36.98 -4.27
C VAL A 259 22.43 -36.23 -4.73
N VAL A 260 23.62 -36.86 -4.57
CA VAL A 260 24.91 -36.29 -4.95
C VAL A 260 24.92 -35.95 -6.44
N ARG A 261 24.44 -36.88 -7.30
CA ARG A 261 24.35 -36.68 -8.76
C ARG A 261 23.50 -35.46 -9.09
N TRP A 262 22.34 -35.32 -8.40
CA TRP A 262 21.44 -34.19 -8.60
C TRP A 262 22.12 -32.84 -8.33
N LEU A 263 22.92 -32.76 -7.25
CA LEU A 263 23.63 -31.53 -6.86
C LEU A 263 24.75 -31.18 -7.84
N ASN A 264 25.48 -32.21 -8.32
CA ASN A 264 26.54 -32.04 -9.31
C ASN A 264 25.93 -31.64 -10.66
N GLU A 265 24.71 -32.15 -10.95
CA GLU A 265 23.93 -31.85 -12.15
C GLU A 265 23.51 -30.38 -12.17
N GLN A 266 23.22 -29.81 -10.98
CA GLN A 266 22.80 -28.41 -10.80
C GLN A 266 23.86 -27.39 -11.23
N ARG A 267 25.11 -27.84 -11.39
CA ARG A 267 26.26 -27.01 -11.81
C ARG A 267 26.36 -25.74 -10.98
N TYR A 268 26.11 -25.88 -9.68
CA TYR A 268 26.19 -24.76 -8.76
C TYR A 268 27.59 -24.68 -8.15
N TYR A 269 28.31 -23.61 -8.50
CA TYR A 269 29.68 -23.39 -8.05
C TYR A 269 29.79 -22.17 -7.14
N GLY A 270 28.65 -21.79 -6.56
CA GLY A 270 28.52 -20.68 -5.62
C GLY A 270 28.82 -19.31 -6.19
N GLY A 271 28.85 -18.35 -5.29
CA GLY A 271 29.13 -16.95 -5.61
C GLY A 271 27.93 -16.25 -6.15
N GLY A 272 27.84 -14.98 -5.80
CA GLY A 272 26.76 -14.12 -6.25
C GLY A 272 25.91 -13.54 -5.14
N TYR A 273 24.90 -12.75 -5.51
CA TYR A 273 23.98 -12.14 -4.57
C TYR A 273 22.97 -13.19 -4.10
N GLY A 274 22.87 -13.35 -2.79
CA GLY A 274 21.97 -14.32 -2.16
C GLY A 274 22.50 -15.75 -2.12
N SER A 275 23.73 -15.92 -2.63
CA SER A 275 24.42 -17.21 -2.73
C SER A 275 24.91 -17.77 -1.41
N THR A 276 25.10 -16.90 -0.39
CA THR A 276 25.68 -17.19 0.94
C THR A 276 25.34 -18.58 1.49
N GLN A 277 24.05 -18.95 1.58
CA GLN A 277 23.70 -20.25 2.15
C GLN A 277 23.95 -21.39 1.22
N ALA A 278 23.47 -21.28 -0.04
CA ALA A 278 23.66 -22.33 -1.03
C ALA A 278 25.16 -22.65 -1.20
N THR A 279 26.02 -21.60 -1.33
CA THR A 279 27.49 -21.68 -1.45
C THR A 279 28.12 -22.46 -0.29
N PHE A 280 27.82 -22.07 0.96
CA PHE A 280 28.31 -22.73 2.16
C PHE A 280 27.78 -24.16 2.27
N MET A 281 26.47 -24.33 2.11
CA MET A 281 25.80 -25.63 2.27
C MET A 281 26.18 -26.68 1.24
N VAL A 282 26.25 -26.30 -0.04
CA VAL A 282 26.55 -27.27 -1.08
C VAL A 282 28.00 -27.77 -0.99
N PHE A 283 28.95 -26.93 -0.55
CA PHE A 283 30.32 -27.39 -0.42
C PHE A 283 30.55 -28.09 0.90
N GLN A 284 29.80 -27.74 1.97
CA GLN A 284 29.91 -28.42 3.26
C GLN A 284 29.44 -29.87 3.05
N ALA A 285 28.27 -30.05 2.40
CA ALA A 285 27.64 -31.33 2.08
C ALA A 285 28.47 -32.21 1.14
N LEU A 286 28.95 -31.64 0.02
CA LEU A 286 29.76 -32.37 -0.95
C LEU A 286 31.16 -32.72 -0.40
N ALA A 287 31.73 -31.89 0.51
CA ALA A 287 33.01 -32.18 1.17
C ALA A 287 32.80 -33.37 2.11
N GLN A 288 31.74 -33.29 2.95
CA GLN A 288 31.35 -34.33 3.91
C GLN A 288 31.06 -35.65 3.21
N TYR A 289 30.48 -35.60 2.00
CA TYR A 289 30.18 -36.79 1.23
C TYR A 289 31.47 -37.53 0.81
N GLN A 290 32.49 -36.81 0.31
CA GLN A 290 33.75 -37.44 -0.10
C GLN A 290 34.63 -37.88 1.08
N LYS A 291 34.39 -37.29 2.28
CA LYS A 291 35.06 -37.64 3.54
C LYS A 291 34.57 -39.04 3.96
N ASP A 292 33.31 -39.38 3.57
CA ASP A 292 32.62 -40.63 3.89
C ASP A 292 32.54 -41.56 2.69
N VAL B 2 -27.42 -12.43 -3.03
CA VAL B 2 -27.85 -11.37 -3.94
C VAL B 2 -28.87 -11.94 -4.94
N ASP B 3 -30.00 -11.23 -5.15
CA ASP B 3 -31.07 -11.59 -6.08
C ASP B 3 -30.58 -11.58 -7.53
N ALA B 4 -30.84 -12.67 -8.28
CA ALA B 4 -30.45 -12.82 -9.69
C ALA B 4 -31.17 -11.79 -10.60
N GLU B 5 -32.47 -11.50 -10.32
CA GLU B 5 -33.32 -10.59 -11.10
C GLU B 5 -32.90 -9.10 -10.98
N ARG B 6 -31.93 -8.78 -10.10
CA ARG B 6 -31.34 -7.46 -9.90
C ARG B 6 -30.01 -7.38 -10.69
N LEU B 7 -29.66 -8.47 -11.42
CA LEU B 7 -28.42 -8.60 -12.19
C LEU B 7 -28.62 -8.77 -13.71
N LYS B 8 -29.85 -8.54 -14.22
CA LYS B 8 -30.19 -8.63 -15.66
C LYS B 8 -29.33 -7.71 -16.55
N HIS B 9 -28.91 -6.54 -16.02
CA HIS B 9 -28.09 -5.52 -16.69
C HIS B 9 -26.62 -5.91 -16.80
N LEU B 10 -26.19 -6.89 -15.99
CA LEU B 10 -24.81 -7.39 -15.97
C LEU B 10 -24.46 -8.28 -17.18
N ILE B 11 -25.49 -8.74 -17.91
CA ILE B 11 -25.27 -9.51 -19.14
C ILE B 11 -25.18 -8.48 -20.28
N VAL B 12 -23.94 -8.06 -20.58
CA VAL B 12 -23.66 -7.04 -21.59
C VAL B 12 -22.80 -7.56 -22.76
N THR B 13 -23.13 -7.09 -23.98
CA THR B 13 -22.43 -7.42 -25.21
C THR B 13 -21.09 -6.68 -25.27
N PRO B 14 -19.94 -7.37 -25.16
CA PRO B 14 -18.65 -6.66 -25.20
C PRO B 14 -18.39 -6.03 -26.57
N SER B 15 -17.89 -4.78 -26.55
CA SER B 15 -17.57 -4.01 -27.75
C SER B 15 -16.46 -3.05 -27.45
N GLY B 16 -15.68 -2.73 -28.47
CA GLY B 16 -14.58 -1.79 -28.34
C GLY B 16 -13.20 -2.38 -28.45
N ALA B 17 -12.19 -1.59 -28.09
CA ALA B 17 -10.78 -1.95 -28.17
C ALA B 17 -10.28 -2.76 -26.96
N GLY B 18 -8.96 -2.82 -26.79
CA GLY B 18 -8.27 -3.55 -25.73
C GLY B 18 -8.71 -3.27 -24.32
N GLU B 19 -9.19 -2.04 -24.05
CA GLU B 19 -9.66 -1.69 -22.71
C GLU B 19 -11.17 -1.76 -22.62
N GLN B 20 -11.88 -1.04 -23.51
CA GLN B 20 -13.35 -1.01 -23.50
C GLN B 20 -14.01 -2.38 -23.66
N ASN B 21 -13.38 -3.34 -24.39
CA ASN B 21 -13.94 -4.69 -24.57
C ASN B 21 -14.02 -5.38 -23.24
N MET B 22 -12.95 -5.23 -22.44
CA MET B 22 -12.77 -5.77 -21.10
C MET B 22 -13.74 -5.16 -20.12
N ILE B 23 -14.09 -3.87 -20.32
CA ILE B 23 -15.06 -3.19 -19.47
C ILE B 23 -16.44 -3.90 -19.66
N GLY B 24 -16.79 -4.19 -20.93
CA GLY B 24 -18.01 -4.88 -21.34
C GLY B 24 -18.00 -6.37 -21.07
N MET B 25 -16.82 -6.99 -21.03
CA MET B 25 -16.69 -8.43 -20.79
C MET B 25 -16.80 -8.79 -19.29
N THR B 26 -16.32 -7.87 -18.42
CA THR B 26 -16.31 -8.03 -16.97
C THR B 26 -17.68 -8.37 -16.36
N PRO B 27 -18.80 -7.63 -16.62
CA PRO B 27 -20.06 -7.96 -15.93
C PRO B 27 -20.58 -9.35 -16.26
N THR B 28 -20.56 -9.73 -17.55
CA THR B 28 -21.03 -11.03 -18.06
C THR B 28 -20.21 -12.20 -17.49
N VAL B 29 -18.89 -12.03 -17.35
CA VAL B 29 -17.98 -13.05 -16.80
C VAL B 29 -18.34 -13.29 -15.35
N ILE B 30 -18.48 -12.21 -14.58
CA ILE B 30 -18.77 -12.33 -13.16
C ILE B 30 -20.24 -12.69 -12.88
N ALA B 31 -21.19 -12.26 -13.75
CA ALA B 31 -22.61 -12.60 -13.56
C ALA B 31 -22.73 -14.12 -13.64
N VAL B 32 -22.30 -14.71 -14.77
CA VAL B 32 -22.31 -16.16 -14.99
C VAL B 32 -21.59 -16.90 -13.86
N HIS B 33 -20.37 -16.47 -13.48
CA HIS B 33 -19.59 -17.09 -12.40
C HIS B 33 -20.35 -17.14 -11.08
N TYR B 34 -20.98 -16.01 -10.70
CA TYR B 34 -21.74 -15.88 -9.47
C TYR B 34 -22.95 -16.83 -9.48
N LEU B 35 -23.81 -16.69 -10.50
CA LEU B 35 -25.01 -17.48 -10.67
C LEU B 35 -24.73 -18.97 -10.73
N ASP B 36 -23.56 -19.37 -11.25
CA ASP B 36 -23.12 -20.76 -11.30
C ASP B 36 -22.96 -21.30 -9.88
N GLU B 37 -22.16 -20.61 -9.02
CA GLU B 37 -21.92 -21.03 -7.63
C GLU B 37 -23.15 -20.90 -6.74
N THR B 38 -23.90 -19.81 -6.88
CA THR B 38 -25.10 -19.51 -6.09
C THR B 38 -26.33 -20.36 -6.53
N GLU B 39 -26.19 -21.12 -7.64
CA GLU B 39 -27.22 -22.01 -8.23
C GLU B 39 -28.55 -21.29 -8.48
N GLN B 40 -28.50 -19.97 -8.76
CA GLN B 40 -29.67 -19.12 -9.00
C GLN B 40 -30.20 -19.12 -10.46
N TRP B 41 -29.78 -20.14 -11.26
CA TRP B 41 -30.20 -20.28 -12.65
C TRP B 41 -31.67 -20.70 -12.77
N GLU B 42 -32.25 -21.21 -11.68
CA GLU B 42 -33.66 -21.59 -11.64
C GLU B 42 -34.49 -20.30 -11.57
N LYS B 43 -34.13 -19.39 -10.62
CA LYS B 43 -34.76 -18.08 -10.34
C LYS B 43 -34.53 -17.06 -11.48
N PHE B 44 -33.48 -17.27 -12.30
CA PHE B 44 -33.11 -16.37 -13.38
C PHE B 44 -33.56 -16.83 -14.77
N GLY B 45 -33.46 -18.13 -15.04
CA GLY B 45 -33.83 -18.74 -16.31
C GLY B 45 -32.60 -19.25 -17.05
N LEU B 46 -32.50 -20.59 -17.23
CA LEU B 46 -31.36 -21.25 -17.89
C LEU B 46 -31.11 -20.81 -19.34
N GLU B 47 -32.17 -20.45 -20.09
CA GLU B 47 -32.09 -19.98 -21.48
C GLU B 47 -31.15 -18.75 -21.63
N LYS B 48 -31.10 -17.92 -20.57
CA LYS B 48 -30.26 -16.74 -20.46
C LYS B 48 -28.76 -17.09 -20.42
N ARG B 49 -28.38 -18.23 -19.79
CA ARG B 49 -27.00 -18.68 -19.66
C ARG B 49 -26.28 -18.97 -21.00
N GLN B 50 -26.83 -19.85 -21.86
CA GLN B 50 -26.20 -20.19 -23.14
C GLN B 50 -25.91 -18.95 -24.01
N GLY B 51 -26.78 -17.96 -23.90
CA GLY B 51 -26.63 -16.68 -24.59
C GLY B 51 -25.50 -15.86 -24.00
N ALA B 52 -25.39 -15.86 -22.64
CA ALA B 52 -24.36 -15.15 -21.88
C ALA B 52 -22.98 -15.75 -22.12
N LEU B 53 -22.88 -17.09 -22.27
CA LEU B 53 -21.62 -17.80 -22.56
C LEU B 53 -21.14 -17.42 -23.96
N GLU B 54 -22.07 -17.05 -24.85
CA GLU B 54 -21.75 -16.64 -26.21
C GLU B 54 -21.09 -15.28 -26.22
N LEU B 55 -21.54 -14.40 -25.32
CA LEU B 55 -21.00 -13.06 -25.13
C LEU B 55 -19.59 -13.13 -24.51
N ILE B 56 -19.36 -14.13 -23.62
CA ILE B 56 -18.06 -14.35 -22.99
C ILE B 56 -17.11 -14.87 -24.06
N LYS B 57 -17.57 -15.81 -24.92
CA LYS B 57 -16.79 -16.30 -26.06
C LYS B 57 -16.50 -15.13 -26.98
N LYS B 58 -17.51 -14.27 -27.26
CA LYS B 58 -17.40 -13.07 -28.10
C LYS B 58 -16.37 -12.12 -27.53
N GLY B 59 -16.40 -11.88 -26.23
CA GLY B 59 -15.49 -11.01 -25.49
C GLY B 59 -14.06 -11.48 -25.53
N TYR B 60 -13.83 -12.80 -25.28
CA TYR B 60 -12.52 -13.44 -25.32
C TYR B 60 -11.91 -13.29 -26.70
N THR B 61 -12.68 -13.67 -27.74
CA THR B 61 -12.29 -13.59 -29.15
C THR B 61 -11.89 -12.14 -29.52
N GLN B 62 -12.79 -11.17 -29.23
CA GLN B 62 -12.58 -9.75 -29.50
C GLN B 62 -11.34 -9.23 -28.79
N GLN B 63 -11.07 -9.76 -27.58
CA GLN B 63 -9.91 -9.38 -26.76
C GLN B 63 -8.61 -9.86 -27.36
N LEU B 64 -8.63 -11.02 -28.01
CA LEU B 64 -7.45 -11.60 -28.65
C LEU B 64 -6.81 -10.67 -29.69
N ALA B 65 -7.63 -9.79 -30.32
CA ALA B 65 -7.21 -8.82 -31.35
C ALA B 65 -6.15 -7.84 -30.85
N PHE B 66 -6.10 -7.66 -29.51
CA PHE B 66 -5.19 -6.74 -28.81
C PHE B 66 -4.02 -7.41 -28.13
N ARG B 67 -3.92 -8.76 -28.27
CA ARG B 67 -2.79 -9.53 -27.79
C ARG B 67 -1.64 -9.16 -28.72
N GLN B 68 -0.67 -8.46 -28.19
CA GLN B 68 0.47 -8.00 -28.95
C GLN B 68 1.43 -9.17 -29.11
N PRO B 69 2.42 -9.14 -30.06
CA PRO B 69 3.33 -10.29 -30.19
C PRO B 69 4.06 -10.65 -28.90
N SER B 70 4.18 -9.67 -27.97
CA SER B 70 4.78 -9.78 -26.63
C SER B 70 3.96 -10.63 -25.69
N SER B 71 2.71 -10.93 -26.07
CA SER B 71 1.65 -11.66 -25.33
C SER B 71 0.97 -10.75 -24.31
N ALA B 72 1.34 -9.46 -24.35
CA ALA B 72 0.86 -8.38 -23.50
C ALA B 72 -0.33 -7.69 -24.15
N PHE B 73 -1.09 -6.94 -23.35
CA PHE B 73 -2.26 -6.22 -23.81
C PHE B 73 -2.16 -4.72 -23.65
N ALA B 74 -2.63 -4.01 -24.64
CA ALA B 74 -2.66 -2.56 -24.64
C ALA B 74 -3.99 -2.20 -25.23
N ALA B 75 -4.44 -0.93 -25.01
CA ALA B 75 -5.71 -0.42 -25.55
C ALA B 75 -5.84 -0.69 -27.05
N PHE B 76 -4.76 -0.51 -27.81
CA PHE B 76 -4.70 -0.81 -29.24
C PHE B 76 -3.28 -1.26 -29.57
N VAL B 77 -3.16 -2.11 -30.57
CA VAL B 77 -1.98 -2.90 -30.99
C VAL B 77 -0.65 -2.12 -31.12
N LYS B 78 -0.69 -0.84 -31.53
CA LYS B 78 0.52 -0.03 -31.71
C LYS B 78 0.89 0.81 -30.48
N ARG B 79 0.13 0.66 -29.37
CA ARG B 79 0.33 1.34 -28.09
C ARG B 79 1.22 0.49 -27.16
N ALA B 80 2.06 1.15 -26.33
CA ALA B 80 2.92 0.49 -25.34
C ALA B 80 2.06 -0.35 -24.38
N PRO B 81 2.46 -1.60 -24.06
CA PRO B 81 1.59 -2.46 -23.26
C PRO B 81 1.43 -2.06 -21.81
N SER B 82 0.18 -2.10 -21.33
CA SER B 82 -0.18 -1.76 -19.97
C SER B 82 0.06 -2.95 -19.09
N THR B 83 0.72 -2.72 -17.95
CA THR B 83 1.04 -3.75 -16.97
C THR B 83 -0.26 -4.10 -16.29
N TRP B 84 -1.07 -3.08 -15.93
CA TRP B 84 -2.34 -3.29 -15.23
C TRP B 84 -3.36 -4.07 -16.08
N LEU B 85 -3.56 -3.65 -17.33
CA LEU B 85 -4.49 -4.32 -18.24
C LEU B 85 -4.08 -5.77 -18.47
N THR B 86 -2.78 -6.07 -18.73
CA THR B 86 -2.30 -7.45 -18.91
C THR B 86 -2.64 -8.27 -17.66
N ALA B 87 -2.40 -7.72 -16.46
CA ALA B 87 -2.73 -8.36 -15.21
C ALA B 87 -4.25 -8.57 -15.08
N TYR B 88 -5.05 -7.60 -15.57
CA TYR B 88 -6.51 -7.73 -15.53
C TYR B 88 -7.04 -8.79 -16.49
N VAL B 89 -6.43 -8.87 -17.70
CA VAL B 89 -6.79 -9.84 -18.73
C VAL B 89 -6.54 -11.20 -18.11
N VAL B 90 -5.40 -11.36 -17.43
CA VAL B 90 -5.05 -12.60 -16.70
C VAL B 90 -6.09 -12.87 -15.61
N LYS B 91 -6.46 -11.85 -14.80
CA LYS B 91 -7.44 -11.93 -13.70
C LYS B 91 -8.81 -12.46 -14.16
N VAL B 92 -9.35 -11.86 -15.24
CA VAL B 92 -10.66 -12.20 -15.81
C VAL B 92 -10.58 -13.59 -16.42
N PHE B 93 -9.62 -13.82 -17.36
CA PHE B 93 -9.43 -15.07 -18.06
C PHE B 93 -9.23 -16.27 -17.12
N SER B 94 -8.61 -16.06 -15.96
CA SER B 94 -8.40 -17.07 -14.93
C SER B 94 -9.74 -17.56 -14.36
N LEU B 95 -10.74 -16.66 -14.22
CA LEU B 95 -12.08 -17.06 -13.76
C LEU B 95 -12.87 -17.70 -14.90
N ALA B 96 -12.70 -17.15 -16.11
CA ALA B 96 -13.39 -17.60 -17.30
C ALA B 96 -12.96 -19.00 -17.80
N VAL B 97 -11.82 -19.55 -17.32
CA VAL B 97 -11.32 -20.87 -17.77
C VAL B 97 -12.31 -22.01 -17.48
N ASN B 98 -13.15 -21.81 -16.43
CA ASN B 98 -14.16 -22.78 -15.99
C ASN B 98 -15.49 -22.57 -16.72
N LEU B 99 -15.78 -21.34 -17.20
CA LEU B 99 -17.02 -21.00 -17.92
C LEU B 99 -16.91 -21.30 -19.43
N ILE B 100 -15.85 -20.78 -20.09
CA ILE B 100 -15.61 -20.98 -21.52
C ILE B 100 -14.21 -21.55 -21.77
N ALA B 101 -13.85 -21.78 -23.07
CA ALA B 101 -12.55 -22.31 -23.48
C ALA B 101 -11.53 -21.19 -23.69
N ILE B 102 -10.57 -21.05 -22.74
CA ILE B 102 -9.49 -20.04 -22.78
C ILE B 102 -8.17 -20.71 -23.19
N ASP B 103 -7.49 -20.22 -24.25
CA ASP B 103 -6.23 -20.81 -24.69
C ASP B 103 -5.20 -20.52 -23.63
N SER B 104 -4.69 -21.59 -23.00
CA SER B 104 -3.69 -21.55 -21.95
C SER B 104 -2.48 -20.73 -22.27
N GLN B 105 -2.00 -20.79 -23.52
CA GLN B 105 -0.84 -20.03 -24.01
C GLN B 105 -1.11 -18.55 -24.00
N VAL B 106 -2.36 -18.15 -24.31
CA VAL B 106 -2.78 -16.74 -24.31
C VAL B 106 -2.64 -16.20 -22.89
N LEU B 107 -3.02 -17.03 -21.89
CA LEU B 107 -3.01 -16.71 -20.48
C LEU B 107 -1.58 -16.73 -19.93
N CYS B 108 -0.86 -17.85 -20.11
CA CYS B 108 0.52 -18.04 -19.61
C CYS B 108 1.55 -17.18 -20.33
N GLY B 109 1.23 -16.77 -21.54
CA GLY B 109 2.11 -15.88 -22.29
C GLY B 109 2.12 -14.52 -21.64
N ALA B 110 0.92 -14.06 -21.21
CA ALA B 110 0.70 -12.80 -20.54
C ALA B 110 1.35 -12.85 -19.16
N VAL B 111 1.28 -14.03 -18.48
CA VAL B 111 1.86 -14.27 -17.15
C VAL B 111 3.40 -14.15 -17.23
N LYS B 112 4.01 -14.87 -18.19
CA LYS B 112 5.45 -14.85 -18.45
C LYS B 112 5.92 -13.44 -18.74
N TRP B 113 5.14 -12.67 -19.52
CA TRP B 113 5.45 -11.29 -19.87
C TRP B 113 5.52 -10.41 -18.66
N LEU B 114 4.56 -10.53 -17.76
CA LEU B 114 4.52 -9.76 -16.54
C LEU B 114 5.75 -10.05 -15.72
N ILE B 115 6.16 -11.34 -15.66
CA ILE B 115 7.35 -11.77 -14.92
C ILE B 115 8.65 -11.21 -15.55
N LEU B 116 8.96 -11.61 -16.79
CA LEU B 116 10.18 -11.23 -17.47
C LEU B 116 10.34 -9.72 -17.84
N GLU B 117 9.24 -8.94 -17.86
CA GLU B 117 9.30 -7.54 -18.33
C GLU B 117 8.90 -6.46 -17.33
N LYS B 118 7.88 -6.69 -16.51
CA LYS B 118 7.37 -5.62 -15.67
C LYS B 118 7.54 -5.84 -14.15
N GLN B 119 8.32 -6.85 -13.75
CA GLN B 119 8.61 -7.02 -12.33
C GLN B 119 10.00 -6.48 -12.10
N LYS B 120 10.16 -5.73 -11.02
CA LYS B 120 11.39 -5.08 -10.54
C LYS B 120 12.25 -6.02 -9.67
N PRO B 121 13.54 -5.69 -9.37
CA PRO B 121 14.38 -6.63 -8.58
C PRO B 121 13.92 -6.92 -7.16
N ASP B 122 13.09 -6.02 -6.56
CA ASP B 122 12.60 -6.19 -5.19
C ASP B 122 11.17 -6.77 -5.18
N GLY B 123 10.73 -7.28 -6.33
CA GLY B 123 9.43 -7.91 -6.48
C GLY B 123 8.31 -6.99 -6.91
N VAL B 124 8.58 -5.66 -6.96
CA VAL B 124 7.60 -4.62 -7.36
C VAL B 124 7.15 -4.81 -8.80
N PHE B 125 5.86 -4.51 -9.07
CA PHE B 125 5.30 -4.47 -10.41
C PHE B 125 5.15 -3.04 -10.80
N GLN B 126 5.66 -2.69 -11.98
CA GLN B 126 5.64 -1.32 -12.48
C GLN B 126 4.80 -1.16 -13.73
N GLU B 127 3.99 -0.07 -13.76
CA GLU B 127 3.17 0.28 -14.91
C GLU B 127 3.91 1.33 -15.72
N ASP B 128 4.27 0.99 -16.95
CA ASP B 128 5.01 1.91 -17.80
C ASP B 128 4.17 2.57 -18.89
N ALA B 129 2.95 2.06 -19.08
CA ALA B 129 2.03 2.57 -20.09
C ALA B 129 0.61 2.58 -19.49
N PRO B 130 0.32 3.55 -18.57
CA PRO B 130 -1.01 3.59 -17.93
C PRO B 130 -2.22 3.45 -18.86
N VAL B 131 -3.28 2.79 -18.35
CA VAL B 131 -4.57 2.56 -19.03
C VAL B 131 -5.13 3.92 -19.48
N ILE B 132 -5.87 3.96 -20.60
CA ILE B 132 -6.47 5.22 -21.04
C ILE B 132 -7.71 5.51 -20.15
N HIS B 133 -8.54 4.48 -19.93
CA HIS B 133 -9.77 4.54 -19.14
C HIS B 133 -9.49 4.19 -17.71
N GLN B 134 -8.98 5.19 -16.99
CA GLN B 134 -8.60 5.09 -15.58
C GLN B 134 -9.77 4.69 -14.65
N GLU B 135 -11.02 4.83 -15.10
CA GLU B 135 -12.18 4.46 -14.31
C GLU B 135 -12.24 2.95 -14.04
N MET B 136 -11.62 2.14 -14.94
CA MET B 136 -11.61 0.67 -14.89
C MET B 136 -10.59 0.06 -13.93
N ILE B 137 -9.60 0.86 -13.48
CA ILE B 137 -8.51 0.49 -12.55
C ILE B 137 -8.99 0.31 -11.08
N GLY B 138 -10.15 0.88 -10.78
CA GLY B 138 -10.74 0.81 -9.44
C GLY B 138 -10.06 1.80 -8.51
N GLY B 139 -9.82 1.37 -7.28
CA GLY B 139 -9.16 2.14 -6.23
C GLY B 139 -7.66 2.32 -6.42
N LEU B 140 -7.10 1.70 -7.48
CA LEU B 140 -5.68 1.79 -7.85
C LEU B 140 -5.32 3.17 -8.40
N ARG B 141 -6.35 4.00 -8.68
CA ARG B 141 -6.20 5.35 -9.21
C ARG B 141 -5.36 6.23 -8.31
N ASN B 142 -5.55 6.06 -7.00
CA ASN B 142 -4.79 6.77 -5.98
C ASN B 142 -3.27 6.46 -6.09
N ASN B 143 -2.46 7.52 -6.26
CA ASN B 143 -0.99 7.51 -6.38
C ASN B 143 -0.32 7.00 -5.11
N ASN B 144 -0.88 7.34 -3.93
CA ASN B 144 -0.41 6.92 -2.61
C ASN B 144 -0.35 5.40 -2.53
N GLU B 145 0.82 4.84 -2.15
CA GLU B 145 1.08 3.41 -1.99
C GLU B 145 0.87 2.61 -3.29
N LYS B 146 1.22 3.20 -4.46
CA LYS B 146 1.04 2.56 -5.77
C LYS B 146 1.80 1.27 -5.92
N ASP B 147 3.09 1.25 -5.53
CA ASP B 147 3.95 0.05 -5.61
C ASP B 147 3.30 -1.11 -4.89
N MET B 148 2.83 -0.86 -3.66
CA MET B 148 2.19 -1.85 -2.82
C MET B 148 0.88 -2.33 -3.46
N ALA B 149 0.00 -1.41 -3.84
CA ALA B 149 -1.30 -1.72 -4.43
C ALA B 149 -1.17 -2.50 -5.71
N LEU B 150 -0.35 -2.01 -6.68
CA LEU B 150 -0.15 -2.67 -7.96
C LEU B 150 0.50 -4.03 -7.81
N THR B 151 1.60 -4.14 -7.02
CA THR B 151 2.26 -5.44 -6.76
C THR B 151 1.23 -6.44 -6.26
N ALA B 152 0.32 -6.01 -5.37
CA ALA B 152 -0.73 -6.87 -4.84
C ALA B 152 -1.74 -7.26 -5.95
N PHE B 153 -2.14 -6.31 -6.83
CA PHE B 153 -3.10 -6.58 -7.94
C PHE B 153 -2.56 -7.58 -8.93
N VAL B 154 -1.30 -7.39 -9.35
CA VAL B 154 -0.61 -8.26 -10.30
C VAL B 154 -0.35 -9.63 -9.66
N LEU B 155 0.10 -9.64 -8.38
CA LEU B 155 0.36 -10.88 -7.63
C LEU B 155 -0.89 -11.72 -7.56
N ILE B 156 -2.07 -11.09 -7.32
CA ILE B 156 -3.36 -11.77 -7.25
C ILE B 156 -3.63 -12.51 -8.58
N SER B 157 -3.44 -11.83 -9.73
CA SER B 157 -3.63 -12.44 -11.05
C SER B 157 -2.71 -13.62 -11.27
N LEU B 158 -1.44 -13.51 -10.84
CA LEU B 158 -0.47 -14.60 -10.98
C LEU B 158 -0.91 -15.81 -10.15
N GLN B 159 -1.42 -15.58 -8.96
CA GLN B 159 -1.88 -16.65 -8.10
C GLN B 159 -3.15 -17.29 -8.63
N GLU B 160 -4.10 -16.48 -9.16
CA GLU B 160 -5.35 -16.99 -9.75
C GLU B 160 -5.00 -17.91 -10.93
N ALA B 161 -4.02 -17.49 -11.75
CA ALA B 161 -3.56 -18.22 -12.93
C ALA B 161 -2.62 -19.37 -12.62
N LYS B 162 -1.99 -19.38 -11.41
CA LYS B 162 -0.98 -20.36 -10.99
C LYS B 162 -1.22 -21.80 -11.42
N ASP B 163 -2.42 -22.37 -11.18
CA ASP B 163 -2.68 -23.77 -11.48
C ASP B 163 -2.50 -24.13 -12.95
N ILE B 164 -3.11 -23.33 -13.85
CA ILE B 164 -3.07 -23.53 -15.30
C ILE B 164 -1.69 -23.27 -15.88
N CYS B 165 -0.97 -22.27 -15.33
CA CYS B 165 0.31 -21.80 -15.82
C CYS B 165 1.56 -22.37 -15.16
N GLU B 166 1.43 -23.07 -14.01
CA GLU B 166 2.56 -23.64 -13.24
C GLU B 166 3.49 -24.48 -14.08
N GLU B 167 2.92 -25.29 -14.97
CA GLU B 167 3.63 -26.20 -15.86
C GLU B 167 4.34 -25.49 -16.98
N GLN B 168 3.77 -24.38 -17.49
CA GLN B 168 4.32 -23.61 -18.60
C GLN B 168 5.33 -22.52 -18.24
N VAL B 169 5.15 -21.85 -17.09
CA VAL B 169 6.07 -20.79 -16.68
C VAL B 169 6.86 -21.19 -15.41
N ASN B 170 8.07 -21.74 -15.61
CA ASN B 170 8.97 -22.19 -14.55
C ASN B 170 9.28 -21.05 -13.58
N SER B 171 9.37 -19.83 -14.09
CA SER B 171 9.69 -18.64 -13.30
C SER B 171 8.56 -18.14 -12.39
N LEU B 172 7.31 -18.58 -12.65
CA LEU B 172 6.10 -18.16 -11.94
C LEU B 172 6.20 -18.25 -10.39
N PRO B 173 6.59 -19.38 -9.76
CA PRO B 173 6.68 -19.41 -8.29
C PRO B 173 7.71 -18.46 -7.71
N GLY B 174 8.84 -18.33 -8.40
CA GLY B 174 9.92 -17.43 -8.04
C GLY B 174 9.43 -15.98 -8.03
N SER B 175 8.59 -15.64 -9.02
CA SER B 175 8.01 -14.31 -9.15
C SER B 175 7.00 -14.05 -8.04
N ILE B 176 6.12 -15.04 -7.74
CA ILE B 176 5.10 -14.96 -6.68
C ILE B 176 5.77 -14.69 -5.34
N THR B 177 6.88 -15.40 -5.05
CA THR B 177 7.66 -15.21 -3.82
C THR B 177 8.22 -13.80 -3.78
N LYS B 178 8.98 -13.38 -4.80
CA LYS B 178 9.61 -12.07 -4.87
C LYS B 178 8.61 -10.95 -4.61
N ALA B 179 7.41 -11.04 -5.20
CA ALA B 179 6.34 -10.06 -5.00
C ALA B 179 5.84 -10.15 -3.56
N GLY B 180 5.64 -11.37 -3.08
CA GLY B 180 5.18 -11.61 -1.71
C GLY B 180 6.09 -10.99 -0.68
N ASP B 181 7.43 -11.15 -0.88
CA ASP B 181 8.50 -10.62 -0.02
C ASP B 181 8.38 -9.11 0.11
N PHE B 182 8.04 -8.42 -1.00
CA PHE B 182 7.87 -6.98 -1.01
C PHE B 182 6.66 -6.55 -0.19
N LEU B 183 5.50 -7.23 -0.39
CA LEU B 183 4.27 -6.94 0.34
C LEU B 183 4.46 -7.18 1.82
N GLU B 184 5.05 -8.33 2.17
CA GLU B 184 5.35 -8.75 3.54
C GLU B 184 6.27 -7.77 4.27
N ALA B 185 7.20 -7.16 3.53
CA ALA B 185 8.16 -6.21 4.06
C ALA B 185 7.56 -4.86 4.38
N ASN B 186 6.85 -4.26 3.42
CA ASN B 186 6.30 -2.91 3.57
C ASN B 186 4.83 -2.85 4.02
N TYR B 187 4.27 -3.98 4.48
CA TYR B 187 2.86 -4.06 4.89
C TYR B 187 2.54 -3.29 6.16
N MET B 188 3.39 -3.39 7.20
CA MET B 188 3.09 -2.74 8.47
C MET B 188 3.08 -1.20 8.40
N ASN B 189 3.70 -0.60 7.37
CA ASN B 189 3.75 0.84 7.20
C ASN B 189 2.58 1.38 6.37
N LEU B 190 1.68 0.48 5.90
CA LEU B 190 0.50 0.85 5.11
C LEU B 190 -0.46 1.70 5.90
N GLN B 191 -1.07 2.67 5.22
CA GLN B 191 -1.99 3.62 5.82
C GLN B 191 -3.37 3.57 5.21
N ARG B 192 -3.47 3.20 3.93
CA ARG B 192 -4.76 3.13 3.26
C ARG B 192 -5.40 1.77 3.44
N SER B 193 -6.70 1.75 3.78
CA SER B 193 -7.52 0.57 3.98
C SER B 193 -7.59 -0.27 2.69
N TYR B 194 -7.58 0.41 1.52
CA TYR B 194 -7.61 -0.26 0.22
C TYR B 194 -6.37 -1.13 0.07
N THR B 195 -5.17 -0.57 0.40
CA THR B 195 -3.88 -1.26 0.29
C THR B 195 -3.80 -2.43 1.25
N VAL B 196 -4.22 -2.24 2.51
CA VAL B 196 -4.22 -3.28 3.52
C VAL B 196 -5.12 -4.43 3.04
N ALA B 197 -6.28 -4.08 2.44
CA ALA B 197 -7.26 -5.06 1.95
C ALA B 197 -6.69 -5.88 0.79
N ILE B 198 -6.24 -5.21 -0.29
CA ILE B 198 -5.70 -5.86 -1.50
C ILE B 198 -4.45 -6.69 -1.19
N ALA B 199 -3.44 -6.12 -0.48
CA ALA B 199 -2.21 -6.84 -0.11
C ALA B 199 -2.49 -7.90 0.95
N GLY B 200 -3.63 -7.75 1.62
CA GLY B 200 -4.11 -8.70 2.63
C GLY B 200 -4.46 -10.00 1.94
N TYR B 201 -5.27 -9.89 0.85
CA TYR B 201 -5.68 -11.04 0.04
C TYR B 201 -4.49 -11.71 -0.68
N ALA B 202 -3.58 -10.91 -1.26
CA ALA B 202 -2.39 -11.39 -1.95
C ALA B 202 -1.51 -12.20 -1.00
N LEU B 203 -1.31 -11.71 0.25
CA LEU B 203 -0.50 -12.40 1.25
C LEU B 203 -1.22 -13.61 1.80
N ALA B 204 -2.56 -13.51 2.03
CA ALA B 204 -3.36 -14.62 2.54
C ALA B 204 -3.29 -15.84 1.62
N GLN B 205 -3.29 -15.60 0.28
CA GLN B 205 -3.18 -16.63 -0.76
C GLN B 205 -1.86 -17.41 -0.64
N MET B 206 -0.79 -16.76 -0.16
CA MET B 206 0.55 -17.32 0.06
C MET B 206 0.69 -17.88 1.47
N GLY B 207 -0.31 -17.61 2.32
CA GLY B 207 -0.31 -18.00 3.73
C GLY B 207 0.70 -17.17 4.52
N ARG B 208 0.88 -15.90 4.14
CA ARG B 208 1.82 -15.00 4.78
C ARG B 208 1.14 -13.91 5.58
N LEU B 209 -0.20 -13.83 5.52
CA LEU B 209 -0.94 -12.86 6.34
C LEU B 209 -1.11 -13.48 7.73
N LYS B 210 -0.06 -13.34 8.55
CA LYS B 210 0.08 -13.92 9.88
C LYS B 210 0.61 -12.90 10.88
N GLY B 211 0.41 -13.20 12.17
CA GLY B 211 0.88 -12.42 13.29
C GLY B 211 0.55 -10.94 13.31
N PRO B 212 1.59 -10.06 13.22
CA PRO B 212 1.33 -8.60 13.28
C PRO B 212 0.64 -8.05 12.03
N LEU B 213 0.95 -8.67 10.88
CA LEU B 213 0.38 -8.34 9.59
C LEU B 213 -1.09 -8.70 9.61
N LEU B 214 -1.41 -9.90 10.15
CA LEU B 214 -2.79 -10.37 10.27
C LEU B 214 -3.55 -9.46 11.22
N ASN B 215 -2.90 -9.06 12.33
CA ASN B 215 -3.48 -8.16 13.33
C ASN B 215 -3.83 -6.84 12.66
N LYS B 216 -2.87 -6.23 11.90
CA LYS B 216 -3.05 -4.98 11.17
C LYS B 216 -4.28 -5.05 10.25
N PHE B 217 -4.31 -6.07 9.35
CA PHE B 217 -5.40 -6.30 8.40
C PHE B 217 -6.78 -6.24 9.08
N LEU B 218 -6.94 -6.98 10.18
CA LEU B 218 -8.18 -7.07 10.95
C LEU B 218 -8.52 -5.80 11.72
N THR B 219 -7.50 -5.15 12.34
CA THR B 219 -7.72 -3.91 13.10
C THR B 219 -7.91 -2.67 12.19
N THR B 220 -7.85 -2.86 10.86
CA THR B 220 -8.05 -1.77 9.90
C THR B 220 -9.55 -1.63 9.57
N ALA B 221 -10.30 -2.74 9.69
CA ALA B 221 -11.72 -2.80 9.43
C ALA B 221 -12.52 -1.91 10.40
N LYS B 222 -13.32 -0.99 9.83
CA LYS B 222 -14.20 -0.09 10.60
C LYS B 222 -15.48 -0.87 10.93
N ASP B 223 -15.84 -0.93 12.23
CA ASP B 223 -17.00 -1.66 12.76
C ASP B 223 -16.93 -3.19 12.49
N LYS B 224 -15.70 -3.73 12.28
CA LYS B 224 -15.41 -5.15 12.01
C LYS B 224 -16.24 -5.74 10.83
N ASN B 225 -16.61 -4.87 9.85
CA ASN B 225 -17.44 -5.26 8.70
C ASN B 225 -17.04 -4.63 7.35
N ARG B 226 -16.25 -3.54 7.37
CA ARG B 226 -15.82 -2.84 6.16
C ARG B 226 -14.38 -2.31 6.20
N TRP B 227 -13.78 -2.22 5.03
CA TRP B 227 -12.45 -1.66 4.83
C TRP B 227 -12.70 -0.45 3.95
N GLU B 228 -12.60 0.75 4.51
CA GLU B 228 -12.91 1.96 3.76
C GLU B 228 -11.95 3.10 4.03
N ASP B 229 -11.84 3.98 3.02
CA ASP B 229 -11.01 5.18 3.00
C ASP B 229 -11.90 6.33 2.55
N PRO B 230 -11.55 7.61 2.87
CA PRO B 230 -12.37 8.72 2.34
C PRO B 230 -12.20 8.87 0.83
N GLY B 231 -13.31 8.94 0.11
CA GLY B 231 -13.34 9.04 -1.35
C GLY B 231 -14.55 8.36 -1.95
N LYS B 232 -14.41 7.82 -3.19
CA LYS B 232 -15.48 7.10 -3.90
C LYS B 232 -15.94 5.86 -3.09
N GLN B 233 -17.27 5.62 -3.02
CA GLN B 233 -17.79 4.45 -2.31
C GLN B 233 -17.48 3.15 -3.06
N LEU B 234 -17.37 3.22 -4.41
CA LEU B 234 -17.01 2.12 -5.30
C LEU B 234 -15.70 1.48 -4.86
N TYR B 235 -14.71 2.32 -4.51
CA TYR B 235 -13.38 1.91 -4.05
C TYR B 235 -13.47 1.11 -2.76
N ASN B 236 -14.37 1.55 -1.84
CA ASN B 236 -14.61 0.94 -0.53
C ASN B 236 -15.31 -0.42 -0.63
N VAL B 237 -16.16 -0.59 -1.66
CA VAL B 237 -16.87 -1.84 -1.94
C VAL B 237 -15.84 -2.85 -2.46
N GLU B 238 -14.95 -2.37 -3.37
CA GLU B 238 -13.85 -3.14 -3.98
C GLU B 238 -12.90 -3.61 -2.88
N ALA B 239 -12.50 -2.68 -1.97
CA ALA B 239 -11.57 -2.94 -0.86
C ALA B 239 -12.13 -3.99 0.09
N THR B 240 -13.42 -3.85 0.49
CA THR B 240 -14.11 -4.80 1.37
C THR B 240 -14.12 -6.20 0.71
N SER B 241 -14.32 -6.23 -0.61
CA SER B 241 -14.39 -7.47 -1.37
C SER B 241 -13.08 -8.28 -1.37
N TYR B 242 -11.92 -7.58 -1.51
CA TYR B 242 -10.58 -8.20 -1.45
C TYR B 242 -10.36 -8.71 -0.04
N ALA B 243 -10.77 -7.89 0.96
CA ALA B 243 -10.66 -8.17 2.37
C ALA B 243 -11.50 -9.38 2.74
N LEU B 244 -12.71 -9.53 2.15
CA LEU B 244 -13.56 -10.69 2.40
C LEU B 244 -12.87 -11.92 1.85
N LEU B 245 -12.36 -11.84 0.60
CA LEU B 245 -11.63 -12.92 -0.07
C LEU B 245 -10.42 -13.38 0.75
N ALA B 246 -9.76 -12.43 1.43
CA ALA B 246 -8.62 -12.69 2.32
C ALA B 246 -9.09 -13.48 3.54
N LEU B 247 -10.21 -13.04 4.19
CA LEU B 247 -10.77 -13.70 5.37
C LEU B 247 -11.15 -15.15 5.08
N LEU B 248 -11.75 -15.39 3.90
CA LEU B 248 -12.15 -16.71 3.42
C LEU B 248 -10.93 -17.62 3.25
N GLN B 249 -9.79 -17.04 2.82
CA GLN B 249 -8.53 -17.75 2.64
C GLN B 249 -7.99 -18.17 4.01
N LEU B 250 -8.08 -17.25 5.01
CA LEU B 250 -7.64 -17.45 6.40
C LEU B 250 -8.57 -18.43 7.10
N LYS B 251 -9.81 -18.57 6.58
CA LYS B 251 -10.90 -19.44 7.08
C LYS B 251 -11.41 -18.90 8.44
N ASP B 252 -11.38 -17.55 8.59
CA ASP B 252 -11.84 -16.84 9.78
C ASP B 252 -13.35 -16.62 9.64
N PHE B 253 -14.14 -17.69 9.85
CA PHE B 253 -15.61 -17.62 9.71
C PHE B 253 -16.27 -16.81 10.82
N ASP B 254 -15.50 -16.42 11.85
CA ASP B 254 -16.03 -15.65 12.98
C ASP B 254 -16.04 -14.15 12.68
N PHE B 255 -15.25 -13.70 11.67
CA PHE B 255 -15.14 -12.29 11.26
C PHE B 255 -15.94 -12.01 9.98
N VAL B 256 -16.05 -13.03 9.10
CA VAL B 256 -16.70 -13.02 7.79
C VAL B 256 -18.20 -12.57 7.80
N PRO B 257 -19.14 -13.09 8.64
CA PRO B 257 -20.56 -12.69 8.51
C PRO B 257 -20.85 -11.18 8.54
N PRO B 258 -20.31 -10.32 9.47
CA PRO B 258 -20.61 -8.87 9.40
C PRO B 258 -20.17 -8.21 8.10
N VAL B 259 -19.04 -8.68 7.53
CA VAL B 259 -18.44 -8.24 6.27
C VAL B 259 -19.45 -8.50 5.13
N VAL B 260 -19.95 -9.75 5.03
CA VAL B 260 -20.93 -10.17 4.02
C VAL B 260 -22.18 -9.32 4.11
N ARG B 261 -22.70 -9.11 5.33
CA ARG B 261 -23.91 -8.29 5.58
C ARG B 261 -23.70 -6.86 5.10
N TRP B 262 -22.53 -6.28 5.39
CA TRP B 262 -22.20 -4.93 4.96
C TRP B 262 -22.26 -4.76 3.44
N LEU B 263 -21.73 -5.74 2.69
CA LEU B 263 -21.71 -5.72 1.22
C LEU B 263 -23.12 -5.88 0.62
N ASN B 264 -23.93 -6.76 1.23
CA ASN B 264 -25.32 -6.98 0.82
C ASN B 264 -26.15 -5.73 1.14
N GLU B 265 -25.80 -5.02 2.26
CA GLU B 265 -26.42 -3.77 2.72
C GLU B 265 -26.15 -2.64 1.74
N GLN B 266 -24.97 -2.65 1.09
CA GLN B 266 -24.56 -1.65 0.11
C GLN B 266 -25.45 -1.60 -1.14
N ARG B 267 -26.27 -2.67 -1.35
CA ARG B 267 -27.20 -2.80 -2.50
C ARG B 267 -26.49 -2.51 -3.82
N TYR B 268 -25.24 -3.03 -3.92
CA TYR B 268 -24.43 -2.87 -5.09
C TYR B 268 -24.62 -4.07 -6.00
N TYR B 269 -25.21 -3.80 -7.16
CA TYR B 269 -25.52 -4.83 -8.14
C TYR B 269 -24.72 -4.63 -9.43
N GLY B 270 -23.61 -3.90 -9.32
CA GLY B 270 -22.69 -3.61 -10.40
C GLY B 270 -23.24 -2.78 -11.53
N GLY B 271 -22.44 -2.62 -12.59
CA GLY B 271 -22.81 -1.84 -13.76
C GLY B 271 -22.64 -0.36 -13.55
N GLY B 272 -22.28 0.34 -14.62
CA GLY B 272 -22.09 1.79 -14.60
C GLY B 272 -20.68 2.23 -14.92
N TYR B 273 -20.43 3.54 -14.90
CA TYR B 273 -19.13 4.11 -15.20
C TYR B 273 -18.19 3.94 -14.00
N GLY B 274 -17.05 3.31 -14.24
CA GLY B 274 -16.04 3.04 -13.21
C GLY B 274 -16.34 1.85 -12.33
N SER B 275 -17.44 1.14 -12.65
CA SER B 275 -17.95 -0.03 -11.92
C SER B 275 -17.10 -1.28 -12.07
N THR B 276 -16.29 -1.37 -13.16
CA THR B 276 -15.44 -2.51 -13.56
C THR B 276 -14.86 -3.32 -12.41
N GLN B 277 -14.13 -2.67 -11.49
CA GLN B 277 -13.47 -3.38 -10.39
C GLN B 277 -14.41 -3.80 -9.31
N ALA B 278 -15.29 -2.90 -8.84
CA ALA B 278 -16.30 -3.17 -7.81
C ALA B 278 -17.21 -4.32 -8.26
N THR B 279 -17.74 -4.27 -9.52
CA THR B 279 -18.60 -5.28 -10.14
C THR B 279 -17.95 -6.67 -10.09
N PHE B 280 -16.71 -6.81 -10.61
CA PHE B 280 -15.96 -8.07 -10.63
C PHE B 280 -15.64 -8.56 -9.21
N MET B 281 -15.10 -7.67 -8.37
CA MET B 281 -14.68 -8.01 -7.02
C MET B 281 -15.80 -8.40 -6.07
N VAL B 282 -16.93 -7.67 -6.08
CA VAL B 282 -18.02 -7.96 -5.16
C VAL B 282 -18.71 -9.31 -5.48
N PHE B 283 -18.78 -9.68 -6.77
CA PHE B 283 -19.41 -10.96 -7.11
C PHE B 283 -18.41 -12.10 -7.00
N GLN B 284 -17.09 -11.84 -7.20
CA GLN B 284 -16.07 -12.89 -7.03
C GLN B 284 -16.07 -13.31 -5.55
N ALA B 285 -16.04 -12.30 -4.65
CA ALA B 285 -16.03 -12.44 -3.20
C ALA B 285 -17.29 -13.10 -2.65
N LEU B 286 -18.47 -12.62 -3.07
CA LEU B 286 -19.74 -13.16 -2.61
C LEU B 286 -20.01 -14.60 -3.15
N ALA B 287 -19.49 -14.93 -4.35
CA ALA B 287 -19.59 -16.28 -4.91
C ALA B 287 -18.70 -17.22 -4.09
N GLN B 288 -17.44 -16.80 -3.83
CA GLN B 288 -16.46 -17.56 -3.04
C GLN B 288 -16.98 -17.80 -1.64
N TYR B 289 -17.77 -16.84 -1.14
CA TYR B 289 -18.36 -16.96 0.19
C TYR B 289 -19.28 -18.15 0.25
N GLN B 290 -20.25 -18.21 -0.68
CA GLN B 290 -21.24 -19.28 -0.68
C GLN B 290 -20.66 -20.65 -1.04
N LYS B 291 -19.49 -20.67 -1.67
CA LYS B 291 -18.73 -21.87 -2.00
C LYS B 291 -18.16 -22.46 -0.68
N ASP B 292 -17.91 -21.56 0.31
CA ASP B 292 -17.34 -21.88 1.61
C ASP B 292 -18.30 -21.83 2.80
N ALA B 293 -18.77 -23.01 3.16
CA ALA B 293 -19.55 -23.23 4.37
C ALA B 293 -18.52 -23.78 5.43
N PRO B 294 -18.90 -24.26 6.66
CA PRO B 294 -17.87 -24.79 7.60
C PRO B 294 -16.81 -25.72 6.98
N ALA C 1 12.27 33.12 13.21
CA ALA C 1 10.90 33.63 13.33
C ALA C 1 10.75 35.09 12.86
N VAL C 2 9.54 35.45 12.35
CA VAL C 2 9.23 36.82 11.86
C VAL C 2 8.82 37.68 13.05
N ASP C 3 9.42 38.88 13.20
CA ASP C 3 9.12 39.76 14.31
C ASP C 3 7.74 40.41 14.21
N ALA C 4 7.00 40.39 15.35
CA ALA C 4 5.64 40.92 15.53
C ALA C 4 5.53 42.43 15.28
N GLU C 5 6.60 43.21 15.60
CA GLU C 5 6.65 44.67 15.42
C GLU C 5 6.58 45.10 13.95
N ARG C 6 7.10 44.25 13.04
CA ARG C 6 7.08 44.46 11.59
C ARG C 6 5.70 44.02 11.00
N LEU C 7 4.72 43.67 11.87
CA LEU C 7 3.41 43.19 11.46
C LEU C 7 2.22 44.04 12.00
N LYS C 8 2.49 45.25 12.54
CA LYS C 8 1.49 46.22 13.06
C LYS C 8 0.48 46.70 12.00
N HIS C 9 0.92 46.77 10.72
CA HIS C 9 0.14 47.20 9.56
C HIS C 9 -0.84 46.13 9.06
N LEU C 10 -0.62 44.87 9.49
CA LEU C 10 -1.46 43.74 9.10
C LEU C 10 -2.80 43.72 9.84
N ILE C 11 -2.93 44.50 10.92
CA ILE C 11 -4.20 44.61 11.65
C ILE C 11 -4.98 45.76 10.98
N VAL C 12 -5.82 45.39 9.99
CA VAL C 12 -6.59 46.34 9.21
C VAL C 12 -8.09 46.15 9.34
N THR C 13 -8.81 47.29 9.34
CA THR C 13 -10.26 47.38 9.43
C THR C 13 -10.89 46.95 8.10
N PRO C 14 -11.60 45.81 8.03
CA PRO C 14 -12.22 45.41 6.76
C PRO C 14 -13.34 46.38 6.34
N SER C 15 -13.35 46.76 5.05
CA SER C 15 -14.32 47.67 4.44
C SER C 15 -14.46 47.31 2.97
N GLY C 16 -15.62 47.59 2.41
CA GLY C 16 -15.90 47.34 1.00
C GLY C 16 -16.88 46.22 0.73
N ALA C 17 -17.01 45.90 -0.57
CA ALA C 17 -17.91 44.87 -1.08
C ALA C 17 -17.41 43.41 -0.89
N GLY C 18 -17.99 42.47 -1.65
CA GLY C 18 -17.74 41.03 -1.64
C GLY C 18 -16.30 40.60 -1.82
N GLU C 19 -15.52 41.44 -2.54
CA GLU C 19 -14.10 41.18 -2.80
C GLU C 19 -13.21 42.01 -1.91
N GLN C 20 -13.37 43.34 -1.95
CA GLN C 20 -12.56 44.26 -1.15
C GLN C 20 -12.61 44.03 0.36
N ASN C 21 -13.74 43.48 0.85
CA ASN C 21 -13.89 43.15 2.28
C ASN C 21 -13.02 41.94 2.62
N MET C 22 -12.82 41.03 1.65
CA MET C 22 -11.97 39.87 1.84
C MET C 22 -10.51 40.29 1.84
N ILE C 23 -10.16 41.32 1.01
CA ILE C 23 -8.80 41.86 0.89
C ILE C 23 -8.36 42.45 2.23
N GLY C 24 -9.28 43.18 2.89
CA GLY C 24 -9.05 43.78 4.19
C GLY C 24 -9.06 42.76 5.32
N MET C 25 -9.94 41.76 5.22
CA MET C 25 -10.08 40.70 6.22
C MET C 25 -8.81 39.84 6.33
N THR C 26 -8.19 39.52 5.18
CA THR C 26 -7.02 38.66 5.04
C THR C 26 -5.85 39.03 5.98
N PRO C 27 -5.32 40.27 6.03
CA PRO C 27 -4.14 40.51 6.89
C PRO C 27 -4.43 40.25 8.37
N THR C 28 -5.57 40.79 8.86
CA THR C 28 -6.03 40.65 10.25
C THR C 28 -6.18 39.17 10.66
N VAL C 29 -6.77 38.33 9.79
CA VAL C 29 -6.99 36.90 10.03
C VAL C 29 -5.65 36.14 10.14
N ILE C 30 -4.73 36.37 9.20
CA ILE C 30 -3.46 35.66 9.14
C ILE C 30 -2.45 36.18 10.19
N ALA C 31 -2.55 37.48 10.58
CA ALA C 31 -1.69 38.06 11.61
C ALA C 31 -1.99 37.37 12.94
N VAL C 32 -3.26 37.50 13.41
CA VAL C 32 -3.76 36.85 14.62
C VAL C 32 -3.36 35.37 14.61
N HIS C 33 -3.64 34.63 13.51
CA HIS C 33 -3.30 33.20 13.37
C HIS C 33 -1.80 32.93 13.58
N TYR C 34 -0.93 33.73 12.93
CA TYR C 34 0.53 33.58 13.04
C TYR C 34 0.98 33.84 14.48
N LEU C 35 0.64 35.03 15.02
CA LEU C 35 0.96 35.47 16.37
C LEU C 35 0.51 34.50 17.45
N ASP C 36 -0.63 33.83 17.23
CA ASP C 36 -1.18 32.81 18.11
C ASP C 36 -0.22 31.61 18.19
N GLU C 37 0.19 31.02 17.02
CA GLU C 37 1.10 29.86 16.96
C GLU C 37 2.52 30.21 17.41
N THR C 38 3.05 31.39 16.97
CA THR C 38 4.41 31.84 17.27
C THR C 38 4.53 32.41 18.71
N GLU C 39 3.40 32.52 19.43
CA GLU C 39 3.29 33.01 20.81
C GLU C 39 3.96 34.40 21.02
N GLN C 40 3.94 35.25 19.98
CA GLN C 40 4.55 36.58 20.01
C GLN C 40 3.65 37.71 20.57
N TRP C 41 2.57 37.34 21.32
CA TRP C 41 1.65 38.29 21.93
C TRP C 41 2.27 39.04 23.10
N GLU C 42 3.37 38.51 23.64
CA GLU C 42 4.09 39.17 24.72
C GLU C 42 4.86 40.35 24.14
N LYS C 43 5.61 40.10 23.04
CA LYS C 43 6.44 41.06 22.28
C LYS C 43 5.60 42.13 21.54
N PHE C 44 4.30 41.84 21.30
CA PHE C 44 3.38 42.71 20.57
C PHE C 44 2.42 43.50 21.46
N GLY C 45 1.90 42.85 22.51
CA GLY C 45 0.94 43.44 23.43
C GLY C 45 -0.43 42.78 23.31
N LEU C 46 -0.86 42.09 24.38
CA LEU C 46 -2.13 41.34 24.47
C LEU C 46 -3.39 42.19 24.21
N GLU C 47 -3.37 43.48 24.63
CA GLU C 47 -4.47 44.43 24.47
C GLU C 47 -4.87 44.62 22.98
N LYS C 48 -3.88 44.47 22.08
CA LYS C 48 -4.04 44.56 20.64
C LYS C 48 -4.87 43.40 20.07
N ARG C 49 -4.79 42.18 20.68
CA ARG C 49 -5.51 40.99 20.23
C ARG C 49 -7.04 41.12 20.27
N GLN C 50 -7.62 41.46 21.44
CA GLN C 50 -9.09 41.60 21.57
C GLN C 50 -9.68 42.57 20.55
N GLY C 51 -8.92 43.62 20.22
CA GLY C 51 -9.30 44.61 19.21
C GLY C 51 -9.28 44.01 17.81
N ALA C 52 -8.25 43.18 17.53
CA ALA C 52 -8.04 42.49 16.24
C ALA C 52 -9.11 41.45 15.99
N LEU C 53 -9.56 40.73 17.06
CA LEU C 53 -10.63 39.73 16.99
C LEU C 53 -11.96 40.40 16.66
N GLU C 54 -12.10 41.69 17.03
CA GLU C 54 -13.30 42.47 16.77
C GLU C 54 -13.40 42.82 15.31
N LEU C 55 -12.24 43.06 14.66
CA LEU C 55 -12.12 43.35 13.24
C LEU C 55 -12.43 42.10 12.42
N ILE C 56 -12.04 40.92 12.93
CA ILE C 56 -12.29 39.63 12.29
C ILE C 56 -13.80 39.36 12.38
N LYS C 57 -14.41 39.62 13.55
CA LYS C 57 -15.87 39.50 13.72
C LYS C 57 -16.56 40.46 12.76
N LYS C 58 -16.03 41.71 12.67
CA LYS C 58 -16.53 42.78 11.79
C LYS C 58 -16.48 42.35 10.34
N GLY C 59 -15.34 41.76 9.94
CA GLY C 59 -15.07 41.26 8.60
C GLY C 59 -15.98 40.12 8.18
N TYR C 60 -16.16 39.12 9.08
CA TYR C 60 -17.03 37.97 8.89
C TYR C 60 -18.46 38.42 8.67
N THR C 61 -18.96 39.27 9.57
CA THR C 61 -20.31 39.84 9.53
C THR C 61 -20.53 40.58 8.20
N GLN C 62 -19.63 41.55 7.87
CA GLN C 62 -19.67 42.35 6.65
C GLN C 62 -19.68 41.46 5.42
N GLN C 63 -18.89 40.37 5.44
CA GLN C 63 -18.81 39.37 4.36
C GLN C 63 -20.16 38.70 4.12
N LEU C 64 -20.83 38.26 5.21
CA LEU C 64 -22.12 37.56 5.13
C LEU C 64 -23.16 38.25 4.22
N ALA C 65 -23.06 39.59 4.08
CA ALA C 65 -23.94 40.43 3.26
C ALA C 65 -23.87 40.05 1.80
N PHE C 66 -22.76 39.40 1.39
CA PHE C 66 -22.44 39.01 0.01
C PHE C 66 -22.60 37.50 -0.26
N ARG C 67 -23.15 36.78 0.73
CA ARG C 67 -23.50 35.38 0.61
C ARG C 67 -24.80 35.36 -0.17
N GLN C 68 -24.74 34.81 -1.37
CA GLN C 68 -25.88 34.75 -2.28
C GLN C 68 -26.81 33.60 -1.89
N PRO C 69 -28.11 33.56 -2.30
CA PRO C 69 -28.96 32.43 -1.92
C PRO C 69 -28.36 31.06 -2.26
N SER C 70 -27.44 31.02 -3.25
CA SER C 70 -26.69 29.85 -3.74
C SER C 70 -25.66 29.38 -2.73
N SER C 71 -25.37 30.21 -1.70
CA SER C 71 -24.36 30.07 -0.65
C SER C 71 -22.96 30.43 -1.18
N ALA C 72 -22.93 30.95 -2.43
CA ALA C 72 -21.77 31.40 -3.16
C ALA C 72 -21.52 32.87 -2.93
N PHE C 73 -20.30 33.33 -3.26
CA PHE C 73 -19.91 34.74 -3.08
C PHE C 73 -19.52 35.43 -4.39
N ALA C 74 -19.88 36.70 -4.50
CA ALA C 74 -19.52 37.54 -5.62
C ALA C 74 -19.33 38.93 -5.06
N ALA C 75 -18.60 39.80 -5.79
CA ALA C 75 -18.34 41.21 -5.43
C ALA C 75 -19.60 41.92 -4.93
N PHE C 76 -20.72 41.76 -5.64
CA PHE C 76 -22.02 42.25 -5.20
C PHE C 76 -23.07 41.14 -5.34
N VAL C 77 -24.23 41.32 -4.69
CA VAL C 77 -25.32 40.35 -4.61
C VAL C 77 -25.95 40.07 -5.98
N LYS C 78 -25.97 41.06 -6.89
CA LYS C 78 -26.55 40.90 -8.22
C LYS C 78 -25.54 40.44 -9.28
N ARG C 79 -24.25 40.23 -8.91
CA ARG C 79 -23.19 39.76 -9.82
C ARG C 79 -23.09 38.23 -9.81
N ALA C 80 -22.79 37.63 -10.98
CA ALA C 80 -22.62 36.18 -11.12
C ALA C 80 -21.53 35.68 -10.13
N PRO C 81 -21.75 34.56 -9.40
CA PRO C 81 -20.78 34.16 -8.38
C PRO C 81 -19.45 33.64 -8.91
N SER C 82 -18.38 34.13 -8.28
CA SER C 82 -17.01 33.75 -8.57
C SER C 82 -16.68 32.44 -7.88
N THR C 83 -16.12 31.53 -8.65
CA THR C 83 -15.70 30.23 -8.15
C THR C 83 -14.48 30.47 -7.25
N TRP C 84 -13.53 31.34 -7.69
CA TRP C 84 -12.32 31.65 -6.95
C TRP C 84 -12.61 32.33 -5.61
N LEU C 85 -13.46 33.38 -5.62
CA LEU C 85 -13.81 34.12 -4.41
C LEU C 85 -14.48 33.22 -3.37
N THR C 86 -15.42 32.34 -3.80
CA THR C 86 -16.11 31.39 -2.91
C THR C 86 -15.09 30.47 -2.26
N ALA C 87 -14.13 29.94 -3.07
CA ALA C 87 -13.04 29.08 -2.60
C ALA C 87 -12.18 29.84 -1.58
N TYR C 88 -11.94 31.16 -1.82
CA TYR C 88 -11.16 32.00 -0.92
C TYR C 88 -11.85 32.28 0.40
N VAL C 89 -13.16 32.55 0.34
CA VAL C 89 -14.00 32.79 1.53
C VAL C 89 -13.89 31.53 2.39
N VAL C 90 -13.98 30.33 1.75
CA VAL C 90 -13.82 29.05 2.43
C VAL C 90 -12.42 29.02 3.07
N LYS C 91 -11.36 29.30 2.27
CA LYS C 91 -9.95 29.27 2.68
C LYS C 91 -9.69 30.09 3.96
N VAL C 92 -10.15 31.35 3.96
CA VAL C 92 -9.97 32.29 5.06
C VAL C 92 -10.79 31.83 6.27
N PHE C 93 -12.11 31.63 6.10
CA PHE C 93 -13.05 31.21 7.16
C PHE C 93 -12.61 29.91 7.86
N SER C 94 -11.96 28.98 7.10
CA SER C 94 -11.40 27.72 7.62
C SER C 94 -10.35 27.99 8.67
N LEU C 95 -9.52 29.04 8.49
CA LEU C 95 -8.50 29.40 9.48
C LEU C 95 -9.12 30.18 10.63
N ALA C 96 -10.10 31.05 10.32
CA ALA C 96 -10.80 31.88 11.29
C ALA C 96 -11.73 31.12 12.28
N VAL C 97 -12.08 29.84 12.00
CA VAL C 97 -12.97 29.03 12.86
C VAL C 97 -12.41 28.84 14.27
N ASN C 98 -11.07 28.88 14.39
CA ASN C 98 -10.33 28.70 15.63
C ASN C 98 -10.13 30.03 16.38
N LEU C 99 -10.13 31.17 15.64
CA LEU C 99 -9.98 32.52 16.20
C LEU C 99 -11.31 33.13 16.69
N ILE C 100 -12.33 33.14 15.83
CA ILE C 100 -13.67 33.67 16.14
C ILE C 100 -14.76 32.60 15.88
N ALA C 101 -16.03 32.98 16.13
CA ALA C 101 -17.22 32.15 15.91
C ALA C 101 -17.72 32.25 14.45
N ILE C 102 -17.42 31.21 13.64
CA ILE C 102 -17.82 31.13 12.23
C ILE C 102 -18.98 30.13 12.18
N ASP C 103 -20.14 30.52 11.61
CA ASP C 103 -21.23 29.56 11.46
C ASP C 103 -20.78 28.57 10.36
N SER C 104 -20.59 27.31 10.74
CA SER C 104 -20.13 26.29 9.82
C SER C 104 -20.95 26.16 8.55
N GLN C 105 -22.27 26.42 8.63
CA GLN C 105 -23.18 26.36 7.50
C GLN C 105 -22.82 27.36 6.40
N VAL C 106 -22.18 28.50 6.75
CA VAL C 106 -21.73 29.56 5.83
C VAL C 106 -20.64 29.00 4.90
N LEU C 107 -19.63 28.40 5.55
CA LEU C 107 -18.44 27.76 5.02
C LEU C 107 -18.81 26.50 4.23
N CYS C 108 -19.52 25.53 4.88
CA CYS C 108 -19.94 24.25 4.29
C CYS C 108 -20.89 24.42 3.11
N GLY C 109 -21.79 25.39 3.22
CA GLY C 109 -22.75 25.74 2.16
C GLY C 109 -22.02 26.18 0.91
N ALA C 110 -20.94 26.97 1.09
CA ALA C 110 -20.08 27.47 0.01
C ALA C 110 -19.29 26.30 -0.61
N VAL C 111 -18.84 25.33 0.22
CA VAL C 111 -18.11 24.13 -0.22
C VAL C 111 -19.01 23.32 -1.15
N LYS C 112 -20.26 23.03 -0.69
CA LYS C 112 -21.28 22.27 -1.42
C LYS C 112 -21.55 22.89 -2.78
N TRP C 113 -21.65 24.23 -2.85
CA TRP C 113 -21.92 24.95 -4.09
C TRP C 113 -20.85 24.73 -5.12
N LEU C 114 -19.56 24.90 -4.72
CA LEU C 114 -18.39 24.69 -5.57
C LEU C 114 -18.46 23.30 -6.19
N ILE C 115 -18.80 22.27 -5.37
CA ILE C 115 -18.94 20.89 -5.79
C ILE C 115 -20.10 20.75 -6.78
N LEU C 116 -21.31 21.10 -6.33
CA LEU C 116 -22.56 20.96 -7.07
C LEU C 116 -22.65 21.75 -8.37
N GLU C 117 -22.01 22.90 -8.43
CA GLU C 117 -22.13 23.76 -9.60
C GLU C 117 -20.88 23.96 -10.40
N LYS C 118 -19.72 24.08 -9.73
CA LYS C 118 -18.48 24.48 -10.41
C LYS C 118 -17.44 23.37 -10.60
N GLN C 119 -17.72 22.12 -10.22
CA GLN C 119 -16.74 21.09 -10.53
C GLN C 119 -17.18 20.36 -11.76
N LYS C 120 -16.26 20.22 -12.69
CA LYS C 120 -16.44 19.54 -13.96
C LYS C 120 -16.38 17.99 -13.79
N PRO C 121 -16.84 17.19 -14.79
CA PRO C 121 -16.81 15.72 -14.61
C PRO C 121 -15.43 15.08 -14.45
N ASP C 122 -14.35 15.76 -14.88
CA ASP C 122 -12.99 15.22 -14.76
C ASP C 122 -12.26 15.78 -13.53
N GLY C 123 -13.02 16.41 -12.65
CA GLY C 123 -12.49 16.99 -11.43
C GLY C 123 -12.06 18.44 -11.52
N VAL C 124 -12.04 19.02 -12.73
CA VAL C 124 -11.64 20.41 -12.95
C VAL C 124 -12.58 21.39 -12.26
N PHE C 125 -12.04 22.48 -11.71
CA PHE C 125 -12.83 23.56 -11.13
C PHE C 125 -12.76 24.72 -12.13
N GLN C 126 -13.94 25.21 -12.55
CA GLN C 126 -14.10 26.25 -13.55
C GLN C 126 -14.60 27.57 -12.98
N GLU C 127 -13.99 28.67 -13.40
CA GLU C 127 -14.40 30.01 -13.00
C GLU C 127 -15.24 30.60 -14.13
N ASP C 128 -16.50 30.88 -13.84
CA ASP C 128 -17.40 31.39 -14.86
C ASP C 128 -17.68 32.87 -14.72
N ALA C 129 -17.30 33.46 -13.57
CA ALA C 129 -17.49 34.89 -13.29
C ALA C 129 -16.23 35.44 -12.63
N PRO C 130 -15.12 35.63 -13.39
CA PRO C 130 -13.86 36.11 -12.78
C PRO C 130 -13.97 37.29 -11.84
N VAL C 131 -13.13 37.30 -10.78
CA VAL C 131 -13.08 38.39 -9.79
C VAL C 131 -12.79 39.75 -10.47
N ILE C 132 -13.27 40.84 -9.87
CA ILE C 132 -13.03 42.17 -10.41
C ILE C 132 -11.57 42.54 -10.13
N HIS C 133 -11.13 42.32 -8.88
CA HIS C 133 -9.80 42.63 -8.38
C HIS C 133 -8.85 41.47 -8.57
N GLN C 134 -8.28 41.36 -9.79
CA GLN C 134 -7.34 40.29 -10.17
C GLN C 134 -6.06 40.29 -9.35
N GLU C 135 -5.76 41.40 -8.68
CA GLU C 135 -4.57 41.50 -7.84
C GLU C 135 -4.62 40.55 -6.64
N MET C 136 -5.84 40.26 -6.16
CA MET C 136 -6.05 39.41 -5.00
C MET C 136 -5.89 37.92 -5.30
N ILE C 137 -6.07 37.49 -6.57
CA ILE C 137 -5.99 36.07 -6.94
C ILE C 137 -4.56 35.53 -6.90
N GLY C 138 -3.60 36.43 -6.94
CA GLY C 138 -2.18 36.09 -6.85
C GLY C 138 -1.63 35.54 -8.15
N GLY C 139 -0.78 34.55 -8.02
CA GLY C 139 -0.14 33.90 -9.16
C GLY C 139 -1.09 33.19 -10.11
N LEU C 140 -2.39 33.17 -9.78
CA LEU C 140 -3.45 32.57 -10.59
C LEU C 140 -3.82 33.47 -11.77
N ARG C 141 -3.34 34.72 -11.78
CA ARG C 141 -3.58 35.69 -12.83
C ARG C 141 -3.09 35.17 -14.19
N ASN C 142 -1.95 34.45 -14.19
CA ASN C 142 -1.38 33.84 -15.39
C ASN C 142 -2.36 32.81 -16.00
N ASN C 143 -2.72 33.07 -17.27
CA ASN C 143 -3.65 32.23 -18.04
C ASN C 143 -3.09 30.82 -18.29
N ASN C 144 -1.74 30.64 -18.28
CA ASN C 144 -1.10 29.36 -18.51
C ASN C 144 -1.32 28.41 -17.36
N GLU C 145 -1.77 27.18 -17.68
CA GLU C 145 -2.07 26.11 -16.74
C GLU C 145 -3.18 26.48 -15.75
N LYS C 146 -4.20 27.23 -16.22
CA LYS C 146 -5.34 27.71 -15.40
C LYS C 146 -6.12 26.60 -14.73
N ASP C 147 -6.53 25.57 -15.50
CA ASP C 147 -7.29 24.41 -15.00
C ASP C 147 -6.55 23.75 -13.86
N MET C 148 -5.26 23.52 -14.03
CA MET C 148 -4.41 22.90 -13.04
C MET C 148 -4.28 23.77 -11.80
N ALA C 149 -3.92 25.05 -11.97
CA ALA C 149 -3.75 26.00 -10.87
C ALA C 149 -5.03 26.20 -10.07
N LEU C 150 -6.18 26.47 -10.75
CA LEU C 150 -7.45 26.67 -10.08
C LEU C 150 -7.94 25.44 -9.38
N THR C 151 -7.91 24.26 -10.06
CA THR C 151 -8.33 22.99 -9.44
C THR C 151 -7.55 22.78 -8.15
N ALA C 152 -6.23 23.09 -8.16
CA ALA C 152 -5.38 22.97 -6.97
C ALA C 152 -5.80 23.98 -5.90
N PHE C 153 -6.10 25.23 -6.28
CA PHE C 153 -6.53 26.27 -5.34
C PHE C 153 -7.81 25.86 -4.61
N VAL C 154 -8.86 25.51 -5.38
CA VAL C 154 -10.16 25.12 -4.85
C VAL C 154 -10.05 23.85 -4.04
N LEU C 155 -9.27 22.87 -4.54
CA LEU C 155 -9.02 21.60 -3.82
C LEU C 155 -8.42 21.87 -2.44
N ILE C 156 -7.44 22.80 -2.35
CA ILE C 156 -6.80 23.18 -1.09
C ILE C 156 -7.86 23.67 -0.10
N SER C 157 -8.75 24.56 -0.56
CA SER C 157 -9.84 25.12 0.25
C SER C 157 -10.74 24.02 0.78
N LEU C 158 -11.12 23.03 -0.08
CA LEU C 158 -11.95 21.89 0.31
C LEU C 158 -11.25 21.06 1.37
N GLN C 159 -9.93 20.90 1.25
CA GLN C 159 -9.09 20.14 2.18
C GLN C 159 -8.82 20.87 3.50
N GLU C 160 -8.89 22.22 3.49
CA GLU C 160 -8.75 23.03 4.70
C GLU C 160 -10.06 22.90 5.48
N ALA C 161 -11.17 22.81 4.73
CA ALA C 161 -12.53 22.68 5.25
C ALA C 161 -12.85 21.25 5.65
N LYS C 162 -12.28 20.26 4.93
CA LYS C 162 -12.44 18.80 5.00
C LYS C 162 -12.92 18.28 6.37
N ASP C 163 -12.23 18.68 7.44
CA ASP C 163 -12.54 18.27 8.82
C ASP C 163 -13.85 18.87 9.35
N ILE C 164 -14.04 20.18 9.17
CA ILE C 164 -15.24 20.93 9.55
C ILE C 164 -16.52 20.47 8.82
N CYS C 165 -16.40 20.24 7.49
CA CYS C 165 -17.51 19.93 6.60
C CYS C 165 -17.73 18.47 6.27
N GLU C 166 -16.91 17.55 6.82
CA GLU C 166 -17.06 16.11 6.55
C GLU C 166 -18.49 15.68 6.79
N GLU C 167 -19.05 16.11 7.95
CA GLU C 167 -20.39 15.74 8.38
C GLU C 167 -21.51 16.39 7.57
N GLN C 168 -21.29 17.63 7.11
CA GLN C 168 -22.32 18.39 6.39
C GLN C 168 -22.40 18.17 4.88
N VAL C 169 -21.24 17.92 4.26
CA VAL C 169 -21.09 17.75 2.82
C VAL C 169 -20.74 16.28 2.54
N ASN C 170 -21.76 15.44 2.23
CA ASN C 170 -21.54 14.01 1.92
C ASN C 170 -20.69 13.84 0.65
N SER C 171 -20.89 14.74 -0.31
CA SER C 171 -20.20 14.74 -1.60
C SER C 171 -18.73 15.17 -1.53
N LEU C 172 -18.31 15.84 -0.43
CA LEU C 172 -16.97 16.38 -0.21
C LEU C 172 -15.82 15.40 -0.52
N PRO C 173 -15.75 14.17 0.05
CA PRO C 173 -14.61 13.27 -0.25
C PRO C 173 -14.55 12.83 -1.72
N GLY C 174 -15.73 12.62 -2.31
CA GLY C 174 -15.87 12.24 -3.71
C GLY C 174 -15.32 13.33 -4.61
N SER C 175 -15.58 14.60 -4.25
CA SER C 175 -15.11 15.78 -4.96
C SER C 175 -13.60 15.92 -4.83
N ILE C 176 -13.06 15.77 -3.60
CA ILE C 176 -11.62 15.84 -3.31
C ILE C 176 -10.86 14.83 -4.17
N THR C 177 -11.36 13.59 -4.25
CA THR C 177 -10.77 12.54 -5.08
C THR C 177 -10.76 12.95 -6.55
N LYS C 178 -11.94 13.27 -7.09
CA LYS C 178 -12.09 13.66 -8.50
C LYS C 178 -11.13 14.76 -8.90
N ALA C 179 -10.97 15.79 -8.04
CA ALA C 179 -10.04 16.88 -8.30
C ALA C 179 -8.61 16.35 -8.23
N GLY C 180 -8.32 15.53 -7.22
CA GLY C 180 -7.01 14.92 -7.03
C GLY C 180 -6.55 14.14 -8.24
N ASP C 181 -7.46 13.33 -8.80
CA ASP C 181 -7.27 12.49 -9.99
C ASP C 181 -6.82 13.34 -11.18
N PHE C 182 -7.41 14.56 -11.34
CA PHE C 182 -7.05 15.47 -12.41
C PHE C 182 -5.64 16.02 -12.23
N LEU C 183 -5.29 16.45 -11.00
CA LEU C 183 -3.98 16.99 -10.69
C LEU C 183 -2.90 15.93 -10.87
N GLU C 184 -3.15 14.72 -10.36
CA GLU C 184 -2.27 13.56 -10.44
C GLU C 184 -2.01 13.15 -11.89
N ALA C 185 -3.01 13.31 -12.76
CA ALA C 185 -2.92 12.95 -14.17
C ALA C 185 -2.08 13.93 -14.98
N ASN C 186 -2.36 15.23 -14.87
CA ASN C 186 -1.68 16.25 -15.67
C ASN C 186 -0.50 16.95 -14.97
N TYR C 187 -0.01 16.40 -13.83
CA TYR C 187 1.08 16.99 -13.05
C TYR C 187 2.44 16.92 -13.73
N MET C 188 2.78 15.78 -14.34
CA MET C 188 4.10 15.63 -14.94
C MET C 188 4.33 16.53 -16.17
N ASN C 189 3.26 17.05 -16.77
CA ASN C 189 3.35 17.94 -17.94
C ASN C 189 3.43 19.42 -17.55
N LEU C 190 3.43 19.72 -16.22
CA LEU C 190 3.51 21.08 -15.71
C LEU C 190 4.84 21.71 -16.02
N GLN C 191 4.82 23.02 -16.31
CA GLN C 191 6.01 23.76 -16.67
C GLN C 191 6.29 24.91 -15.74
N ARG C 192 5.23 25.52 -15.17
CA ARG C 192 5.38 26.64 -14.25
C ARG C 192 5.60 26.18 -12.82
N SER C 193 6.60 26.79 -12.16
CA SER C 193 6.98 26.52 -10.76
C SER C 193 5.82 26.80 -9.81
N TYR C 194 5.00 27.81 -10.14
CA TYR C 194 3.82 28.19 -9.35
C TYR C 194 2.84 27.02 -9.34
N THR C 195 2.57 26.41 -10.52
CA THR C 195 1.64 25.29 -10.66
C THR C 195 2.13 24.05 -9.95
N VAL C 196 3.43 23.72 -10.10
CA VAL C 196 4.05 22.57 -9.46
C VAL C 196 3.94 22.75 -7.94
N ALA C 197 4.16 23.98 -7.44
CA ALA C 197 4.09 24.30 -6.02
C ALA C 197 2.68 24.14 -5.45
N ILE C 198 1.68 24.83 -6.05
CA ILE C 198 0.29 24.81 -5.61
C ILE C 198 -0.32 23.40 -5.71
N ALA C 199 -0.19 22.71 -6.89
CA ALA C 199 -0.71 21.34 -7.07
C ALA C 199 0.10 20.33 -6.26
N GLY C 200 1.31 20.74 -5.86
CA GLY C 200 2.20 19.95 -5.02
C GLY C 200 1.60 19.82 -3.64
N TYR C 201 1.17 20.97 -3.06
CA TYR C 201 0.50 21.04 -1.76
C TYR C 201 -0.85 20.31 -1.76
N ALA C 202 -1.66 20.52 -2.82
CA ALA C 202 -2.98 19.89 -2.98
C ALA C 202 -2.86 18.36 -3.00
N LEU C 203 -1.87 17.84 -3.75
CA LEU C 203 -1.62 16.39 -3.82
C LEU C 203 -0.99 15.85 -2.55
N ALA C 204 -0.06 16.60 -1.93
CA ALA C 204 0.60 16.20 -0.69
C ALA C 204 -0.41 15.98 0.42
N GLN C 205 -1.46 16.85 0.49
CA GLN C 205 -2.55 16.75 1.48
C GLN C 205 -3.33 15.42 1.35
N MET C 206 -3.39 14.87 0.12
CA MET C 206 -4.06 13.61 -0.20
C MET C 206 -3.09 12.43 -0.10
N GLY C 207 -1.81 12.75 0.08
CA GLY C 207 -0.74 11.78 0.12
C GLY C 207 -0.48 11.18 -1.25
N ARG C 208 -0.71 11.99 -2.30
CA ARG C 208 -0.58 11.63 -3.69
C ARG C 208 0.66 12.24 -4.37
N LEU C 209 1.44 13.06 -3.64
CA LEU C 209 2.69 13.61 -4.17
C LEU C 209 3.80 12.63 -3.81
N LYS C 210 3.92 11.59 -4.66
CA LYS C 210 4.83 10.47 -4.49
C LYS C 210 5.53 10.13 -5.81
N GLY C 211 6.63 9.39 -5.70
CA GLY C 211 7.42 8.89 -6.83
C GLY C 211 7.90 9.93 -7.83
N PRO C 212 7.45 9.84 -9.11
CA PRO C 212 7.91 10.78 -10.16
C PRO C 212 7.38 12.19 -9.98
N LEU C 213 6.15 12.30 -9.44
CA LEU C 213 5.47 13.54 -9.14
C LEU C 213 6.25 14.23 -8.02
N LEU C 214 6.63 13.47 -6.97
CA LEU C 214 7.40 13.98 -5.84
C LEU C 214 8.76 14.44 -6.32
N ASN C 215 9.39 13.65 -7.21
CA ASN C 215 10.69 13.96 -7.82
C ASN C 215 10.59 15.29 -8.56
N LYS C 216 9.56 15.45 -9.44
CA LYS C 216 9.31 16.68 -10.20
C LYS C 216 9.23 17.89 -9.26
N PHE C 217 8.31 17.84 -8.27
CA PHE C 217 8.10 18.90 -7.28
C PHE C 217 9.43 19.40 -6.68
N LEU C 218 10.30 18.47 -6.23
CA LEU C 218 11.58 18.81 -5.63
C LEU C 218 12.61 19.29 -6.63
N THR C 219 12.68 18.67 -7.81
CA THR C 219 13.67 19.07 -8.82
C THR C 219 13.27 20.40 -9.51
N THR C 220 12.10 20.97 -9.15
CA THR C 220 11.65 22.25 -9.72
C THR C 220 12.24 23.43 -8.93
N ALA C 221 12.52 23.21 -7.62
CA ALA C 221 13.09 24.19 -6.70
C ALA C 221 14.47 24.65 -7.14
N LYS C 222 14.63 25.97 -7.33
CA LYS C 222 15.92 26.58 -7.70
C LYS C 222 16.73 26.74 -6.42
N ASP C 223 17.97 26.21 -6.42
CA ASP C 223 18.91 26.23 -5.29
C ASP C 223 18.36 25.50 -4.03
N LYS C 224 17.42 24.54 -4.24
CA LYS C 224 16.75 23.72 -3.19
C LYS C 224 16.11 24.56 -2.04
N ASN C 225 15.68 25.81 -2.35
CA ASN C 225 15.08 26.70 -1.36
C ASN C 225 13.85 27.45 -1.83
N ARG C 226 13.76 27.70 -3.14
CA ARG C 226 12.66 28.50 -3.73
C ARG C 226 12.02 27.88 -4.97
N TRP C 227 10.75 28.20 -5.17
CA TRP C 227 9.97 27.81 -6.34
C TRP C 227 9.62 29.12 -7.00
N GLU C 228 10.26 29.42 -8.13
CA GLU C 228 10.05 30.72 -8.79
C GLU C 228 9.96 30.62 -10.29
N ASP C 229 9.27 31.60 -10.88
CA ASP C 229 9.04 31.77 -12.31
C ASP C 229 9.39 33.22 -12.65
N PRO C 230 9.66 33.55 -13.94
CA PRO C 230 9.87 34.98 -14.28
C PRO C 230 8.53 35.75 -14.20
N GLY C 231 8.54 36.86 -13.49
CA GLY C 231 7.36 37.68 -13.25
C GLY C 231 7.42 38.38 -11.91
N LYS C 232 6.26 38.71 -11.34
CA LYS C 232 6.17 39.39 -10.02
C LYS C 232 6.86 38.55 -8.92
N GLN C 233 7.58 39.20 -7.99
CA GLN C 233 8.23 38.47 -6.89
C GLN C 233 7.20 37.96 -5.86
N LEU C 234 6.06 38.68 -5.74
CA LEU C 234 4.93 38.33 -4.88
C LEU C 234 4.45 36.90 -5.19
N TYR C 235 4.35 36.56 -6.49
CA TYR C 235 3.93 35.26 -7.00
C TYR C 235 4.88 34.17 -6.57
N ASN C 236 6.20 34.48 -6.56
CA ASN C 236 7.28 33.55 -6.19
C ASN C 236 7.32 33.29 -4.68
N VAL C 237 6.91 34.28 -3.87
CA VAL C 237 6.82 34.17 -2.40
C VAL C 237 5.62 33.25 -2.07
N GLU C 238 4.48 33.48 -2.75
CA GLU C 238 3.24 32.71 -2.66
C GLU C 238 3.48 31.24 -3.09
N ALA C 239 4.24 31.02 -4.20
CA ALA C 239 4.60 29.69 -4.74
C ALA C 239 5.50 28.92 -3.75
N THR C 240 6.59 29.53 -3.21
CA THR C 240 7.47 28.89 -2.24
C THR C 240 6.72 28.60 -0.92
N SER C 241 5.65 29.40 -0.59
CA SER C 241 4.81 29.19 0.61
C SER C 241 3.95 27.93 0.50
N TYR C 242 3.33 27.69 -0.70
CA TYR C 242 2.54 26.48 -0.96
C TYR C 242 3.48 25.29 -0.95
N ALA C 243 4.66 25.45 -1.57
CA ALA C 243 5.71 24.43 -1.66
C ALA C 243 6.24 24.06 -0.27
N LEU C 244 6.38 25.05 0.63
CA LEU C 244 6.82 24.81 2.01
C LEU C 244 5.74 23.99 2.70
N LEU C 245 4.46 24.42 2.58
CA LEU C 245 3.30 23.72 3.14
C LEU C 245 3.20 22.26 2.67
N ALA C 246 3.60 22.01 1.41
CA ALA C 246 3.64 20.69 0.82
C ALA C 246 4.74 19.85 1.49
N LEU C 247 5.96 20.42 1.66
CA LEU C 247 7.10 19.76 2.30
C LEU C 247 6.77 19.35 3.72
N LEU C 248 6.08 20.22 4.46
CA LEU C 248 5.64 20.00 5.84
C LEU C 248 4.65 18.83 5.91
N GLN C 249 3.81 18.68 4.87
CA GLN C 249 2.83 17.60 4.74
C GLN C 249 3.57 16.26 4.53
N LEU C 250 4.62 16.28 3.66
CA LEU C 250 5.47 15.14 3.33
C LEU C 250 6.37 14.78 4.52
N LYS C 251 6.57 15.76 5.44
CA LYS C 251 7.39 15.71 6.65
C LYS C 251 8.88 15.60 6.28
N ASP C 252 9.26 16.20 5.14
CA ASP C 252 10.63 16.25 4.62
C ASP C 252 11.37 17.38 5.32
N PHE C 253 11.75 17.18 6.61
CA PHE C 253 12.44 18.22 7.38
C PHE C 253 13.89 18.42 6.94
N ASP C 254 14.38 17.58 6.00
CA ASP C 254 15.74 17.69 5.48
C ASP C 254 15.83 18.70 4.32
N PHE C 255 14.68 19.04 3.70
CA PHE C 255 14.58 19.97 2.57
C PHE C 255 14.03 21.34 3.01
N VAL C 256 13.16 21.33 4.04
CA VAL C 256 12.45 22.47 4.64
C VAL C 256 13.38 23.65 5.12
N PRO C 257 14.47 23.46 5.94
CA PRO C 257 15.22 24.63 6.43
C PRO C 257 15.70 25.63 5.37
N PRO C 258 16.34 25.27 4.21
CA PRO C 258 16.74 26.32 3.24
C PRO C 258 15.56 27.14 2.70
N VAL C 259 14.38 26.49 2.54
CA VAL C 259 13.12 27.06 2.08
C VAL C 259 12.69 28.15 3.07
N VAL C 260 12.64 27.81 4.38
CA VAL C 260 12.25 28.73 5.46
C VAL C 260 13.17 29.94 5.48
N ARG C 261 14.51 29.71 5.40
CA ARG C 261 15.53 30.78 5.38
C ARG C 261 15.29 31.72 4.20
N TRP C 262 15.01 31.16 3.01
CA TRP C 262 14.74 31.95 1.81
C TRP C 262 13.55 32.90 1.98
N LEU C 263 12.46 32.45 2.62
CA LEU C 263 11.26 33.25 2.86
C LEU C 263 11.50 34.34 3.89
N ASN C 264 12.27 34.03 4.96
CA ASN C 264 12.64 34.99 5.99
C ASN C 264 13.60 36.04 5.39
N GLU C 265 14.46 35.60 4.44
CA GLU C 265 15.42 36.43 3.70
C GLU C 265 14.69 37.44 2.83
N GLN C 266 13.53 37.06 2.27
CA GLN C 266 12.70 37.91 1.41
C GLN C 266 12.16 39.16 2.12
N ARG C 267 12.22 39.19 3.47
CA ARG C 267 11.75 40.29 4.32
C ARG C 267 10.35 40.74 3.92
N TYR C 268 9.50 39.74 3.65
CA TYR C 268 8.12 39.97 3.26
C TYR C 268 7.24 39.94 4.49
N TYR C 269 6.67 41.12 4.83
CA TYR C 269 5.82 41.28 6.00
C TYR C 269 4.38 41.60 5.63
N GLY C 270 4.03 41.28 4.38
CA GLY C 270 2.69 41.46 3.84
C GLY C 270 2.24 42.90 3.67
N GLY C 271 0.97 43.06 3.30
CA GLY C 271 0.37 44.37 3.08
C GLY C 271 0.78 44.98 1.75
N GLY C 272 -0.14 45.75 1.17
CA GLY C 272 0.09 46.40 -0.12
C GLY C 272 -0.89 45.95 -1.20
N TYR C 273 -0.73 46.52 -2.40
CA TYR C 273 -1.59 46.18 -3.53
C TYR C 273 -1.18 44.84 -4.13
N GLY C 274 -2.13 43.91 -4.21
CA GLY C 274 -1.91 42.57 -4.73
C GLY C 274 -1.24 41.61 -3.76
N SER C 275 -1.07 42.08 -2.51
CA SER C 275 -0.42 41.34 -1.43
C SER C 275 -1.25 40.20 -0.87
N THR C 276 -2.60 40.24 -1.05
CA THR C 276 -3.60 39.28 -0.55
C THR C 276 -3.14 37.83 -0.44
N GLN C 277 -2.65 37.23 -1.54
CA GLN C 277 -2.24 35.82 -1.48
C GLN C 277 -0.92 35.62 -0.80
N ALA C 278 0.11 36.39 -1.18
CA ALA C 278 1.44 36.31 -0.57
C ALA C 278 1.37 36.49 0.94
N THR C 279 0.63 37.53 1.43
CA THR C 279 0.37 37.84 2.85
C THR C 279 -0.22 36.64 3.59
N PHE C 280 -1.33 36.08 3.09
CA PHE C 280 -2.01 34.93 3.66
C PHE C 280 -1.13 33.68 3.62
N MET C 281 -0.56 33.37 2.45
CA MET C 281 0.25 32.18 2.25
C MET C 281 1.55 32.13 3.02
N VAL C 282 2.31 33.24 3.07
CA VAL C 282 3.60 33.26 3.75
C VAL C 282 3.43 33.12 5.28
N PHE C 283 2.35 33.66 5.86
CA PHE C 283 2.15 33.52 7.29
C PHE C 283 1.49 32.21 7.64
N GLN C 284 0.65 31.65 6.74
CA GLN C 284 0.03 30.34 6.98
C GLN C 284 1.15 29.28 7.01
N ALA C 285 2.08 29.32 6.02
CA ALA C 285 3.23 28.44 5.85
C ALA C 285 4.24 28.55 7.01
N LEU C 286 4.64 29.79 7.36
CA LEU C 286 5.60 30.02 8.44
C LEU C 286 5.02 29.69 9.84
N ALA C 287 3.69 29.85 10.03
CA ALA C 287 3.03 29.49 11.28
C ALA C 287 3.02 27.95 11.38
N GLN C 288 2.62 27.26 10.29
CA GLN C 288 2.58 25.79 10.19
C GLN C 288 3.95 25.18 10.40
N TYR C 289 5.00 25.88 9.93
CA TYR C 289 6.38 25.42 10.11
C TYR C 289 6.77 25.38 11.60
N GLN C 290 6.46 26.44 12.38
CA GLN C 290 6.79 26.48 13.81
C GLN C 290 5.89 25.57 14.67
N LYS C 291 4.71 25.19 14.14
CA LYS C 291 3.76 24.27 14.76
C LYS C 291 4.39 22.86 14.71
N ASP C 292 5.22 22.61 13.68
CA ASP C 292 5.90 21.33 13.41
C ASP C 292 7.40 21.45 13.77
N ALA C 293 7.67 21.84 15.06
CA ALA C 293 8.97 22.12 15.69
C ALA C 293 8.82 22.28 17.22
N ASP D 1 36.73 -20.19 55.53
CA ASP D 1 36.63 -21.29 56.49
C ASP D 1 37.68 -22.43 56.32
N SER D 2 38.34 -22.52 55.13
CA SER D 2 39.43 -23.44 54.81
C SER D 2 40.21 -22.86 53.62
N THR D 3 41.31 -23.53 53.18
CA THR D 3 42.13 -23.12 52.02
C THR D 3 41.75 -24.07 50.88
N GLY D 4 40.62 -24.73 51.08
CA GLY D 4 40.02 -25.70 50.18
C GLY D 4 39.56 -25.06 48.88
N LYS D 5 40.16 -25.56 47.81
CA LYS D 5 39.91 -25.26 46.41
C LYS D 5 38.67 -26.02 46.01
N CYS D 6 37.87 -25.42 45.13
CA CYS D 6 36.64 -26.04 44.64
C CYS D 6 36.82 -26.52 43.22
N GLY D 7 35.98 -27.47 42.82
CA GLY D 7 35.94 -27.99 41.46
C GLY D 7 35.11 -27.05 40.61
N PRO D 8 34.79 -27.39 39.34
CA PRO D 8 33.94 -26.47 38.55
C PRO D 8 32.58 -26.22 39.22
N PRO D 9 31.92 -25.08 39.00
CA PRO D 9 30.65 -24.83 39.70
C PRO D 9 29.53 -25.81 39.36
N PRO D 10 28.59 -26.05 40.31
CA PRO D 10 27.51 -27.02 40.06
C PRO D 10 26.60 -26.66 38.88
N PRO D 11 26.15 -27.64 38.08
CA PRO D 11 25.27 -27.30 36.95
C PRO D 11 23.87 -26.94 37.43
N ILE D 12 23.19 -26.07 36.67
CA ILE D 12 21.81 -25.72 36.99
C ILE D 12 20.97 -25.91 35.74
N ASP D 13 19.72 -26.38 35.96
CA ASP D 13 18.76 -26.62 34.88
C ASP D 13 18.22 -25.31 34.37
N ASN D 14 18.28 -25.16 33.04
CA ASN D 14 17.80 -24.02 32.25
C ASN D 14 18.53 -22.72 32.60
N GLY D 15 19.83 -22.86 32.82
CA GLY D 15 20.71 -21.76 33.14
C GLY D 15 22.16 -22.18 33.01
N ASP D 16 23.08 -21.24 33.25
CA ASP D 16 24.52 -21.45 33.19
C ASP D 16 25.27 -20.32 33.89
N ILE D 17 26.61 -20.45 34.00
CA ILE D 17 27.48 -19.43 34.59
C ILE D 17 27.83 -18.35 33.56
N THR D 18 27.89 -17.09 34.02
CA THR D 18 28.21 -15.92 33.18
C THR D 18 29.71 -15.89 32.76
N SER D 19 30.51 -16.79 33.33
CA SER D 19 31.94 -16.89 33.03
C SER D 19 32.28 -18.24 32.38
N PHE D 20 33.56 -18.44 32.04
CA PHE D 20 34.04 -19.69 31.47
C PHE D 20 34.55 -20.60 32.58
N PRO D 21 34.09 -21.88 32.62
CA PRO D 21 34.45 -22.77 33.74
C PRO D 21 35.91 -23.22 33.85
N LEU D 22 36.51 -22.95 35.02
CA LEU D 22 37.84 -23.42 35.33
C LEU D 22 37.63 -24.79 35.99
N SER D 23 38.71 -25.57 36.11
CA SER D 23 38.64 -26.90 36.73
C SER D 23 38.85 -26.77 38.25
N VAL D 24 39.66 -25.76 38.65
CA VAL D 24 39.99 -25.45 40.03
C VAL D 24 39.74 -23.98 40.36
N TYR D 25 39.05 -23.78 41.48
CA TYR D 25 38.70 -22.47 42.00
C TYR D 25 39.34 -22.26 43.35
N ALA D 26 39.94 -21.07 43.55
CA ALA D 26 40.62 -20.70 44.79
C ALA D 26 39.57 -20.36 45.86
N PRO D 27 39.89 -20.43 47.19
CA PRO D 27 38.87 -20.07 48.20
C PRO D 27 38.54 -18.60 48.09
N ALA D 28 37.26 -18.26 48.33
CA ALA D 28 36.62 -16.94 48.22
C ALA D 28 36.34 -16.52 46.78
N SER D 29 36.74 -17.36 45.77
CA SER D 29 36.43 -17.09 44.36
C SER D 29 34.94 -17.39 44.16
N SER D 30 34.29 -16.58 43.33
CA SER D 30 32.86 -16.73 43.12
C SER D 30 32.43 -16.61 41.67
N VAL D 31 31.43 -17.42 41.27
CA VAL D 31 30.84 -17.42 39.94
C VAL D 31 29.43 -16.87 39.99
N GLU D 32 28.90 -16.41 38.84
CA GLU D 32 27.56 -15.86 38.71
C GLU D 32 26.74 -16.67 37.71
N TYR D 33 25.43 -16.84 38.01
CA TYR D 33 24.47 -17.58 37.20
C TYR D 33 23.52 -16.68 36.47
N GLN D 34 23.05 -17.17 35.32
CA GLN D 34 22.07 -16.52 34.46
C GLN D 34 21.14 -17.60 33.96
N CYS D 35 19.83 -17.41 34.14
CA CYS D 35 18.83 -18.35 33.68
C CYS D 35 18.52 -18.09 32.21
N GLN D 36 17.93 -19.09 31.54
CA GLN D 36 17.52 -18.96 30.13
C GLN D 36 16.44 -17.88 30.00
N ASN D 37 16.13 -17.47 28.76
CA ASN D 37 15.28 -16.33 28.45
C ASN D 37 14.12 -16.01 29.43
N LEU D 38 13.09 -16.85 29.61
CA LEU D 38 12.00 -16.37 30.49
C LEU D 38 11.95 -17.03 31.87
N TYR D 39 13.06 -17.69 32.25
CA TYR D 39 13.27 -18.38 33.52
C TYR D 39 13.71 -17.39 34.59
N GLN D 40 13.01 -17.37 35.75
CA GLN D 40 13.29 -16.48 36.88
C GLN D 40 14.25 -17.11 37.86
N LEU D 41 15.41 -16.47 38.01
CA LEU D 41 16.42 -16.97 38.93
C LEU D 41 15.88 -16.82 40.38
N GLU D 42 15.77 -17.95 41.11
CA GLU D 42 15.32 -17.98 42.50
C GLU D 42 16.49 -18.44 43.36
N GLY D 43 16.96 -17.50 44.17
CA GLY D 43 18.09 -17.69 45.06
C GLY D 43 19.19 -16.71 44.72
N ASN D 44 20.42 -16.99 45.15
CA ASN D 44 21.54 -16.12 44.91
C ASN D 44 22.15 -16.36 43.53
N LYS D 45 22.33 -15.29 42.75
CA LYS D 45 22.93 -15.41 41.42
C LYS D 45 24.43 -15.63 41.51
N ARG D 46 25.04 -15.29 42.66
CA ARG D 46 26.47 -15.38 42.92
C ARG D 46 26.76 -16.43 44.01
N ILE D 47 27.62 -17.41 43.70
CA ILE D 47 27.99 -18.46 44.65
C ILE D 47 29.50 -18.42 44.95
N THR D 48 29.87 -18.28 46.23
CA THR D 48 31.27 -18.24 46.66
C THR D 48 31.81 -19.64 46.97
N CYS D 49 33.11 -19.84 46.78
CA CYS D 49 33.77 -21.10 47.08
C CYS D 49 34.45 -20.94 48.44
N ARG D 50 33.74 -21.25 49.53
CA ARG D 50 34.35 -21.12 50.87
C ARG D 50 34.34 -22.48 51.61
N ASN D 51 35.50 -22.85 52.20
CA ASN D 51 35.73 -24.14 52.85
C ASN D 51 35.60 -25.30 51.84
N GLY D 52 36.33 -25.19 50.71
CA GLY D 52 36.39 -26.19 49.65
C GLY D 52 35.07 -26.72 49.15
N GLN D 53 34.02 -25.86 49.21
CA GLN D 53 32.63 -26.14 48.82
C GLN D 53 31.95 -24.93 48.24
N TRP D 54 31.05 -25.17 47.28
CA TRP D 54 30.27 -24.12 46.64
C TRP D 54 28.98 -23.83 47.41
N SER D 55 28.56 -22.55 47.43
CA SER D 55 27.31 -22.07 48.04
C SER D 55 26.12 -22.71 47.30
N GLU D 56 24.94 -22.69 47.90
CA GLU D 56 23.74 -23.24 47.27
C GLU D 56 23.43 -22.51 45.95
N PRO D 57 23.51 -23.21 44.78
CA PRO D 57 23.21 -22.52 43.51
C PRO D 57 21.72 -22.24 43.35
N PRO D 58 21.36 -21.29 42.48
CA PRO D 58 19.94 -20.98 42.32
C PRO D 58 19.16 -21.96 41.43
N LYS D 59 17.84 -21.75 41.34
CA LYS D 59 16.91 -22.50 40.53
C LYS D 59 16.37 -21.53 39.49
N CYS D 60 16.04 -22.05 38.31
CA CYS D 60 15.44 -21.26 37.25
C CYS D 60 13.96 -21.59 37.22
N LEU D 61 13.16 -20.69 37.77
CA LEU D 61 11.71 -20.85 37.85
C LEU D 61 11.11 -20.83 36.45
N HIS D 62 10.50 -21.96 36.09
CA HIS D 62 9.91 -22.25 34.80
C HIS D 62 8.84 -21.28 34.31
N PRO D 63 8.91 -20.84 33.05
CA PRO D 63 7.79 -20.04 32.52
C PRO D 63 6.68 -21.02 32.05
N CYS D 64 5.52 -20.47 31.66
CA CYS D 64 4.36 -21.23 31.20
C CYS D 64 4.15 -21.05 29.72
N VAL D 65 4.16 -22.16 28.97
CA VAL D 65 3.89 -22.15 27.53
C VAL D 65 2.39 -22.46 27.32
N ILE D 66 1.66 -21.46 26.79
CA ILE D 66 0.23 -21.58 26.54
C ILE D 66 0.05 -21.81 25.05
N SER D 67 -0.03 -23.09 24.65
CA SER D 67 -0.17 -23.47 23.25
C SER D 67 -1.64 -23.44 22.79
N ARG D 68 -1.90 -23.37 21.46
CA ARG D 68 -3.31 -23.39 21.00
C ARG D 68 -3.96 -24.79 21.21
N GLU D 69 -3.13 -25.87 21.26
CA GLU D 69 -3.55 -27.25 21.52
C GLU D 69 -4.24 -27.31 22.86
N ILE D 70 -3.59 -26.75 23.91
CA ILE D 70 -4.13 -26.71 25.27
C ILE D 70 -5.44 -25.93 25.32
N MET D 71 -5.43 -24.72 24.77
CA MET D 71 -6.60 -23.85 24.75
C MET D 71 -7.78 -24.46 24.02
N GLU D 72 -7.54 -25.20 22.92
CA GLU D 72 -8.60 -25.86 22.16
C GLU D 72 -9.20 -27.05 22.94
N ASN D 73 -8.35 -27.73 23.73
CA ASN D 73 -8.73 -28.88 24.54
C ASN D 73 -9.63 -28.51 25.71
N TYR D 74 -9.36 -27.37 26.38
CA TYR D 74 -10.16 -26.91 27.52
C TYR D 74 -11.38 -26.09 27.06
N ASN D 75 -11.53 -25.94 25.72
CA ASN D 75 -12.56 -25.18 25.01
C ASN D 75 -12.56 -23.71 25.44
N ILE D 76 -11.33 -23.15 25.61
CA ILE D 76 -11.01 -21.79 26.01
C ILE D 76 -10.25 -21.05 24.87
N ALA D 77 -9.89 -19.77 25.09
CA ALA D 77 -9.13 -18.92 24.15
C ALA D 77 -8.69 -17.64 24.86
N LEU D 78 -7.51 -17.10 24.50
CA LEU D 78 -6.98 -15.86 25.07
C LEU D 78 -7.94 -14.70 24.78
N ARG D 79 -8.36 -13.99 25.83
CA ARG D 79 -9.30 -12.87 25.76
C ARG D 79 -8.72 -11.61 25.12
N TRP D 80 -7.51 -11.22 25.54
CA TRP D 80 -6.90 -9.94 25.17
C TRP D 80 -6.00 -9.94 23.94
N THR D 81 -5.70 -11.10 23.36
CA THR D 81 -4.83 -11.12 22.20
C THR D 81 -5.25 -12.16 21.16
N ALA D 82 -4.80 -11.93 19.91
CA ALA D 82 -5.06 -12.82 18.78
C ALA D 82 -4.06 -14.00 18.78
N LYS D 83 -2.90 -13.84 19.45
CA LYS D 83 -1.82 -14.83 19.58
C LYS D 83 -2.35 -16.22 19.94
N GLN D 84 -1.76 -17.26 19.33
CA GLN D 84 -2.15 -18.66 19.54
C GLN D 84 -1.16 -19.39 20.47
N LYS D 85 0.00 -18.77 20.72
CA LYS D 85 1.00 -19.25 21.65
C LYS D 85 1.41 -18.05 22.51
N LEU D 86 1.64 -18.30 23.80
CA LEU D 86 2.04 -17.27 24.75
C LEU D 86 3.02 -17.86 25.74
N TYR D 87 4.15 -17.15 25.96
CA TYR D 87 5.17 -17.58 26.92
C TYR D 87 5.09 -16.69 28.14
N SER D 88 4.24 -17.04 29.11
CA SER D 88 4.12 -16.26 30.33
C SER D 88 5.24 -16.59 31.29
N ARG D 89 5.86 -15.55 31.88
CA ARG D 89 6.91 -15.74 32.85
C ARG D 89 6.26 -16.07 34.19
N THR D 90 7.04 -16.65 35.10
CA THR D 90 6.60 -16.91 36.46
C THR D 90 6.18 -15.56 37.05
N GLY D 91 4.97 -15.53 37.56
CA GLY D 91 4.38 -14.34 38.16
C GLY D 91 3.48 -13.56 37.23
N GLU D 92 3.57 -13.82 35.90
CA GLU D 92 2.74 -13.12 34.92
C GLU D 92 1.36 -13.76 34.88
N SER D 93 0.30 -12.92 34.84
CA SER D 93 -1.10 -13.35 34.79
C SER D 93 -1.60 -13.47 33.36
N VAL D 94 -2.62 -14.30 33.11
CA VAL D 94 -3.20 -14.62 31.80
C VAL D 94 -4.72 -14.77 31.92
N GLU D 95 -5.49 -14.06 31.07
CA GLU D 95 -6.96 -14.14 31.09
C GLU D 95 -7.54 -14.72 29.79
N PHE D 96 -8.37 -15.77 29.96
CA PHE D 96 -9.05 -16.49 28.90
C PHE D 96 -10.55 -16.17 28.83
N VAL D 97 -11.22 -16.71 27.81
CA VAL D 97 -12.66 -16.66 27.56
C VAL D 97 -13.08 -18.05 27.12
N CYS D 98 -14.36 -18.43 27.36
CA CYS D 98 -14.87 -19.71 26.89
C CYS D 98 -15.12 -19.58 25.38
N LYS D 99 -14.34 -20.33 24.58
CA LYS D 99 -14.41 -20.37 23.11
C LYS D 99 -15.90 -20.41 22.70
N ARG D 100 -16.33 -19.47 21.80
CA ARG D 100 -17.72 -19.28 21.33
C ARG D 100 -18.51 -20.59 21.20
N GLY D 101 -19.61 -20.67 21.95
CA GLY D 101 -20.48 -21.84 22.00
C GLY D 101 -20.40 -22.62 23.31
N TYR D 102 -19.27 -22.53 24.03
CA TYR D 102 -19.04 -23.24 25.30
C TYR D 102 -19.26 -22.34 26.54
N ARG D 103 -19.64 -22.96 27.69
CA ARG D 103 -19.88 -22.28 28.97
C ARG D 103 -18.90 -22.81 29.98
N LEU D 104 -18.51 -21.96 30.97
CA LEU D 104 -17.53 -22.29 32.03
C LEU D 104 -18.01 -23.39 33.01
N SER D 105 -17.26 -24.49 33.04
CA SER D 105 -17.52 -25.64 33.90
C SER D 105 -16.71 -25.51 35.21
N SER D 106 -15.58 -24.76 35.20
CA SER D 106 -14.76 -24.55 36.40
C SER D 106 -15.28 -23.37 37.21
N ARG D 107 -14.57 -23.02 38.32
CA ARG D 107 -14.96 -21.89 39.19
C ARG D 107 -14.85 -20.57 38.42
N SER D 108 -15.61 -19.52 38.84
CA SER D 108 -15.67 -18.23 38.13
C SER D 108 -14.36 -17.44 38.09
N HIS D 109 -13.57 -17.51 39.17
CA HIS D 109 -12.28 -16.82 39.27
C HIS D 109 -11.22 -17.43 38.35
N THR D 110 -11.41 -18.71 37.95
CA THR D 110 -10.47 -19.48 37.13
C THR D 110 -10.30 -18.94 35.69
N LEU D 111 -11.02 -17.86 35.29
CA LEU D 111 -10.86 -17.27 33.96
C LEU D 111 -9.57 -16.42 33.84
N ARG D 112 -9.03 -16.04 35.00
CA ARG D 112 -7.79 -15.29 35.15
C ARG D 112 -6.85 -16.18 35.98
N THR D 113 -5.71 -16.54 35.42
CA THR D 113 -4.75 -17.38 36.11
C THR D 113 -3.37 -16.79 36.05
N THR D 114 -2.51 -17.15 37.02
CA THR D 114 -1.14 -16.66 37.07
C THR D 114 -0.15 -17.82 36.92
N CYS D 115 0.92 -17.57 36.17
CA CYS D 115 1.96 -18.56 35.93
C CYS D 115 2.84 -18.75 37.17
N TRP D 116 3.03 -20.00 37.59
CA TRP D 116 3.89 -20.29 38.73
C TRP D 116 4.74 -21.49 38.45
N ASP D 117 6.04 -21.28 38.26
CA ASP D 117 7.05 -22.30 37.97
C ASP D 117 6.54 -23.36 36.99
N GLY D 118 6.15 -22.89 35.82
CA GLY D 118 5.66 -23.72 34.72
C GLY D 118 4.26 -24.28 34.89
N LYS D 119 3.55 -23.88 35.96
CA LYS D 119 2.20 -24.38 36.25
C LYS D 119 1.17 -23.29 36.24
N LEU D 120 0.34 -23.26 35.19
CA LEU D 120 -0.73 -22.29 35.05
C LEU D 120 -2.03 -23.08 35.09
N GLU D 121 -2.92 -22.78 36.05
CA GLU D 121 -4.21 -23.46 36.23
C GLU D 121 -5.26 -23.08 35.13
N TYR D 122 -5.32 -23.84 34.00
CA TYR D 122 -6.28 -23.56 32.92
C TYR D 122 -7.72 -23.86 33.36
N PRO D 123 -8.68 -22.97 33.01
CA PRO D 123 -10.09 -23.22 33.36
C PRO D 123 -10.75 -24.21 32.39
N THR D 124 -11.92 -24.75 32.75
CA THR D 124 -12.63 -25.70 31.88
C THR D 124 -13.95 -25.12 31.38
N CYS D 125 -14.25 -25.36 30.09
CA CYS D 125 -15.50 -24.97 29.44
C CYS D 125 -16.07 -26.20 28.75
N ALA D 126 -17.40 -26.28 28.70
CA ALA D 126 -18.13 -27.39 28.09
C ALA D 126 -19.44 -26.92 27.44
N LYS D 127 -20.07 -27.79 26.66
CA LYS D 127 -21.37 -27.52 26.05
C LYS D 127 -22.23 -28.79 25.94
N SER E 2 15.49 -42.73 -30.54
CA SER E 2 16.95 -42.75 -30.61
C SER E 2 17.65 -41.94 -29.48
N THR E 3 18.98 -42.10 -29.35
CA THR E 3 19.75 -41.43 -28.30
C THR E 3 20.06 -39.97 -28.60
N GLY E 4 20.42 -39.26 -27.54
CA GLY E 4 20.82 -37.86 -27.56
C GLY E 4 19.71 -36.91 -27.20
N LYS E 5 18.53 -37.43 -26.79
CA LYS E 5 17.41 -36.56 -26.46
C LYS E 5 17.60 -35.96 -25.09
N CYS E 6 17.22 -34.70 -24.93
CA CYS E 6 17.33 -34.00 -23.66
C CYS E 6 15.94 -33.85 -23.04
N GLY E 7 15.94 -33.68 -21.72
CA GLY E 7 14.73 -33.42 -20.95
C GLY E 7 14.44 -31.94 -21.03
N PRO E 8 13.47 -31.40 -20.26
CA PRO E 8 13.22 -29.95 -20.33
C PRO E 8 14.46 -29.13 -19.94
N PRO E 9 14.64 -27.90 -20.49
CA PRO E 9 15.85 -27.13 -20.15
C PRO E 9 15.96 -26.76 -18.67
N PRO E 10 17.21 -26.62 -18.14
CA PRO E 10 17.37 -26.30 -16.72
C PRO E 10 16.74 -24.98 -16.29
N PRO E 11 16.11 -24.88 -15.11
CA PRO E 11 15.58 -23.58 -14.68
C PRO E 11 16.70 -22.63 -14.22
N ILE E 12 16.50 -21.33 -14.35
CA ILE E 12 17.48 -20.36 -13.91
C ILE E 12 16.83 -19.34 -13.00
N ASP E 13 17.58 -18.85 -12.01
CA ASP E 13 17.09 -17.86 -11.06
C ASP E 13 17.02 -16.49 -11.70
N ASN E 14 15.85 -15.84 -11.54
CA ASN E 14 15.47 -14.50 -12.02
C ASN E 14 15.50 -14.41 -13.53
N GLY E 15 15.08 -15.48 -14.18
CA GLY E 15 15.00 -15.60 -15.62
C GLY E 15 14.18 -16.79 -16.03
N ASP E 16 14.02 -16.99 -17.33
CA ASP E 16 13.24 -18.10 -17.91
C ASP E 16 13.56 -18.24 -19.40
N ILE E 17 13.02 -19.31 -20.02
CA ILE E 17 13.18 -19.56 -21.45
C ILE E 17 12.18 -18.74 -22.26
N THR E 18 12.62 -18.24 -23.43
CA THR E 18 11.79 -17.44 -24.33
C THR E 18 10.68 -18.28 -25.01
N SER E 19 10.73 -19.60 -24.83
CA SER E 19 9.75 -20.52 -25.40
C SER E 19 8.99 -21.28 -24.31
N PHE E 20 8.04 -22.15 -24.73
CA PHE E 20 7.29 -22.99 -23.83
C PHE E 20 7.98 -24.36 -23.74
N PRO E 21 8.18 -24.85 -22.49
CA PRO E 21 8.95 -26.09 -22.31
C PRO E 21 8.32 -27.41 -22.81
N LEU E 22 9.07 -28.11 -23.67
CA LEU E 22 8.68 -29.44 -24.10
C LEU E 22 9.31 -30.40 -23.08
N SER E 23 8.88 -31.68 -23.09
CA SER E 23 9.38 -32.69 -22.16
C SER E 23 10.61 -33.36 -22.74
N VAL E 24 10.62 -33.46 -24.08
CA VAL E 24 11.70 -34.09 -24.87
C VAL E 24 12.19 -33.16 -25.98
N TYR E 25 13.53 -33.05 -26.05
CA TYR E 25 14.23 -32.26 -27.03
C TYR E 25 15.16 -33.15 -27.85
N ALA E 26 15.10 -33.02 -29.17
CA ALA E 26 15.94 -33.74 -30.13
C ALA E 26 17.39 -33.22 -30.04
N PRO E 27 18.43 -33.98 -30.45
CA PRO E 27 19.79 -33.41 -30.44
C PRO E 27 19.88 -32.24 -31.42
N ALA E 28 20.64 -31.21 -31.07
CA ALA E 28 20.82 -29.94 -31.77
C ALA E 28 19.65 -28.98 -31.58
N SER E 29 18.59 -29.39 -30.83
CA SER E 29 17.49 -28.48 -30.44
C SER E 29 18.08 -27.46 -29.48
N SER E 30 17.65 -26.20 -29.56
CA SER E 30 18.17 -25.15 -28.68
C SER E 30 17.10 -24.21 -28.20
N VAL E 31 17.19 -23.81 -26.91
CA VAL E 31 16.29 -22.87 -26.25
C VAL E 31 17.10 -21.60 -25.93
N GLU E 32 16.36 -20.48 -25.73
CA GLU E 32 16.94 -19.18 -25.38
C GLU E 32 16.43 -18.69 -24.03
N TYR E 33 17.30 -18.02 -23.28
CA TYR E 33 17.02 -17.46 -21.97
C TYR E 33 16.90 -15.95 -22.01
N GLN E 34 16.07 -15.43 -21.10
CA GLN E 34 15.84 -14.03 -20.91
C GLN E 34 15.78 -13.81 -19.41
N CYS E 35 16.59 -12.86 -18.91
CA CYS E 35 16.61 -12.53 -17.48
C CYS E 35 15.49 -11.54 -17.18
N GLN E 36 15.08 -11.44 -15.91
CA GLN E 36 14.05 -10.50 -15.47
C GLN E 36 14.55 -9.06 -15.69
N ASN E 37 13.64 -8.08 -15.57
CA ASN E 37 13.87 -6.68 -15.92
C ASN E 37 15.32 -6.13 -15.82
N LEU E 38 15.95 -5.98 -14.65
CA LEU E 38 17.26 -5.31 -14.74
C LEU E 38 18.44 -6.25 -14.51
N TYR E 39 18.17 -7.52 -14.71
CA TYR E 39 19.15 -8.57 -14.56
C TYR E 39 19.96 -8.72 -15.83
N GLN E 40 21.30 -8.81 -15.68
CA GLN E 40 22.24 -8.94 -16.80
C GLN E 40 22.54 -10.39 -17.04
N LEU E 41 22.19 -10.89 -18.21
CA LEU E 41 22.47 -12.28 -18.54
C LEU E 41 23.98 -12.46 -18.70
N GLU E 42 24.59 -13.33 -17.88
CA GLU E 42 26.02 -13.62 -17.93
C GLU E 42 26.22 -15.05 -18.35
N GLY E 43 26.74 -15.19 -19.57
CA GLY E 43 26.96 -16.47 -20.23
C GLY E 43 26.23 -16.48 -21.55
N ASN E 44 25.95 -17.67 -22.00
CA ASN E 44 25.26 -17.98 -23.26
C ASN E 44 23.75 -17.88 -23.12
N LYS E 45 23.08 -17.07 -23.97
CA LYS E 45 21.63 -16.95 -23.90
C LYS E 45 20.93 -18.10 -24.56
N ARG E 46 21.58 -18.77 -25.53
CA ARG E 46 20.97 -19.94 -26.17
C ARG E 46 21.73 -21.17 -25.76
N ILE E 47 21.04 -22.27 -25.44
CA ILE E 47 21.73 -23.51 -25.04
C ILE E 47 21.32 -24.67 -25.96
N THR E 48 22.28 -25.28 -26.66
CA THR E 48 21.97 -26.40 -27.52
C THR E 48 21.95 -27.69 -26.73
N CYS E 49 21.17 -28.66 -27.21
CA CYS E 49 21.06 -29.99 -26.60
C CYS E 49 21.95 -30.94 -27.40
N ARG E 50 23.15 -31.22 -26.85
CA ARG E 50 24.18 -32.05 -27.48
C ARG E 50 24.62 -33.20 -26.62
N ASN E 51 24.65 -34.42 -27.21
CA ASN E 51 25.05 -35.66 -26.54
C ASN E 51 24.13 -36.01 -25.34
N GLY E 52 22.85 -35.69 -25.48
CA GLY E 52 21.85 -35.94 -24.45
C GLY E 52 21.98 -35.06 -23.22
N GLN E 53 22.57 -33.85 -23.38
CA GLN E 53 22.79 -32.87 -22.32
C GLN E 53 22.69 -31.45 -22.83
N TRP E 54 22.16 -30.56 -21.97
CA TRP E 54 22.06 -29.15 -22.26
C TRP E 54 23.35 -28.47 -21.89
N SER E 55 23.66 -27.38 -22.60
CA SER E 55 24.81 -26.53 -22.36
C SER E 55 24.61 -25.79 -21.04
N GLU E 56 25.68 -25.18 -20.52
CA GLU E 56 25.58 -24.47 -19.28
C GLU E 56 24.69 -23.29 -19.44
N PRO E 57 23.62 -23.21 -18.63
CA PRO E 57 22.71 -22.07 -18.73
C PRO E 57 23.33 -20.80 -18.13
N PRO E 58 22.86 -19.60 -18.44
CA PRO E 58 23.50 -18.42 -17.87
C PRO E 58 23.05 -18.14 -16.45
N LYS E 59 23.56 -17.03 -15.93
CA LYS E 59 23.24 -16.48 -14.63
C LYS E 59 22.68 -15.12 -14.91
N CYS E 60 21.76 -14.68 -14.06
CA CYS E 60 21.15 -13.38 -14.15
C CYS E 60 21.79 -12.51 -13.09
N LEU E 61 22.75 -11.66 -13.51
CA LEU E 61 23.50 -10.80 -12.62
C LEU E 61 22.56 -9.80 -11.99
N HIS E 62 22.49 -9.86 -10.67
CA HIS E 62 21.63 -9.05 -9.82
C HIS E 62 21.79 -7.54 -9.93
N PRO E 63 20.69 -6.77 -10.04
CA PRO E 63 20.82 -5.32 -9.99
C PRO E 63 20.87 -4.91 -8.51
N CYS E 64 21.11 -3.62 -8.24
CA CYS E 64 21.19 -3.07 -6.88
C CYS E 64 20.01 -2.21 -6.58
N VAL E 65 19.26 -2.56 -5.51
CA VAL E 65 18.11 -1.78 -5.08
C VAL E 65 18.59 -0.85 -3.95
N ILE E 66 18.53 0.46 -4.22
CA ILE E 66 18.94 1.48 -3.26
C ILE E 66 17.68 2.08 -2.69
N SER E 67 17.23 1.53 -1.56
CA SER E 67 16.00 1.97 -0.89
C SER E 67 16.24 3.19 -0.01
N ARG E 68 15.16 3.96 0.28
CA ARG E 68 15.17 5.13 1.17
C ARG E 68 15.65 4.73 2.59
N GLU E 69 15.27 3.52 3.04
CA GLU E 69 15.63 2.90 4.31
C GLU E 69 17.17 2.84 4.49
N ILE E 70 17.87 2.19 3.51
CA ILE E 70 19.33 2.01 3.48
C ILE E 70 20.04 3.38 3.42
N MET E 71 19.51 4.28 2.58
CA MET E 71 20.04 5.63 2.36
C MET E 71 20.11 6.47 3.63
N GLU E 72 18.97 6.64 4.34
CA GLU E 72 18.93 7.41 5.59
C GLU E 72 19.63 6.70 6.78
N ASN E 73 19.80 5.36 6.70
CA ASN E 73 20.47 4.50 7.69
C ASN E 73 21.94 4.93 7.86
N TYR E 74 22.73 4.89 6.77
CA TYR E 74 24.14 5.28 6.72
C TYR E 74 24.36 6.80 6.87
N ASN E 75 23.27 7.61 6.94
CA ASN E 75 23.24 9.09 7.02
C ASN E 75 23.58 9.72 5.65
N ILE E 76 23.33 8.97 4.57
CA ILE E 76 23.59 9.35 3.17
C ILE E 76 22.30 9.71 2.39
N ALA E 77 22.52 10.27 1.20
CA ALA E 77 21.48 10.67 0.27
C ALA E 77 22.08 10.66 -1.13
N LEU E 78 21.20 10.60 -2.10
CA LEU E 78 21.49 10.53 -3.52
C LEU E 78 21.47 11.92 -4.14
N ARG E 79 22.58 12.34 -4.73
CA ARG E 79 22.60 13.59 -5.49
C ARG E 79 22.47 13.21 -6.95
N TRP E 80 22.21 14.19 -7.85
CA TRP E 80 22.03 14.01 -9.31
C TRP E 80 20.61 13.47 -9.65
N THR E 81 19.69 13.40 -8.64
CA THR E 81 18.26 12.98 -8.66
C THR E 81 17.68 12.94 -7.20
N ALA E 82 16.42 13.41 -7.05
CA ALA E 82 15.69 13.50 -5.79
C ALA E 82 15.08 12.17 -5.37
N LYS E 83 15.05 11.18 -6.29
CA LYS E 83 14.50 9.84 -6.10
C LYS E 83 14.90 9.21 -4.77
N GLN E 84 13.97 8.47 -4.14
CA GLN E 84 14.18 7.83 -2.85
C GLN E 84 14.47 6.32 -2.99
N LYS E 85 14.19 5.77 -4.18
CA LYS E 85 14.50 4.39 -4.55
C LYS E 85 15.17 4.45 -5.91
N LEU E 86 16.19 3.62 -6.10
CA LEU E 86 16.93 3.55 -7.35
C LEU E 86 17.28 2.12 -7.65
N TYR E 87 17.00 1.68 -8.90
CA TYR E 87 17.33 0.32 -9.32
C TYR E 87 18.52 0.39 -10.28
N SER E 88 19.74 0.34 -9.74
CA SER E 88 20.94 0.37 -10.57
C SER E 88 21.23 -1.01 -11.11
N ARG E 89 21.48 -1.15 -12.40
CA ARG E 89 21.78 -2.50 -12.83
C ARG E 89 23.27 -2.75 -12.73
N THR E 90 23.71 -3.99 -12.95
CA THR E 90 25.12 -4.41 -12.84
C THR E 90 25.96 -3.54 -13.80
N GLY E 91 26.89 -2.78 -13.22
CA GLY E 91 27.80 -1.92 -13.95
C GLY E 91 27.51 -0.44 -13.84
N GLU E 92 26.29 -0.10 -13.39
CA GLU E 92 25.88 1.29 -13.24
C GLU E 92 26.44 1.85 -11.94
N SER E 93 26.95 3.10 -11.99
CA SER E 93 27.53 3.79 -10.82
C SER E 93 26.48 4.66 -10.14
N VAL E 94 26.58 4.84 -8.80
CA VAL E 94 25.66 5.65 -8.03
C VAL E 94 26.45 6.60 -7.16
N GLU E 95 26.30 7.92 -7.40
CA GLU E 95 26.99 9.00 -6.68
C GLU E 95 26.20 9.47 -5.45
N PHE E 96 26.67 9.08 -4.22
CA PHE E 96 26.06 9.49 -2.92
C PHE E 96 26.64 10.85 -2.47
N VAL E 97 25.92 11.62 -1.63
CA VAL E 97 26.44 12.93 -1.19
C VAL E 97 26.28 13.17 0.29
N CYS E 98 26.24 12.09 1.09
CA CYS E 98 26.09 12.14 2.55
C CYS E 98 24.74 12.86 2.87
N LYS E 99 24.69 13.84 3.81
CA LYS E 99 23.43 14.55 4.10
C LYS E 99 23.63 16.02 4.44
N ARG E 100 22.51 16.71 4.73
CA ARG E 100 22.47 18.13 5.12
C ARG E 100 23.12 18.29 6.49
N GLY E 101 24.27 18.97 6.51
CA GLY E 101 25.04 19.21 7.73
C GLY E 101 25.92 18.04 8.16
N TYR E 102 25.82 16.90 7.47
CA TYR E 102 26.63 15.71 7.77
C TYR E 102 27.88 15.69 6.89
N ARG E 103 29.00 15.15 7.44
CA ARG E 103 30.30 15.05 6.77
C ARG E 103 30.79 13.61 6.48
N LEU E 104 31.64 13.48 5.44
CA LEU E 104 32.30 12.26 4.93
C LEU E 104 32.98 11.44 6.05
N SER E 105 32.76 10.10 6.02
CA SER E 105 33.34 9.17 7.00
C SER E 105 34.06 7.99 6.29
N HIS E 109 33.78 4.18 2.08
CA HIS E 109 34.66 5.34 2.20
C HIS E 109 34.66 6.26 0.98
N THR E 110 34.06 5.79 -0.15
CA THR E 110 33.95 6.55 -1.39
C THR E 110 32.47 6.85 -1.67
N LEU E 111 32.14 8.14 -1.81
CA LEU E 111 30.78 8.62 -2.12
C LEU E 111 30.26 7.99 -3.40
N ARG E 112 31.14 7.77 -4.40
CA ARG E 112 30.79 7.13 -5.67
C ARG E 112 31.08 5.63 -5.60
N THR E 113 30.07 4.79 -5.90
CA THR E 113 30.17 3.32 -5.90
C THR E 113 29.49 2.73 -7.13
N THR E 114 29.88 1.53 -7.53
CA THR E 114 29.30 0.88 -8.70
C THR E 114 28.59 -0.41 -8.31
N CYS E 115 27.47 -0.70 -8.98
CA CYS E 115 26.69 -1.90 -8.73
C CYS E 115 27.35 -3.12 -9.37
N TRP E 116 27.61 -4.17 -8.59
CA TRP E 116 28.10 -5.42 -9.15
C TRP E 116 27.34 -6.56 -8.53
N ASP E 117 26.57 -7.27 -9.35
CA ASP E 117 25.77 -8.44 -8.98
C ASP E 117 25.08 -8.27 -7.61
N GLY E 118 24.27 -7.23 -7.51
CA GLY E 118 23.49 -6.91 -6.34
C GLY E 118 24.25 -6.33 -5.17
N LYS E 119 25.56 -6.12 -5.33
CA LYS E 119 26.39 -5.62 -4.24
C LYS E 119 26.98 -4.25 -4.52
N LEU E 120 26.48 -3.28 -3.74
CA LEU E 120 26.86 -1.89 -3.72
C LEU E 120 27.61 -1.69 -2.43
N GLU E 121 28.46 -0.65 -2.36
CA GLU E 121 29.25 -0.35 -1.16
C GLU E 121 28.93 1.05 -0.60
N TYR E 122 27.82 1.14 0.16
CA TYR E 122 27.32 2.38 0.77
C TYR E 122 28.35 2.99 1.73
N PRO E 123 28.95 4.17 1.43
CA PRO E 123 29.92 4.76 2.36
C PRO E 123 29.26 5.20 3.66
N THR E 124 29.92 4.96 4.83
CA THR E 124 29.40 5.39 6.14
C THR E 124 29.45 6.94 6.26
N CYS E 125 28.54 7.52 7.07
CA CYS E 125 28.47 8.97 7.22
C CYS E 125 28.16 9.43 8.63
N ALA E 126 28.89 10.46 9.08
CA ALA E 126 28.74 11.01 10.41
C ALA E 126 28.38 12.50 10.35
N THR F 3 -43.17 8.82 17.18
CA THR F 3 -43.67 9.12 15.83
C THR F 3 -42.60 8.82 14.72
N GLY F 4 -43.04 8.78 13.46
CA GLY F 4 -42.22 8.46 12.29
C GLY F 4 -41.21 9.49 11.78
N LYS F 5 -40.27 9.94 12.66
CA LYS F 5 -39.19 10.88 12.31
C LYS F 5 -38.11 10.14 11.52
N CYS F 6 -37.32 10.87 10.69
CA CYS F 6 -36.25 10.27 9.87
C CYS F 6 -34.88 10.76 10.26
N GLY F 7 -33.86 9.98 9.94
CA GLY F 7 -32.47 10.38 10.15
C GLY F 7 -32.04 11.26 9.01
N PRO F 8 -30.75 11.63 8.89
CA PRO F 8 -30.33 12.47 7.75
C PRO F 8 -30.61 11.77 6.40
N PRO F 9 -30.85 12.53 5.30
CA PRO F 9 -31.19 11.88 4.03
C PRO F 9 -30.09 10.97 3.46
N PRO F 10 -30.48 9.94 2.66
CA PRO F 10 -29.46 9.02 2.09
C PRO F 10 -28.47 9.70 1.15
N PRO F 11 -27.17 9.33 1.18
CA PRO F 11 -26.23 9.97 0.27
C PRO F 11 -26.39 9.45 -1.16
N ILE F 12 -26.09 10.29 -2.15
CA ILE F 12 -26.13 9.89 -3.55
C ILE F 12 -24.80 10.24 -4.20
N ASP F 13 -24.36 9.38 -5.13
CA ASP F 13 -23.09 9.57 -5.83
C ASP F 13 -23.22 10.65 -6.86
N ASN F 14 -22.24 11.58 -6.84
CA ASN F 14 -22.09 12.75 -7.72
C ASN F 14 -23.26 13.73 -7.60
N GLY F 15 -23.74 13.88 -6.38
CA GLY F 15 -24.82 14.78 -6.05
C GLY F 15 -24.91 14.97 -4.55
N ASP F 16 -25.85 15.82 -4.11
CA ASP F 16 -26.09 16.11 -2.70
C ASP F 16 -27.44 16.79 -2.52
N ILE F 17 -27.84 17.00 -1.26
CA ILE F 17 -29.08 17.68 -0.90
C ILE F 17 -28.91 19.19 -1.04
N THR F 18 -29.94 19.90 -1.55
CA THR F 18 -29.92 21.37 -1.76
C THR F 18 -29.90 22.12 -0.44
N SER F 19 -30.44 21.51 0.63
CA SER F 19 -30.54 22.07 1.97
C SER F 19 -29.34 21.73 2.86
N PHE F 20 -29.42 22.08 4.15
CA PHE F 20 -28.38 21.77 5.13
C PHE F 20 -28.86 20.54 5.89
N PRO F 21 -28.01 19.51 6.10
CA PRO F 21 -28.51 18.26 6.72
C PRO F 21 -28.79 18.32 8.22
N LEU F 22 -30.05 18.02 8.59
CA LEU F 22 -30.41 17.94 9.99
C LEU F 22 -30.16 16.48 10.38
N SER F 23 -30.14 16.21 11.69
CA SER F 23 -29.94 14.85 12.22
C SER F 23 -31.29 14.13 12.32
N VAL F 24 -32.35 14.91 12.58
CA VAL F 24 -33.73 14.44 12.75
C VAL F 24 -34.70 15.27 11.89
N TYR F 25 -35.54 14.60 11.11
CA TYR F 25 -36.53 15.24 10.25
C TYR F 25 -37.91 14.83 10.71
N ALA F 26 -38.88 15.73 10.59
CA ALA F 26 -40.27 15.46 11.00
C ALA F 26 -41.00 14.66 9.91
N PRO F 27 -42.08 13.89 10.22
CA PRO F 27 -42.78 13.17 9.14
C PRO F 27 -43.41 14.17 8.17
N ALA F 28 -43.44 13.82 6.88
CA ALA F 28 -43.89 14.61 5.72
C ALA F 28 -42.86 15.71 5.30
N SER F 29 -41.74 15.85 6.06
CA SER F 29 -40.69 16.77 5.66
C SER F 29 -39.95 16.15 4.49
N SER F 30 -39.50 16.99 3.55
CA SER F 30 -38.84 16.51 2.35
C SER F 30 -37.61 17.32 1.99
N VAL F 31 -36.59 16.63 1.47
CA VAL F 31 -35.33 17.24 0.99
C VAL F 31 -35.28 17.11 -0.52
N GLU F 32 -34.46 17.99 -1.15
CA GLU F 32 -34.28 18.03 -2.59
C GLU F 32 -32.83 17.76 -2.96
N TYR F 33 -32.63 17.04 -4.06
CA TYR F 33 -31.32 16.64 -4.59
C TYR F 33 -30.93 17.45 -5.81
N GLN F 34 -29.62 17.61 -5.97
CA GLN F 34 -29.00 18.30 -7.07
C GLN F 34 -27.78 17.49 -7.44
N CYS F 35 -27.66 17.14 -8.73
CA CYS F 35 -26.50 16.39 -9.23
C CYS F 35 -25.39 17.36 -9.57
N GLN F 36 -24.15 16.88 -9.61
CA GLN F 36 -23.00 17.72 -9.96
C GLN F 36 -23.14 18.25 -11.41
N ASN F 37 -22.28 19.20 -11.80
CA ASN F 37 -22.32 19.77 -13.14
C ASN F 37 -22.21 18.71 -14.21
N LEU F 38 -23.20 18.71 -15.11
CA LEU F 38 -23.43 17.91 -16.31
C LEU F 38 -23.98 16.50 -16.04
N TYR F 39 -24.15 16.16 -14.77
CA TYR F 39 -24.78 14.90 -14.40
C TYR F 39 -26.30 15.13 -14.52
N GLN F 40 -27.02 14.10 -14.98
CA GLN F 40 -28.47 14.16 -15.17
C GLN F 40 -29.20 13.42 -14.08
N LEU F 41 -29.98 14.14 -13.29
CA LEU F 41 -30.74 13.53 -12.22
C LEU F 41 -31.81 12.61 -12.84
N GLU F 42 -31.76 11.32 -12.52
CA GLU F 42 -32.72 10.32 -13.01
C GLU F 42 -33.53 9.81 -11.82
N GLY F 43 -34.79 10.20 -11.80
CA GLY F 43 -35.73 9.88 -10.72
C GLY F 43 -36.30 11.15 -10.12
N ASN F 44 -36.83 11.04 -8.90
CA ASN F 44 -37.44 12.19 -8.22
C ASN F 44 -36.39 13.03 -7.50
N LYS F 45 -36.40 14.37 -7.74
CA LYS F 45 -35.44 15.25 -7.08
C LYS F 45 -35.81 15.52 -5.63
N ARG F 46 -37.07 15.29 -5.27
CA ARG F 46 -37.58 15.47 -3.91
C ARG F 46 -38.00 14.12 -3.33
N ILE F 47 -37.63 13.87 -2.05
CA ILE F 47 -37.92 12.63 -1.31
C ILE F 47 -38.54 12.98 0.05
N THR F 48 -39.75 12.48 0.31
CA THR F 48 -40.47 12.75 1.55
C THR F 48 -40.10 11.74 2.64
N CYS F 49 -40.21 12.17 3.90
CA CYS F 49 -39.95 11.32 5.06
C CYS F 49 -41.28 10.84 5.61
N ARG F 50 -41.60 9.56 5.36
CA ARG F 50 -42.85 8.98 5.82
C ARG F 50 -42.58 7.70 6.62
N ASN F 51 -43.43 7.43 7.64
CA ASN F 51 -43.36 6.26 8.54
C ASN F 51 -41.93 5.97 9.03
N GLY F 52 -41.18 7.04 9.25
CA GLY F 52 -39.81 6.96 9.74
C GLY F 52 -38.82 6.46 8.71
N GLN F 53 -39.12 6.68 7.40
CA GLN F 53 -38.29 6.26 6.28
C GLN F 53 -38.31 7.24 5.13
N TRP F 54 -37.17 7.33 4.42
CA TRP F 54 -37.00 8.17 3.25
C TRP F 54 -37.38 7.43 2.00
N SER F 55 -37.98 8.16 1.04
CA SER F 55 -38.37 7.62 -0.25
C SER F 55 -37.13 7.40 -1.11
N GLU F 56 -37.28 6.62 -2.16
CA GLU F 56 -36.22 6.27 -3.08
C GLU F 56 -35.49 7.49 -3.68
N PRO F 57 -34.19 7.71 -3.31
CA PRO F 57 -33.45 8.86 -3.87
C PRO F 57 -33.09 8.63 -5.35
N PRO F 58 -32.79 9.69 -6.12
CA PRO F 58 -32.45 9.48 -7.53
C PRO F 58 -30.99 9.02 -7.75
N LYS F 59 -30.61 8.99 -9.04
CA LYS F 59 -29.28 8.63 -9.54
C LYS F 59 -28.79 9.79 -10.40
N CYS F 60 -27.47 10.00 -10.41
CA CYS F 60 -26.86 11.04 -11.20
C CYS F 60 -26.22 10.40 -12.40
N LEU F 61 -26.89 10.49 -13.56
CA LEU F 61 -26.39 9.91 -14.80
C LEU F 61 -25.12 10.62 -15.26
N HIS F 62 -24.03 9.86 -15.31
CA HIS F 62 -22.70 10.30 -15.66
C HIS F 62 -22.53 10.95 -17.04
N PRO F 63 -21.83 12.10 -17.15
CA PRO F 63 -21.53 12.62 -18.49
C PRO F 63 -20.27 11.91 -19.01
N CYS F 64 -19.88 12.18 -20.27
CA CYS F 64 -18.70 11.60 -20.92
C CYS F 64 -17.63 12.68 -21.14
N VAL F 65 -16.43 12.45 -20.58
CA VAL F 65 -15.31 13.37 -20.75
C VAL F 65 -14.44 12.86 -21.91
N ILE F 66 -14.37 13.66 -22.99
CA ILE F 66 -13.57 13.31 -24.16
C ILE F 66 -12.32 14.16 -24.14
N SER F 67 -11.25 13.63 -23.54
CA SER F 67 -9.99 14.35 -23.39
C SER F 67 -9.12 14.27 -24.62
N ARG F 68 -8.22 15.28 -24.78
CA ARG F 68 -7.24 15.42 -25.85
C ARG F 68 -6.41 14.15 -25.96
N GLU F 69 -6.06 13.56 -24.81
CA GLU F 69 -5.26 12.35 -24.61
C GLU F 69 -5.91 11.13 -25.23
N ILE F 70 -7.16 10.83 -24.85
CA ILE F 70 -7.97 9.69 -25.36
C ILE F 70 -8.01 9.69 -26.90
N MET F 71 -8.33 10.84 -27.51
CA MET F 71 -8.43 10.99 -28.97
C MET F 71 -7.08 10.71 -29.65
N GLU F 72 -5.97 11.16 -29.03
CA GLU F 72 -4.61 10.93 -29.55
C GLU F 72 -4.24 9.45 -29.43
N ASN F 73 -4.75 8.80 -28.38
CA ASN F 73 -4.49 7.40 -28.08
C ASN F 73 -5.25 6.45 -28.99
N TYR F 74 -6.27 6.96 -29.71
CA TYR F 74 -7.07 6.15 -30.63
C TYR F 74 -6.95 6.54 -32.10
N ASN F 75 -6.09 7.53 -32.39
CA ASN F 75 -5.81 8.11 -33.71
C ASN F 75 -7.09 8.72 -34.34
N ILE F 76 -7.88 9.36 -33.45
CA ILE F 76 -9.15 10.03 -33.74
C ILE F 76 -9.06 11.52 -33.39
N ALA F 77 -10.05 12.29 -33.86
CA ALA F 77 -10.17 13.72 -33.63
C ALA F 77 -11.61 14.17 -33.85
N LEU F 78 -12.09 15.14 -33.06
CA LEU F 78 -13.44 15.68 -33.19
C LEU F 78 -13.66 16.27 -34.57
N ARG F 79 -14.73 15.81 -35.25
CA ARG F 79 -15.06 16.23 -36.62
C ARG F 79 -15.59 17.66 -36.74
N TRP F 80 -16.54 18.10 -35.91
CA TRP F 80 -17.07 19.43 -36.16
C TRP F 80 -16.53 20.57 -35.25
N THR F 81 -15.52 20.32 -34.38
CA THR F 81 -14.97 21.41 -33.56
C THR F 81 -13.43 21.33 -33.40
N ALA F 82 -12.82 22.50 -33.07
CA ALA F 82 -11.38 22.65 -32.83
C ALA F 82 -11.02 22.21 -31.41
N LYS F 83 -12.01 22.23 -30.47
CA LYS F 83 -11.88 21.83 -29.06
C LYS F 83 -11.11 20.52 -28.89
N GLN F 84 -10.27 20.47 -27.85
CA GLN F 84 -9.46 19.28 -27.53
C GLN F 84 -10.05 18.48 -26.36
N LYS F 85 -11.01 19.09 -25.64
CA LYS F 85 -11.75 18.48 -24.54
C LYS F 85 -13.22 18.76 -24.78
N LEU F 86 -14.06 17.78 -24.49
CA LEU F 86 -15.51 17.90 -24.64
C LEU F 86 -16.21 17.16 -23.52
N TYR F 87 -17.17 17.82 -22.87
CA TYR F 87 -17.93 17.22 -21.79
C TYR F 87 -19.35 16.97 -22.29
N SER F 88 -19.57 15.80 -22.90
CA SER F 88 -20.90 15.46 -23.42
C SER F 88 -21.77 14.95 -22.29
N ARG F 89 -22.98 15.49 -22.13
CA ARG F 89 -23.91 15.04 -21.08
C ARG F 89 -24.55 13.74 -21.58
N THR F 90 -25.28 13.02 -20.69
CA THR F 90 -25.97 11.80 -21.07
C THR F 90 -27.04 12.06 -22.14
N GLY F 91 -26.90 11.39 -23.30
CA GLY F 91 -27.80 11.53 -24.43
C GLY F 91 -27.25 12.33 -25.58
N GLU F 92 -26.16 13.09 -25.34
CA GLU F 92 -25.54 13.90 -26.37
C GLU F 92 -24.66 13.05 -27.26
N SER F 93 -24.74 13.26 -28.58
CA SER F 93 -23.97 12.52 -29.60
C SER F 93 -22.66 13.23 -29.93
N VAL F 94 -21.64 12.46 -30.36
CA VAL F 94 -20.29 12.92 -30.65
C VAL F 94 -19.77 12.23 -31.92
N GLU F 95 -19.33 13.04 -32.89
CA GLU F 95 -18.74 12.58 -34.13
C GLU F 95 -17.26 12.89 -34.18
N PHE F 96 -16.50 11.87 -34.56
CA PHE F 96 -15.07 11.95 -34.76
C PHE F 96 -14.76 11.77 -36.24
N VAL F 97 -13.49 11.93 -36.56
CA VAL F 97 -12.88 11.72 -37.85
C VAL F 97 -11.45 11.22 -37.53
N CYS F 98 -10.79 10.59 -38.50
CA CYS F 98 -9.47 10.04 -38.25
C CYS F 98 -8.35 10.90 -38.78
N LYS F 99 -7.30 11.01 -37.96
CA LYS F 99 -6.08 11.79 -38.19
C LYS F 99 -5.36 11.47 -39.51
N ARG F 100 -4.41 12.36 -39.89
CA ARG F 100 -3.57 12.32 -41.11
C ARG F 100 -2.91 10.96 -41.37
N GLY F 101 -3.43 10.27 -42.38
CA GLY F 101 -2.94 8.95 -42.79
C GLY F 101 -3.35 7.82 -41.87
N TYR F 102 -4.64 7.80 -41.45
CA TYR F 102 -5.25 6.77 -40.59
C TYR F 102 -6.66 6.44 -41.12
N ARG F 103 -7.00 5.12 -41.19
CA ARG F 103 -8.29 4.61 -41.67
C ARG F 103 -9.03 3.68 -40.61
N LEU F 104 -10.38 3.78 -40.59
CA LEU F 104 -11.31 3.15 -39.65
C LEU F 104 -11.30 1.60 -39.60
N SER F 105 -11.78 1.08 -38.47
CA SER F 105 -12.01 -0.33 -38.14
C SER F 105 -13.38 -0.43 -37.39
N SER F 106 -14.39 -1.05 -38.09
CA SER F 106 -15.80 -1.29 -37.71
C SER F 106 -16.68 -0.01 -37.59
N THR F 110 -18.67 3.33 -36.41
CA THR F 110 -18.28 3.56 -35.01
C THR F 110 -17.86 5.01 -34.73
N LEU F 111 -17.58 5.81 -35.80
CA LEU F 111 -17.12 7.20 -35.69
C LEU F 111 -18.12 8.10 -35.01
N ARG F 112 -19.43 7.88 -35.25
CA ARG F 112 -20.46 8.62 -34.55
C ARG F 112 -20.89 7.76 -33.35
N THR F 113 -20.97 8.37 -32.14
CA THR F 113 -21.36 7.69 -30.89
C THR F 113 -22.17 8.59 -30.00
N THR F 114 -23.01 8.01 -29.12
CA THR F 114 -23.81 8.78 -28.18
C THR F 114 -23.38 8.45 -26.76
N CYS F 115 -23.25 9.49 -25.96
CA CYS F 115 -22.89 9.39 -24.57
C CYS F 115 -24.05 8.81 -23.79
N TRP F 116 -23.78 7.78 -22.96
CA TRP F 116 -24.78 7.13 -22.12
C TRP F 116 -24.20 6.80 -20.78
N ASP F 117 -24.63 7.53 -19.72
CA ASP F 117 -24.19 7.33 -18.34
C ASP F 117 -22.67 7.06 -18.25
N GLY F 118 -21.91 8.01 -18.79
CA GLY F 118 -20.45 7.99 -18.79
C GLY F 118 -19.80 7.02 -19.74
N LYS F 119 -20.59 6.34 -20.58
CA LYS F 119 -20.07 5.36 -21.52
C LYS F 119 -20.29 5.76 -22.96
N LEU F 120 -19.18 6.02 -23.63
CA LEU F 120 -19.08 6.43 -25.04
C LEU F 120 -17.95 5.56 -25.62
N GLU F 121 -18.20 4.88 -26.75
CA GLU F 121 -17.16 4.03 -27.32
C GLU F 121 -16.44 4.69 -28.49
N TYR F 122 -15.16 4.94 -28.26
CA TYR F 122 -14.24 5.60 -29.17
C TYR F 122 -13.81 4.69 -30.32
N PRO F 123 -13.92 5.16 -31.59
CA PRO F 123 -13.47 4.31 -32.71
C PRO F 123 -11.95 4.16 -32.79
N THR F 124 -11.50 3.03 -33.34
CA THR F 124 -10.06 2.75 -33.50
C THR F 124 -9.62 3.10 -34.94
N CYS F 125 -8.47 3.78 -35.08
CA CYS F 125 -7.96 4.17 -36.39
C CYS F 125 -6.46 4.01 -36.57
N SER G 1 -15.49 0.73 20.08
CA SER G 1 -15.57 -0.72 20.14
C SER G 1 -14.37 -1.29 20.89
N LYS G 2 -13.16 -1.25 20.28
CA LYS G 2 -11.90 -1.76 20.83
C LYS G 2 -10.72 -1.09 20.10
N PHE G 3 -9.63 -0.76 20.84
CA PHE G 3 -8.38 -0.20 20.30
C PHE G 3 -7.17 -0.60 21.15
N THR G 4 -5.94 -0.49 20.58
CA THR G 4 -4.69 -0.82 21.27
C THR G 4 -3.73 0.36 21.28
N VAL G 5 -3.19 0.69 22.48
CA VAL G 5 -2.26 1.79 22.72
C VAL G 5 -0.99 1.28 23.38
N LYS G 6 0.21 1.58 22.81
CA LYS G 6 1.51 1.14 23.37
C LYS G 6 1.77 1.74 24.75
N ILE G 7 2.20 0.89 25.69
CA ILE G 7 2.43 1.30 27.07
C ILE G 7 3.91 1.07 27.52
N LYS G 8 4.43 2.04 28.31
CA LYS G 8 5.77 2.08 28.91
C LYS G 8 5.59 2.12 30.45
N ASN G 9 6.63 1.73 31.23
CA ASN G 9 6.59 1.72 32.69
C ASN G 9 7.94 1.96 33.36
N LYS G 10 7.92 2.41 34.64
CA LYS G 10 9.15 2.63 35.42
C LYS G 10 9.63 1.30 35.98
N ASP G 11 10.87 0.92 35.60
CA ASP G 11 11.53 -0.32 36.03
C ASP G 11 12.20 -0.15 37.40
N LYS G 12 13.08 -1.11 37.78
CA LYS G 12 13.86 -1.12 39.03
C LYS G 12 14.69 0.17 39.22
N SER G 13 15.40 0.61 38.15
CA SER G 13 16.26 1.80 38.13
C SER G 13 15.50 3.15 38.03
N GLY G 14 14.19 3.08 37.76
CA GLY G 14 13.34 4.26 37.63
C GLY G 14 13.27 4.85 36.23
N ASN G 15 14.00 4.24 35.28
CA ASN G 15 14.02 4.66 33.87
C ASN G 15 12.78 4.16 33.16
N TRP G 16 12.23 5.02 32.29
CA TRP G 16 11.05 4.69 31.49
C TRP G 16 11.40 3.63 30.43
N THR G 17 10.91 2.41 30.63
CA THR G 17 11.17 1.28 29.72
C THR G 17 9.86 0.79 29.07
N ASP G 18 9.92 0.33 27.80
CA ASP G 18 8.77 -0.19 27.06
C ASP G 18 8.26 -1.45 27.77
N LEU G 19 6.96 -1.46 28.15
CA LEU G 19 6.32 -2.57 28.84
C LEU G 19 5.61 -3.52 27.86
N GLY G 20 4.79 -2.93 26.99
CA GLY G 20 4.00 -3.63 25.98
C GLY G 20 2.94 -2.76 25.35
N ASP G 21 1.70 -3.29 25.25
CA ASP G 21 0.52 -2.62 24.69
C ASP G 21 -0.67 -2.82 25.59
N LEU G 22 -1.55 -1.82 25.61
CA LEU G 22 -2.78 -1.80 26.40
C LEU G 22 -3.98 -1.79 25.45
N VAL G 23 -4.85 -2.81 25.60
CA VAL G 23 -6.07 -3.00 24.82
C VAL G 23 -7.20 -2.37 25.62
N VAL G 24 -7.90 -1.42 25.03
CA VAL G 24 -9.01 -0.72 25.69
C VAL G 24 -10.33 -1.17 25.01
N ARG G 25 -11.07 -2.04 25.71
CA ARG G 25 -12.32 -2.61 25.22
C ARG G 25 -13.56 -2.05 25.90
N LYS G 26 -14.50 -1.57 25.07
CA LYS G 26 -15.78 -1.05 25.51
C LYS G 26 -16.78 -2.21 25.55
N GLU G 27 -17.37 -2.47 26.72
CA GLU G 27 -18.34 -3.55 26.89
C GLU G 27 -19.76 -3.01 27.19
N GLU G 28 -20.59 -3.79 27.91
CA GLU G 28 -21.96 -3.39 28.24
C GLU G 28 -22.10 -2.79 29.62
N ASN G 29 -21.15 -3.07 30.54
CA ASN G 29 -21.16 -2.47 31.88
C ASN G 29 -19.90 -1.62 32.14
N GLY G 30 -19.43 -0.91 31.10
CA GLY G 30 -18.28 -0.03 31.21
C GLY G 30 -17.15 -0.33 30.25
N ILE G 31 -15.91 0.06 30.64
CA ILE G 31 -14.70 -0.17 29.84
C ILE G 31 -13.77 -1.11 30.61
N ASP G 32 -13.35 -2.21 29.97
CA ASP G 32 -12.39 -3.17 30.54
C ASP G 32 -11.09 -3.04 29.76
N THR G 33 -10.00 -2.78 30.45
CA THR G 33 -8.72 -2.68 29.77
C THR G 33 -7.91 -3.94 30.02
N GLY G 34 -7.10 -4.31 29.05
CA GLY G 34 -6.25 -5.49 29.10
C GLY G 34 -4.81 -5.14 28.81
N LEU G 35 -3.89 -5.80 29.50
CA LEU G 35 -2.47 -5.54 29.32
C LEU G 35 -1.78 -6.69 28.59
N ASN G 36 -1.06 -6.36 27.50
CA ASN G 36 -0.30 -7.31 26.71
C ASN G 36 1.20 -7.01 26.85
N ALA G 37 1.85 -7.64 27.84
CA ALA G 37 3.27 -7.42 28.10
C ALA G 37 4.00 -8.76 28.07
N GLY G 38 4.36 -9.16 26.85
CA GLY G 38 5.04 -10.42 26.57
C GLY G 38 4.10 -11.58 26.79
N GLY G 39 4.36 -12.32 27.86
CA GLY G 39 3.54 -13.45 28.27
C GLY G 39 2.37 -13.04 29.14
N HIS G 40 2.39 -11.82 29.69
CA HIS G 40 1.29 -11.32 30.49
C HIS G 40 0.22 -10.81 29.52
N SER G 41 -1.01 -11.33 29.66
CA SER G 41 -2.15 -10.99 28.82
C SER G 41 -3.45 -11.20 29.59
N ALA G 42 -3.75 -10.26 30.48
CA ALA G 42 -4.94 -10.29 31.32
C ALA G 42 -5.46 -8.86 31.59
N THR G 43 -6.59 -8.71 32.36
CA THR G 43 -7.18 -7.42 32.71
C THR G 43 -6.18 -6.57 33.50
N PHE G 44 -6.10 -5.29 33.12
CA PHE G 44 -5.25 -4.30 33.77
C PHE G 44 -6.12 -3.56 34.80
N PHE G 45 -7.34 -3.15 34.39
CA PHE G 45 -8.39 -2.52 35.21
C PHE G 45 -9.73 -2.48 34.50
N SER G 46 -10.80 -2.42 35.26
CA SER G 46 -12.14 -2.34 34.72
C SER G 46 -12.92 -1.15 35.30
N LEU G 47 -13.87 -0.63 34.52
CA LEU G 47 -14.70 0.52 34.85
C LEU G 47 -16.18 0.19 34.75
N GLU G 48 -17.02 1.12 35.25
CA GLU G 48 -18.47 1.04 35.16
C GLU G 48 -18.92 2.04 34.06
N GLU G 49 -20.18 1.96 33.59
CA GLU G 49 -20.74 2.84 32.55
C GLU G 49 -20.68 4.30 32.98
N GLU G 50 -20.86 4.53 34.28
CA GLU G 50 -20.95 5.82 34.95
C GLU G 50 -19.61 6.55 35.10
N VAL G 51 -18.49 5.91 34.68
CA VAL G 51 -17.14 6.46 34.74
C VAL G 51 -16.63 6.78 33.32
N VAL G 52 -17.21 6.13 32.28
CA VAL G 52 -16.87 6.21 30.85
C VAL G 52 -16.45 7.65 30.42
N ASN G 53 -17.34 8.65 30.55
CA ASN G 53 -17.08 10.05 30.17
C ASN G 53 -15.95 10.67 30.98
N ASN G 54 -15.93 10.41 32.30
CA ASN G 54 -14.91 10.95 33.21
C ASN G 54 -13.53 10.38 32.87
N PHE G 55 -13.47 9.06 32.53
CA PHE G 55 -12.27 8.32 32.15
C PHE G 55 -11.64 8.96 30.90
N VAL G 56 -12.42 9.09 29.81
CA VAL G 56 -12.02 9.69 28.53
C VAL G 56 -11.37 11.07 28.76
N LYS G 57 -12.03 11.93 29.57
CA LYS G 57 -11.57 13.26 29.94
C LYS G 57 -10.19 13.20 30.62
N VAL G 58 -10.09 12.40 31.72
CA VAL G 58 -8.90 12.16 32.55
C VAL G 58 -7.72 11.55 31.75
N MET G 59 -8.00 10.66 30.79
CA MET G 59 -6.96 10.03 29.98
C MET G 59 -6.39 10.93 28.87
N THR G 60 -7.04 12.07 28.60
CA THR G 60 -6.64 13.00 27.53
C THR G 60 -6.18 14.39 28.07
N GLU G 61 -6.33 14.65 29.38
CA GLU G 61 -5.94 15.93 29.99
C GLU G 61 -5.18 15.80 31.32
N GLY G 62 -5.65 14.91 32.18
CA GLY G 62 -5.13 14.69 33.53
C GLY G 62 -6.26 14.84 34.54
N GLY G 63 -6.16 14.13 35.65
CA GLY G 63 -7.19 14.12 36.69
C GLY G 63 -7.34 12.78 37.36
N SER G 64 -8.50 12.50 37.99
CA SER G 64 -8.72 11.23 38.69
C SER G 64 -10.12 10.63 38.53
N PHE G 65 -10.19 9.28 38.44
CA PHE G 65 -11.40 8.47 38.31
C PHE G 65 -11.29 7.19 39.14
N LYS G 66 -12.44 6.58 39.47
CA LYS G 66 -12.52 5.33 40.24
C LYS G 66 -12.76 4.14 39.30
N THR G 67 -11.91 3.10 39.43
CA THR G 67 -12.02 1.85 38.65
C THR G 67 -12.72 0.80 39.50
N SER G 68 -13.68 0.07 38.91
CA SER G 68 -14.41 -0.99 39.61
C SER G 68 -13.43 -2.01 40.24
N LEU G 69 -12.45 -2.48 39.45
CA LEU G 69 -11.40 -3.42 39.84
C LEU G 69 -10.07 -3.04 39.17
N TYR G 70 -8.95 -3.06 39.92
CA TYR G 70 -7.61 -2.76 39.38
C TYR G 70 -6.66 -3.93 39.62
N TYR G 71 -5.87 -4.30 38.58
CA TYR G 71 -4.88 -5.37 38.64
C TYR G 71 -3.44 -4.89 38.48
N GLY G 72 -3.12 -4.29 37.33
CA GLY G 72 -1.78 -3.81 37.03
C GLY G 72 -0.88 -4.91 36.55
N TYR G 73 0.44 -4.63 36.48
CA TYR G 73 1.47 -5.60 36.04
C TYR G 73 1.89 -6.53 37.21
N LYS G 74 2.62 -7.63 36.91
CA LYS G 74 3.08 -8.68 37.84
C LYS G 74 3.77 -8.18 39.15
N GLU G 75 4.36 -6.96 39.10
CA GLU G 75 5.09 -6.29 40.17
C GLU G 75 4.23 -5.96 41.38
N GLU G 76 2.99 -5.56 41.13
CA GLU G 76 2.01 -5.09 42.11
C GLU G 76 1.37 -6.22 42.90
N GLN G 77 0.66 -5.86 44.00
CA GLN G 77 -0.04 -6.83 44.85
C GLN G 77 -1.36 -7.21 44.19
N SER G 78 -2.05 -6.17 43.68
CA SER G 78 -3.35 -6.18 42.99
C SER G 78 -3.43 -7.09 41.76
N VAL G 79 -2.27 -7.52 41.21
CA VAL G 79 -2.20 -8.32 39.99
C VAL G 79 -2.99 -9.66 40.09
N ILE G 80 -2.71 -10.56 41.06
CA ILE G 80 -3.33 -11.88 41.16
C ILE G 80 -4.85 -11.84 41.46
N ASN G 81 -5.27 -11.10 42.49
CA ASN G 81 -6.69 -11.04 42.83
C ASN G 81 -7.39 -9.74 42.44
N GLY G 82 -6.73 -8.61 42.69
CA GLY G 82 -7.28 -7.30 42.36
C GLY G 82 -7.75 -6.51 43.57
N ILE G 83 -7.66 -5.17 43.47
CA ILE G 83 -8.11 -4.25 44.50
C ILE G 83 -9.29 -3.42 43.96
N GLN G 84 -10.42 -3.47 44.68
CA GLN G 84 -11.66 -2.77 44.32
C GLN G 84 -11.57 -1.27 44.63
N ASN G 85 -12.35 -0.46 43.88
CA ASN G 85 -12.53 1.01 44.01
C ASN G 85 -11.22 1.85 43.93
N LYS G 86 -10.15 1.31 43.31
CA LYS G 86 -8.86 2.00 43.15
C LYS G 86 -8.96 3.24 42.28
N GLU G 87 -8.25 4.31 42.66
CA GLU G 87 -8.26 5.55 41.89
C GLU G 87 -7.03 5.71 41.02
N ILE G 88 -7.26 6.10 39.76
CA ILE G 88 -6.17 6.35 38.82
C ILE G 88 -6.04 7.87 38.62
N ILE G 89 -4.97 8.43 39.18
CA ILE G 89 -4.65 9.86 39.11
C ILE G 89 -3.57 10.02 38.01
N THR G 90 -3.87 10.79 36.93
CA THR G 90 -2.97 11.02 35.79
C THR G 90 -2.48 12.47 35.62
N LYS G 91 -1.31 12.61 34.97
CA LYS G 91 -0.60 13.88 34.68
C LYS G 91 0.01 13.80 33.26
N ILE G 92 0.21 14.97 32.60
CA ILE G 92 0.84 14.99 31.27
C ILE G 92 2.35 15.28 31.43
N GLU G 93 3.18 14.25 31.17
CA GLU G 93 4.64 14.32 31.29
C GLU G 93 5.31 14.23 29.93
N LYS G 94 6.50 14.83 29.79
CA LYS G 94 7.26 14.79 28.55
C LYS G 94 8.51 13.89 28.66
N ILE G 95 8.58 12.84 27.83
CA ILE G 95 9.72 11.91 27.76
C ILE G 95 10.41 12.15 26.41
N ASP G 96 11.62 12.75 26.44
CA ASP G 96 12.44 13.09 25.27
C ASP G 96 11.67 13.96 24.25
N GLY G 97 10.98 14.98 24.76
CA GLY G 97 10.19 15.93 23.96
C GLY G 97 8.83 15.47 23.47
N THR G 98 8.40 14.26 23.86
CA THR G 98 7.11 13.65 23.49
C THR G 98 6.19 13.57 24.74
N GLU G 99 4.97 14.12 24.65
CA GLU G 99 4.02 14.19 25.77
C GLU G 99 3.17 12.90 25.94
N TYR G 100 3.25 12.31 27.14
CA TYR G 100 2.58 11.06 27.58
C TYR G 100 1.60 11.30 28.77
N ILE G 101 0.77 10.29 29.12
CA ILE G 101 -0.16 10.29 30.25
C ILE G 101 0.44 9.37 31.33
N THR G 102 1.11 9.96 32.33
CA THR G 102 1.76 9.25 33.42
C THR G 102 0.76 9.02 34.57
N PHE G 103 0.73 7.79 35.14
CA PHE G 103 -0.17 7.41 36.24
C PHE G 103 0.42 6.39 37.19
N SER G 104 0.11 6.57 38.48
CA SER G 104 0.55 5.65 39.52
C SER G 104 -0.50 4.56 39.74
N GLY G 105 -0.04 3.33 39.95
CA GLY G 105 -0.89 2.17 40.17
C GLY G 105 -0.97 1.65 41.60
N ASP G 106 -0.19 0.59 41.88
CA ASP G 106 -0.12 -0.10 43.17
C ASP G 106 1.34 -0.33 43.64
N LYS G 107 1.53 -0.56 44.95
CA LYS G 107 2.84 -0.81 45.56
C LYS G 107 3.48 -2.09 45.01
N ILE G 108 4.84 -2.12 44.94
CA ILE G 108 5.66 -3.23 44.43
C ILE G 108 5.83 -4.32 45.49
N LYS G 109 4.77 -5.18 45.66
CA LYS G 109 4.73 -6.32 46.60
C LYS G 109 5.40 -5.97 47.92
N ASN G 110 6.42 -6.76 48.28
CA ASN G 110 7.25 -6.51 49.43
C ASN G 110 8.37 -5.58 48.94
N SER G 111 8.44 -4.38 49.55
CA SER G 111 9.40 -3.30 49.29
C SER G 111 9.20 -2.18 50.34
N GLY G 112 10.08 -1.19 50.28
CA GLY G 112 10.01 -0.03 51.15
C GLY G 112 9.17 1.06 50.51
N ASP G 113 7.84 0.80 50.45
CA ASP G 113 6.77 1.63 49.88
C ASP G 113 7.18 2.41 48.62
N LYS G 114 7.03 1.74 47.47
CA LYS G 114 7.33 2.26 46.15
C LYS G 114 6.24 1.75 45.21
N VAL G 115 5.50 2.68 44.58
CA VAL G 115 4.42 2.34 43.65
C VAL G 115 4.94 2.22 42.20
N ALA G 116 4.26 1.44 41.35
CA ALA G 116 4.65 1.30 39.96
C ALA G 116 3.93 2.36 39.15
N GLU G 117 4.68 3.01 38.25
CA GLU G 117 4.15 4.05 37.37
C GLU G 117 4.30 3.65 35.91
N TYR G 118 3.25 3.86 35.12
CA TYR G 118 3.18 3.57 33.68
C TYR G 118 2.91 4.88 32.92
N ALA G 119 3.22 4.92 31.60
CA ALA G 119 2.97 6.09 30.74
C ALA G 119 2.39 5.66 29.38
N ILE G 120 1.31 6.36 28.93
CA ILE G 120 0.59 6.12 27.65
C ILE G 120 0.44 7.43 26.85
N SER G 121 1.02 7.49 25.61
CA SER G 121 1.01 8.66 24.72
C SER G 121 -0.33 9.39 24.66
N LEU G 122 -0.32 10.70 24.98
CA LEU G 122 -1.51 11.56 24.97
C LEU G 122 -2.09 11.64 23.54
N GLU G 123 -1.20 11.58 22.51
CA GLU G 123 -1.54 11.60 21.08
C GLU G 123 -2.48 10.45 20.72
N GLU G 124 -2.07 9.20 21.05
CA GLU G 124 -2.80 7.98 20.74
C GLU G 124 -4.09 7.83 21.55
N LEU G 125 -4.11 8.39 22.78
CA LEU G 125 -5.30 8.39 23.62
C LEU G 125 -6.37 9.33 23.08
N LYS G 126 -5.96 10.43 22.41
CA LYS G 126 -6.85 11.39 21.78
C LYS G 126 -7.38 10.81 20.45
N LYS G 127 -6.48 10.12 19.69
CA LYS G 127 -6.77 9.50 18.39
C LYS G 127 -7.86 8.44 18.45
N ASN G 128 -7.88 7.63 19.54
CA ASN G 128 -8.83 6.53 19.74
C ASN G 128 -9.95 6.86 20.75
N LEU G 129 -9.86 8.05 21.40
CA LEU G 129 -10.81 8.64 22.37
C LEU G 129 -11.25 7.67 23.45
N UNK H 130 23.28 25.11 -11.75
CA UNK H 130 22.60 23.82 -11.82
C UNK H 130 21.55 23.78 -12.95
N UNK H 131 21.62 22.77 -13.82
CA UNK H 131 20.68 22.56 -14.93
C UNK H 131 20.73 21.09 -15.32
N UNK H 132 19.82 20.68 -16.22
CA UNK H 132 19.72 19.30 -16.70
C UNK H 132 19.04 19.30 -18.05
N UNK H 133 19.59 18.55 -19.00
CA UNK H 133 19.02 18.44 -20.34
C UNK H 133 19.40 17.11 -20.94
N UNK H 134 18.51 16.58 -21.82
CA UNK H 134 18.69 15.32 -22.55
C UNK H 134 20.05 15.28 -23.29
N SER I 1 -16.69 26.00 -49.49
CA SER I 1 -15.77 25.01 -48.93
C SER I 1 -16.32 24.47 -47.59
N LYS I 2 -16.31 25.32 -46.54
CA LYS I 2 -16.80 25.01 -45.18
C LYS I 2 -17.15 26.32 -44.47
N PHE I 3 -18.36 26.37 -43.89
CA PHE I 3 -18.86 27.57 -43.18
C PHE I 3 -19.82 27.21 -42.05
N THR I 4 -19.86 28.04 -40.99
CA THR I 4 -20.79 27.80 -39.89
C THR I 4 -21.82 28.92 -39.85
N VAL I 5 -23.07 28.51 -39.61
CA VAL I 5 -24.27 29.36 -39.51
C VAL I 5 -24.99 29.10 -38.17
N LYS I 6 -25.37 30.17 -37.45
CA LYS I 6 -26.05 30.06 -36.16
C LYS I 6 -27.43 29.39 -36.33
N ILE I 7 -27.76 28.43 -35.45
CA ILE I 7 -29.03 27.70 -35.50
C ILE I 7 -29.80 27.77 -34.17
N LYS I 8 -31.12 27.81 -34.29
CA LYS I 8 -32.08 27.77 -33.18
C LYS I 8 -33.13 26.67 -33.44
N ASN I 9 -33.93 26.35 -32.42
CA ASN I 9 -34.96 25.33 -32.54
C ASN I 9 -36.12 25.59 -31.60
N LYS I 10 -37.20 24.78 -31.71
CA LYS I 10 -38.36 24.90 -30.84
C LYS I 10 -38.18 24.00 -29.62
N ASP I 11 -38.16 24.61 -28.42
CA ASP I 11 -38.01 23.90 -27.16
C ASP I 11 -39.37 23.33 -26.65
N LYS I 12 -39.49 23.07 -25.34
CA LYS I 12 -40.68 22.53 -24.68
C LYS I 12 -41.93 23.43 -24.85
N SER I 13 -41.75 24.75 -24.59
CA SER I 13 -42.80 25.78 -24.66
C SER I 13 -43.19 26.22 -26.10
N GLY I 14 -42.40 25.78 -27.09
CA GLY I 14 -42.63 26.10 -28.49
C GLY I 14 -41.96 27.37 -28.96
N ASN I 15 -41.26 28.08 -28.06
CA ASN I 15 -40.54 29.32 -28.37
C ASN I 15 -39.22 28.97 -29.06
N TRP I 16 -38.82 29.71 -30.11
CA TRP I 16 -37.55 29.45 -30.80
C TRP I 16 -36.38 29.88 -29.90
N THR I 17 -35.68 28.88 -29.33
CA THR I 17 -34.54 29.05 -28.43
C THR I 17 -33.25 28.80 -29.22
N ASP I 18 -32.16 29.51 -28.87
CA ASP I 18 -30.85 29.33 -29.51
C ASP I 18 -30.32 27.94 -29.19
N LEU I 19 -30.03 27.14 -30.23
CA LEU I 19 -29.55 25.76 -30.08
C LEU I 19 -28.01 25.66 -30.06
N GLY I 20 -27.36 26.38 -30.97
CA GLY I 20 -25.90 26.42 -31.13
C GLY I 20 -25.59 26.89 -32.53
N ASP I 21 -24.63 26.26 -33.20
CA ASP I 21 -24.37 26.65 -34.59
C ASP I 21 -24.10 25.40 -35.48
N LEU I 22 -24.47 25.52 -36.78
CA LEU I 22 -24.41 24.48 -37.79
C LEU I 22 -23.26 24.71 -38.75
N VAL I 23 -22.35 23.74 -38.81
CA VAL I 23 -21.20 23.76 -39.72
C VAL I 23 -21.68 23.05 -41.00
N VAL I 24 -21.53 23.69 -42.16
CA VAL I 24 -21.93 23.16 -43.46
C VAL I 24 -20.66 22.87 -44.25
N ARG I 25 -20.28 21.60 -44.35
CA ARG I 25 -19.06 21.14 -45.05
C ARG I 25 -19.37 20.47 -46.38
N LYS I 26 -18.96 21.08 -47.50
CA LYS I 26 -19.12 20.52 -48.84
C LYS I 26 -17.98 19.49 -49.07
N GLU I 27 -18.35 18.22 -49.24
CA GLU I 27 -17.41 17.11 -49.36
C GLU I 27 -17.26 16.55 -50.79
N GLU I 28 -16.49 15.42 -50.94
CA GLU I 28 -16.29 14.71 -52.22
C GLU I 28 -17.65 14.17 -52.69
N ASN I 29 -18.49 13.73 -51.70
CA ASN I 29 -19.87 13.26 -51.88
C ASN I 29 -20.84 14.21 -51.13
N GLY I 30 -21.56 15.00 -51.92
CA GLY I 30 -22.55 15.98 -51.48
C GLY I 30 -22.04 17.02 -50.50
N ILE I 31 -22.84 17.20 -49.46
CA ILE I 31 -22.63 18.15 -48.37
C ILE I 31 -23.03 17.45 -47.07
N ASP I 32 -22.15 17.48 -46.06
CA ASP I 32 -22.42 16.93 -44.73
C ASP I 32 -22.50 18.11 -43.75
N THR I 33 -23.63 18.23 -43.02
CA THR I 33 -23.80 19.33 -42.05
C THR I 33 -23.78 18.80 -40.61
N GLY I 34 -23.08 19.51 -39.72
CA GLY I 34 -22.92 19.12 -38.33
C GLY I 34 -23.45 20.08 -37.30
N LEU I 35 -24.03 19.53 -36.23
CA LEU I 35 -24.56 20.36 -35.17
C LEU I 35 -23.69 20.36 -33.94
N ASN I 36 -23.23 21.56 -33.53
CA ASN I 36 -22.48 21.78 -32.30
C ASN I 36 -23.41 22.54 -31.37
N ALA I 37 -24.00 21.82 -30.43
CA ALA I 37 -24.94 22.34 -29.44
C ALA I 37 -24.49 21.90 -28.04
N GLY I 38 -23.59 22.70 -27.47
CA GLY I 38 -23.01 22.45 -26.16
C GLY I 38 -22.07 21.26 -26.22
N GLY I 39 -22.49 20.16 -25.61
CA GLY I 39 -21.74 18.90 -25.61
C GLY I 39 -22.02 18.05 -26.83
N HIS I 40 -23.12 18.33 -27.55
CA HIS I 40 -23.51 17.62 -28.77
C HIS I 40 -22.63 18.18 -29.90
N SER I 41 -21.91 17.29 -30.61
CA SER I 41 -21.04 17.68 -31.71
C SER I 41 -20.93 16.53 -32.70
N ALA I 42 -21.97 16.35 -33.53
CA ALA I 42 -22.02 15.28 -34.53
C ALA I 42 -22.78 15.72 -35.81
N THR I 43 -22.98 14.79 -36.79
CA THR I 43 -23.70 15.07 -38.04
C THR I 43 -25.17 15.35 -37.74
N PHE I 44 -25.72 16.38 -38.44
CA PHE I 44 -27.13 16.81 -38.39
C PHE I 44 -27.89 16.13 -39.53
N PHE I 45 -27.35 16.21 -40.76
CA PHE I 45 -27.83 15.57 -42.00
C PHE I 45 -26.74 15.55 -43.07
N SER I 46 -26.81 14.55 -43.98
CA SER I 46 -25.87 14.42 -45.09
C SER I 46 -26.63 14.37 -46.43
N LEU I 47 -25.96 14.84 -47.50
CA LEU I 47 -26.50 14.90 -48.85
C LEU I 47 -25.58 14.20 -49.85
N GLU I 48 -26.09 14.00 -51.08
CA GLU I 48 -25.37 13.44 -52.21
C GLU I 48 -25.00 14.60 -53.16
N GLU I 49 -24.08 14.38 -54.12
CA GLU I 49 -23.64 15.42 -55.08
C GLU I 49 -24.77 15.89 -56.02
N GLU I 50 -25.78 15.04 -56.18
CA GLU I 50 -26.95 15.24 -57.04
C GLU I 50 -28.04 16.11 -56.39
N VAL I 51 -27.86 16.49 -55.11
CA VAL I 51 -28.79 17.32 -54.33
C VAL I 51 -28.20 18.72 -54.08
N VAL I 52 -26.85 18.85 -54.14
CA VAL I 52 -26.05 20.07 -53.90
C VAL I 52 -26.73 21.36 -54.40
N ASN I 53 -27.01 21.45 -55.73
CA ASN I 53 -27.63 22.61 -56.37
C ASN I 53 -29.06 22.86 -55.84
N ASN I 54 -29.85 21.78 -55.69
CA ASN I 54 -31.23 21.85 -55.18
C ASN I 54 -31.26 22.35 -53.74
N PHE I 55 -30.32 21.87 -52.91
CA PHE I 55 -30.14 22.22 -51.49
C PHE I 55 -29.92 23.73 -51.36
N VAL I 56 -28.89 24.27 -52.07
CA VAL I 56 -28.50 25.69 -52.08
C VAL I 56 -29.72 26.58 -52.40
N LYS I 57 -30.47 26.21 -53.46
CA LYS I 57 -31.69 26.88 -53.91
C LYS I 57 -32.73 26.91 -52.78
N VAL I 58 -33.09 25.72 -52.25
CA VAL I 58 -34.07 25.49 -51.20
C VAL I 58 -33.70 26.24 -49.87
N MET I 59 -32.40 26.28 -49.50
CA MET I 59 -31.92 26.94 -48.27
C MET I 59 -31.92 28.48 -48.34
N THR I 60 -32.08 29.04 -49.55
CA THR I 60 -32.10 30.49 -49.80
C THR I 60 -33.43 31.02 -50.39
N GLU I 61 -34.28 30.09 -50.93
CA GLU I 61 -35.56 30.36 -51.62
C GLU I 61 -36.77 29.62 -51.02
N GLY I 62 -36.51 28.47 -50.41
CA GLY I 62 -37.55 27.64 -49.83
C GLY I 62 -37.82 26.42 -50.70
N GLY I 63 -38.55 25.45 -50.15
CA GLY I 63 -38.91 24.23 -50.87
C GLY I 63 -38.51 22.96 -50.15
N SER I 64 -38.27 21.88 -50.94
CA SER I 64 -37.91 20.57 -50.38
C SER I 64 -36.86 19.80 -51.17
N PHE I 65 -35.98 19.08 -50.43
CA PHE I 65 -34.91 18.22 -50.94
C PHE I 65 -34.80 16.94 -50.11
N LYS I 66 -34.17 15.88 -50.69
CA LYS I 66 -33.95 14.61 -50.01
C LYS I 66 -32.51 14.52 -49.49
N THR I 67 -32.35 14.17 -48.19
CA THR I 67 -31.06 13.98 -47.53
C THR I 67 -30.74 12.50 -47.50
N SER I 68 -29.47 12.13 -47.81
CA SER I 68 -29.03 10.74 -47.79
C SER I 68 -29.31 10.10 -46.42
N LEU I 69 -28.92 10.80 -45.34
CA LEU I 69 -29.11 10.40 -43.95
C LEU I 69 -29.45 11.64 -43.08
N TYR I 70 -30.42 11.52 -42.17
CA TYR I 70 -30.80 12.61 -41.25
C TYR I 70 -30.71 12.16 -39.79
N TYR I 71 -30.11 13.02 -38.93
CA TYR I 71 -29.95 12.76 -37.50
C TYR I 71 -30.76 13.72 -36.59
N GLY I 72 -30.45 15.01 -36.67
CA GLY I 72 -31.09 16.04 -35.85
C GLY I 72 -30.51 16.11 -34.45
N TYR I 73 -31.20 16.82 -33.53
CA TYR I 73 -30.77 16.98 -32.12
C TYR I 73 -31.15 15.74 -31.24
N LYS I 74 -30.60 15.66 -30.01
CA LYS I 74 -30.72 14.56 -29.04
C LYS I 74 -32.15 14.07 -28.70
N GLU I 75 -33.18 14.93 -28.78
CA GLU I 75 -34.55 14.53 -28.42
C GLU I 75 -35.27 13.71 -29.50
N GLU I 76 -34.68 13.63 -30.71
CA GLU I 76 -35.22 12.91 -31.87
C GLU I 76 -34.83 11.44 -31.97
N GLN I 77 -35.75 10.63 -32.54
CA GLN I 77 -35.63 9.18 -32.78
C GLN I 77 -34.47 8.81 -33.74
N SER I 78 -34.06 9.76 -34.60
CA SER I 78 -33.02 9.61 -35.60
C SER I 78 -31.60 10.03 -35.16
N VAL I 79 -31.43 10.63 -33.96
CA VAL I 79 -30.14 11.15 -33.48
C VAL I 79 -29.07 10.04 -33.31
N ILE I 80 -29.47 8.85 -32.83
CA ILE I 80 -28.56 7.73 -32.53
C ILE I 80 -28.09 6.98 -33.79
N ASN I 81 -29.02 6.48 -34.62
CA ASN I 81 -28.66 5.75 -35.82
C ASN I 81 -28.88 6.52 -37.12
N GLY I 82 -30.00 7.22 -37.23
CA GLY I 82 -30.34 8.01 -38.41
C GLY I 82 -31.42 7.40 -39.28
N ILE I 83 -32.17 8.26 -39.97
CA ILE I 83 -33.23 7.85 -40.89
C ILE I 83 -32.83 8.24 -42.32
N GLN I 84 -32.81 7.25 -43.22
CA GLN I 84 -32.46 7.42 -44.63
C GLN I 84 -33.58 8.08 -45.44
N ASN I 85 -33.20 8.77 -46.54
CA ASN I 85 -34.06 9.44 -47.53
C ASN I 85 -35.06 10.49 -46.96
N LYS I 86 -34.77 11.06 -45.77
CA LYS I 86 -35.62 12.08 -45.12
C LYS I 86 -35.69 13.36 -45.93
N GLU I 87 -36.87 13.98 -45.98
CA GLU I 87 -37.05 15.23 -46.71
C GLU I 87 -37.07 16.45 -45.81
N ILE I 88 -36.33 17.48 -46.20
CA ILE I 88 -36.28 18.74 -45.46
C ILE I 88 -37.08 19.79 -46.25
N ILE I 89 -38.27 20.11 -45.71
CA ILE I 89 -39.18 21.10 -46.29
C ILE I 89 -38.99 22.37 -45.49
N THR I 90 -38.40 23.40 -46.15
CA THR I 90 -38.05 24.72 -45.61
C THR I 90 -39.04 25.80 -46.10
N LYS I 91 -39.24 26.85 -45.29
CA LYS I 91 -40.13 27.97 -45.60
C LYS I 91 -39.42 29.28 -45.23
N ILE I 92 -39.87 30.41 -45.81
CA ILE I 92 -39.33 31.73 -45.46
C ILE I 92 -40.33 32.38 -44.53
N GLU I 93 -40.04 32.26 -43.25
CA GLU I 93 -40.85 32.74 -42.14
C GLU I 93 -40.05 33.80 -41.40
N LYS I 94 -40.74 34.64 -40.60
CA LYS I 94 -40.07 35.68 -39.81
C LYS I 94 -40.19 35.39 -38.31
N ILE I 95 -39.08 35.56 -37.57
CA ILE I 95 -38.99 35.42 -36.10
C ILE I 95 -38.45 36.77 -35.59
N ASP I 96 -39.25 37.50 -34.79
CA ASP I 96 -38.92 38.80 -34.22
C ASP I 96 -38.46 39.83 -35.32
N GLY I 97 -39.25 39.89 -36.39
CA GLY I 97 -39.04 40.81 -37.52
C GLY I 97 -38.03 40.41 -38.57
N THR I 98 -37.09 39.50 -38.26
CA THR I 98 -36.03 39.07 -39.18
C THR I 98 -36.38 37.75 -39.85
N GLU I 99 -36.10 37.63 -41.17
CA GLU I 99 -36.40 36.43 -41.97
C GLU I 99 -35.47 35.27 -41.69
N TYR I 100 -36.07 34.07 -41.52
CA TYR I 100 -35.44 32.77 -41.25
C TYR I 100 -35.94 31.71 -42.23
N ILE I 101 -35.19 30.60 -42.31
CA ILE I 101 -35.48 29.39 -43.08
C ILE I 101 -35.97 28.37 -42.00
N THR I 102 -37.30 28.18 -41.88
CA THR I 102 -37.91 27.33 -40.86
C THR I 102 -38.28 25.96 -41.43
N PHE I 103 -37.62 24.89 -40.91
CA PHE I 103 -37.91 23.51 -41.33
C PHE I 103 -38.19 22.55 -40.17
N SER I 104 -38.97 21.50 -40.46
CA SER I 104 -39.33 20.42 -39.53
C SER I 104 -38.38 19.23 -39.75
N GLY I 105 -38.02 18.55 -38.66
CA GLY I 105 -37.10 17.42 -38.69
C GLY I 105 -37.74 16.06 -38.47
N ASP I 106 -37.61 15.54 -37.22
CA ASP I 106 -38.11 14.23 -36.76
C ASP I 106 -38.82 14.32 -35.41
N LYS I 107 -39.57 13.25 -35.05
CA LYS I 107 -40.34 13.12 -33.82
C LYS I 107 -39.49 13.19 -32.55
N ILE I 108 -39.85 14.10 -31.62
CA ILE I 108 -39.20 14.23 -30.32
C ILE I 108 -39.80 13.14 -29.43
N LYS I 109 -38.99 12.44 -28.61
CA LYS I 109 -39.45 11.33 -27.76
C LYS I 109 -40.03 11.78 -26.43
N LYS I 114 -45.21 14.69 -32.19
CA LYS I 114 -44.60 16.01 -31.99
C LYS I 114 -43.20 16.06 -32.60
N VAL I 115 -43.04 16.82 -33.71
CA VAL I 115 -41.75 16.95 -34.40
C VAL I 115 -40.93 18.13 -33.86
N ALA I 116 -39.58 18.09 -34.03
CA ALA I 116 -38.71 19.20 -33.63
C ALA I 116 -38.54 20.12 -34.83
N GLU I 117 -38.57 21.44 -34.58
CA GLU I 117 -38.47 22.45 -35.63
C GLU I 117 -37.25 23.34 -35.46
N TYR I 118 -36.45 23.50 -36.53
CA TYR I 118 -35.24 24.32 -36.53
C TYR I 118 -35.41 25.57 -37.41
N ALA I 119 -34.60 26.60 -37.14
CA ALA I 119 -34.61 27.86 -37.89
C ALA I 119 -33.21 28.43 -38.03
N ILE I 120 -32.87 28.86 -39.25
CA ILE I 120 -31.56 29.43 -39.60
C ILE I 120 -31.77 30.71 -40.39
N SER I 121 -31.01 31.78 -40.05
CA SER I 121 -31.11 33.09 -40.68
C SER I 121 -30.94 33.03 -42.20
N LEU I 122 -31.93 33.58 -42.93
CA LEU I 122 -31.96 33.65 -44.39
C LEU I 122 -30.82 34.54 -44.93
N GLU I 123 -30.44 35.56 -44.13
CA GLU I 123 -29.35 36.51 -44.41
C GLU I 123 -28.02 35.76 -44.49
N GLU I 124 -27.72 35.00 -43.42
CA GLU I 124 -26.53 34.17 -43.23
C GLU I 124 -26.36 33.13 -44.34
N LEU I 125 -27.47 32.44 -44.70
CA LEU I 125 -27.51 31.39 -45.72
C LEU I 125 -27.22 31.93 -47.12
N LYS I 126 -27.63 33.18 -47.38
CA LYS I 126 -27.39 33.89 -48.64
C LYS I 126 -25.93 34.37 -48.71
N LYS I 127 -25.37 34.86 -47.57
CA LYS I 127 -24.00 35.34 -47.42
C LYS I 127 -22.96 34.31 -47.86
N ASN I 128 -23.23 33.03 -47.54
CA ASN I 128 -22.35 31.88 -47.75
C ASN I 128 -22.57 31.07 -49.04
N LEU I 129 -23.79 31.10 -49.63
CA LEU I 129 -24.12 30.30 -50.83
C LEU I 129 -24.51 31.14 -52.06
#